data_2MSY
#
_entry.id   2MSY
#
_cell.length_a   1.000
_cell.length_b   1.000
_cell.length_c   1.000
_cell.angle_alpha   90.00
_cell.angle_beta   90.00
_cell.angle_gamma   90.00
#
_symmetry.space_group_name_H-M   'P 1'
#
_entity_poly.entity_id   1
_entity_poly.type   'polypeptide(L)'
_entity_poly.pdbx_seq_one_letter_code
;ANWIHARSTRKKRCPYTKYQTLELEKEFLFNMYLTRDRRYEVARVLNLTERQVKIWFQNRRMKMKKMN
;
_entity_poly.pdbx_strand_id   A
#
# COMPACT_ATOMS: atom_id res chain seq x y z
N ALA A 1 -11.35 -20.56 -4.30
CA ALA A 1 -11.46 -19.19 -3.76
C ALA A 1 -11.66 -19.21 -2.25
N ASN A 2 -12.09 -20.35 -1.73
CA ASN A 2 -12.33 -20.51 -0.31
C ASN A 2 -11.85 -21.88 0.18
N TRP A 3 -12.03 -22.89 -0.66
CA TRP A 3 -11.62 -24.25 -0.34
C TRP A 3 -11.69 -25.15 -1.56
N ILE A 4 -12.51 -24.75 -2.53
CA ILE A 4 -12.69 -25.51 -3.76
C ILE A 4 -11.49 -25.32 -4.68
N HIS A 5 -10.89 -24.15 -4.63
CA HIS A 5 -9.72 -23.85 -5.48
C HIS A 5 -8.65 -23.12 -4.67
N ALA A 6 -8.94 -22.87 -3.39
CA ALA A 6 -7.99 -22.18 -2.52
C ALA A 6 -6.85 -23.11 -2.12
N ARG A 7 -5.62 -22.64 -2.34
CA ARG A 7 -4.44 -23.42 -2.00
C ARG A 7 -3.21 -22.53 -1.86
N SER A 8 -2.85 -21.87 -2.96
CA SER A 8 -1.70 -20.98 -2.97
C SER A 8 -2.06 -19.61 -2.42
N THR A 9 -1.42 -19.22 -1.33
CA THR A 9 -1.68 -17.93 -0.70
C THR A 9 -0.38 -17.17 -0.43
N ARG A 10 0.72 -17.72 -0.92
CA ARG A 10 2.04 -17.11 -0.74
C ARG A 10 2.52 -16.49 -2.04
N LYS A 11 1.60 -16.26 -2.97
CA LYS A 11 1.94 -15.67 -4.26
C LYS A 11 1.43 -14.22 -4.35
N LYS A 12 0.14 -14.06 -4.58
CA LYS A 12 -0.47 -12.75 -4.70
C LYS A 12 0.25 -11.91 -5.75
N ARG A 13 -0.06 -12.16 -7.02
CA ARG A 13 0.57 -11.43 -8.11
C ARG A 13 0.16 -9.96 -8.06
N CYS A 14 -1.08 -9.67 -8.47
CA CYS A 14 -1.60 -8.32 -8.44
C CYS A 14 -3.12 -8.31 -8.21
N PRO A 15 -3.60 -8.97 -7.12
CA PRO A 15 -5.03 -9.03 -6.81
C PRO A 15 -5.52 -7.76 -6.13
N TYR A 16 -4.81 -6.67 -6.37
CA TYR A 16 -5.16 -5.38 -5.81
C TYR A 16 -6.04 -4.60 -6.77
N THR A 17 -6.56 -3.47 -6.30
CA THR A 17 -7.42 -2.63 -7.13
C THR A 17 -6.65 -1.44 -7.69
N LYS A 18 -7.17 -0.84 -8.76
CA LYS A 18 -6.52 0.30 -9.39
C LYS A 18 -6.54 1.52 -8.48
N TYR A 19 -7.60 1.66 -7.70
CA TYR A 19 -7.74 2.80 -6.79
C TYR A 19 -6.68 2.78 -5.70
N GLN A 20 -6.47 1.60 -5.11
CA GLN A 20 -5.48 1.43 -4.05
C GLN A 20 -4.08 1.83 -4.53
N THR A 21 -3.62 1.18 -5.58
CA THR A 21 -2.30 1.47 -6.14
C THR A 21 -2.20 2.90 -6.63
N LEU A 22 -3.34 3.50 -6.95
CA LEU A 22 -3.39 4.86 -7.45
C LEU A 22 -2.81 5.84 -6.42
N GLU A 23 -3.33 5.80 -5.20
CA GLU A 23 -2.88 6.70 -4.14
C GLU A 23 -1.43 6.38 -3.74
N LEU A 24 -1.07 5.11 -3.83
CA LEU A 24 0.27 4.66 -3.46
C LEU A 24 1.32 5.19 -4.43
N GLU A 25 0.98 5.19 -5.72
CA GLU A 25 1.91 5.65 -6.76
C GLU A 25 1.91 7.17 -6.86
N LYS A 26 0.79 7.81 -6.51
CA LYS A 26 0.69 9.26 -6.58
C LYS A 26 1.67 9.94 -5.63
N GLU A 27 1.84 9.38 -4.44
CA GLU A 27 2.74 9.96 -3.45
C GLU A 27 4.19 9.63 -3.75
N PHE A 28 4.45 8.43 -4.24
CA PHE A 28 5.79 7.98 -4.56
C PHE A 28 6.51 8.99 -5.47
N LEU A 29 5.73 9.81 -6.18
CA LEU A 29 6.28 10.79 -7.09
C LEU A 29 6.95 11.95 -6.35
N PHE A 30 6.17 12.65 -5.57
CA PHE A 30 6.68 13.80 -4.81
C PHE A 30 6.83 13.46 -3.33
N ASN A 31 5.74 12.97 -2.75
CA ASN A 31 5.72 12.60 -1.35
C ASN A 31 6.41 11.26 -1.10
N MET A 32 7.71 11.21 -1.36
CA MET A 32 8.47 9.99 -1.17
C MET A 32 8.32 9.49 0.27
N TYR A 33 8.19 10.43 1.20
CA TYR A 33 8.02 10.10 2.62
C TYR A 33 6.56 10.24 3.02
N LEU A 34 6.20 9.65 4.15
CA LEU A 34 4.83 9.70 4.64
C LEU A 34 4.72 10.54 5.90
N THR A 35 3.88 11.58 5.83
CA THR A 35 3.67 12.47 6.98
C THR A 35 2.24 12.37 7.47
N ARG A 36 1.99 12.89 8.67
CA ARG A 36 0.66 12.85 9.27
C ARG A 36 -0.38 13.46 8.33
N ASP A 37 0.03 14.48 7.60
CA ASP A 37 -0.86 15.15 6.66
C ASP A 37 -1.34 14.20 5.57
N ARG A 38 -0.39 13.65 4.81
CA ARG A 38 -0.71 12.73 3.74
C ARG A 38 -1.38 11.46 4.27
N ARG A 39 -0.68 10.75 5.15
CA ARG A 39 -1.20 9.51 5.74
C ARG A 39 -2.69 9.63 6.09
N TYR A 40 -3.08 10.79 6.60
CA TYR A 40 -4.46 11.02 7.00
C TYR A 40 -5.40 11.14 5.80
N GLU A 41 -5.14 12.11 4.92
CA GLU A 41 -5.98 12.32 3.75
C GLU A 41 -6.03 11.08 2.86
N VAL A 42 -4.87 10.49 2.57
CA VAL A 42 -4.80 9.31 1.73
C VAL A 42 -5.54 8.13 2.36
N ALA A 43 -5.68 8.17 3.69
CA ALA A 43 -6.36 7.10 4.42
C ALA A 43 -7.87 7.26 4.31
N ARG A 44 -8.30 8.50 4.08
CA ARG A 44 -9.73 8.80 3.96
C ARG A 44 -10.25 8.44 2.58
N VAL A 45 -9.39 8.52 1.57
CA VAL A 45 -9.77 8.20 0.20
C VAL A 45 -9.58 6.72 -0.10
N LEU A 46 -8.59 6.12 0.57
CA LEU A 46 -8.29 4.70 0.36
C LEU A 46 -8.99 3.84 1.42
N ASN A 47 -9.73 4.49 2.31
CA ASN A 47 -10.47 3.80 3.36
C ASN A 47 -9.55 2.96 4.24
N LEU A 48 -8.34 3.47 4.48
CA LEU A 48 -7.37 2.75 5.32
C LEU A 48 -7.09 3.52 6.60
N THR A 49 -6.24 2.97 7.44
CA THR A 49 -5.88 3.61 8.71
C THR A 49 -4.61 4.44 8.55
N GLU A 50 -4.51 5.52 9.33
CA GLU A 50 -3.35 6.39 9.28
C GLU A 50 -2.06 5.60 9.39
N ARG A 51 -2.07 4.58 10.24
CA ARG A 51 -0.89 3.74 10.45
C ARG A 51 -0.83 2.61 9.42
N GLN A 52 -1.99 2.14 8.98
CA GLN A 52 -2.07 1.05 8.02
C GLN A 52 -1.27 1.36 6.75
N VAL A 53 -1.43 2.57 6.23
CA VAL A 53 -0.73 2.97 5.01
C VAL A 53 0.76 3.18 5.24
N LYS A 54 1.10 3.79 6.38
CA LYS A 54 2.50 4.04 6.71
C LYS A 54 3.27 2.74 6.88
N ILE A 55 2.71 1.84 7.67
CA ILE A 55 3.33 0.54 7.92
C ILE A 55 3.46 -0.25 6.64
N TRP A 56 2.57 0.02 5.68
CA TRP A 56 2.59 -0.67 4.40
C TRP A 56 3.89 -0.38 3.66
N PHE A 57 4.28 0.89 3.59
CA PHE A 57 5.51 1.31 2.92
C PHE A 57 6.72 0.84 3.71
N GLN A 58 6.66 1.01 5.03
CA GLN A 58 7.76 0.61 5.91
C GLN A 58 8.14 -0.85 5.68
N ASN A 59 7.18 -1.75 5.86
CA ASN A 59 7.40 -3.18 5.69
C ASN A 59 8.04 -3.48 4.35
N ARG A 60 7.49 -2.90 3.29
CA ARG A 60 8.01 -3.10 1.94
C ARG A 60 9.51 -2.82 1.87
N ARG A 61 9.97 -1.92 2.74
CA ARG A 61 11.39 -1.56 2.79
C ARG A 61 12.19 -2.55 3.62
N MET A 62 11.64 -2.94 4.78
CA MET A 62 12.31 -3.88 5.68
C MET A 62 12.70 -5.16 4.95
N LYS A 63 11.77 -5.72 4.18
CA LYS A 63 12.03 -6.94 3.45
C LYS A 63 13.21 -6.77 2.49
N MET A 64 13.40 -5.53 2.04
CA MET A 64 14.50 -5.22 1.13
C MET A 64 15.78 -4.96 1.91
N LYS A 65 15.63 -4.63 3.18
CA LYS A 65 16.77 -4.34 4.04
C LYS A 65 17.50 -5.63 4.43
N LYS A 66 16.77 -6.53 5.08
CA LYS A 66 17.35 -7.81 5.51
C LYS A 66 17.47 -8.78 4.34
N MET A 67 16.94 -8.38 3.19
CA MET A 67 16.99 -9.22 2.00
C MET A 67 16.32 -10.57 2.25
N ASN A 68 16.46 -11.48 1.29
CA ASN A 68 15.87 -12.81 1.41
C ASN A 68 16.57 -13.62 2.50
N ALA A 1 -22.00 -4.90 -8.71
CA ALA A 1 -21.65 -6.35 -8.78
C ALA A 1 -21.34 -6.76 -10.21
N ASN A 2 -20.70 -7.91 -10.36
CA ASN A 2 -20.34 -8.43 -11.67
C ASN A 2 -19.44 -7.45 -12.42
N TRP A 3 -18.85 -6.51 -11.69
CA TRP A 3 -17.97 -5.51 -12.27
C TRP A 3 -16.51 -5.94 -12.19
N ILE A 4 -16.04 -6.19 -10.97
CA ILE A 4 -14.67 -6.61 -10.74
C ILE A 4 -14.61 -7.80 -9.77
N HIS A 5 -15.76 -8.11 -9.16
CA HIS A 5 -15.83 -9.21 -8.21
C HIS A 5 -16.36 -10.48 -8.89
N ALA A 6 -16.64 -10.37 -10.18
CA ALA A 6 -17.15 -11.51 -10.95
C ALA A 6 -16.11 -12.62 -11.05
N ARG A 7 -16.56 -13.85 -10.88
CA ARG A 7 -15.68 -15.02 -10.94
C ARG A 7 -14.57 -14.92 -9.91
N SER A 8 -14.73 -15.64 -8.80
CA SER A 8 -13.74 -15.64 -7.73
C SER A 8 -13.73 -16.98 -7.00
N THR A 9 -12.64 -17.72 -7.17
CA THR A 9 -12.50 -19.02 -6.54
C THR A 9 -11.13 -19.18 -5.89
N ARG A 10 -11.08 -19.85 -4.73
CA ARG A 10 -9.84 -20.07 -4.02
C ARG A 10 -9.20 -18.73 -3.61
N LYS A 11 -8.07 -18.81 -2.93
CA LYS A 11 -7.35 -17.61 -2.48
C LYS A 11 -7.15 -16.62 -3.62
N LYS A 12 -7.22 -15.33 -3.30
CA LYS A 12 -7.05 -14.29 -4.30
C LYS A 12 -5.57 -14.07 -4.61
N ARG A 13 -5.30 -13.30 -5.66
CA ARG A 13 -3.94 -13.02 -6.08
C ARG A 13 -3.79 -11.57 -6.52
N CYS A 14 -3.44 -10.70 -5.56
CA CYS A 14 -3.27 -9.28 -5.85
C CYS A 14 -4.48 -8.70 -6.59
N PRO A 15 -5.66 -8.68 -5.93
CA PRO A 15 -6.89 -8.17 -6.52
C PRO A 15 -7.10 -6.70 -6.25
N TYR A 16 -6.01 -5.96 -6.16
CA TYR A 16 -6.05 -4.54 -5.90
C TYR A 16 -6.89 -3.81 -6.95
N THR A 17 -7.46 -2.68 -6.55
CA THR A 17 -8.29 -1.89 -7.45
C THR A 17 -7.51 -0.69 -7.99
N LYS A 18 -8.08 -0.02 -8.98
CA LYS A 18 -7.44 1.14 -9.61
C LYS A 18 -7.31 2.30 -8.62
N TYR A 19 -8.27 2.43 -7.71
CA TYR A 19 -8.27 3.51 -6.74
C TYR A 19 -7.21 3.29 -5.66
N GLN A 20 -7.17 2.08 -5.10
CA GLN A 20 -6.21 1.75 -4.05
C GLN A 20 -4.77 1.86 -4.55
N THR A 21 -4.56 1.43 -5.79
CA THR A 21 -3.23 1.48 -6.38
C THR A 21 -2.88 2.90 -6.83
N LEU A 22 -3.91 3.70 -7.08
CA LEU A 22 -3.73 5.08 -7.52
C LEU A 22 -3.01 5.92 -6.45
N GLU A 23 -3.55 5.93 -5.23
CA GLU A 23 -2.97 6.70 -4.14
C GLU A 23 -1.61 6.16 -3.71
N LEU A 24 -1.49 4.83 -3.65
CA LEU A 24 -0.25 4.19 -3.24
C LEU A 24 0.88 4.39 -4.26
N GLU A 25 0.54 4.38 -5.55
CA GLU A 25 1.56 4.55 -6.59
C GLU A 25 1.93 6.02 -6.80
N LYS A 26 0.93 6.89 -6.81
CA LYS A 26 1.16 8.32 -7.01
C LYS A 26 2.11 8.90 -5.96
N GLU A 27 2.08 8.35 -4.76
CA GLU A 27 2.94 8.83 -3.69
C GLU A 27 4.30 8.15 -3.69
N PHE A 28 4.32 6.88 -4.08
CA PHE A 28 5.56 6.12 -4.12
C PHE A 28 6.61 6.80 -5.00
N LEU A 29 6.14 7.64 -5.93
CA LEU A 29 7.04 8.34 -6.84
C LEU A 29 7.82 9.45 -6.15
N PHE A 30 7.09 10.44 -5.67
CA PHE A 30 7.69 11.60 -5.01
C PHE A 30 7.50 11.55 -3.49
N ASN A 31 6.26 11.34 -3.08
CA ASN A 31 5.91 11.30 -1.66
C ASN A 31 6.35 9.99 -1.02
N MET A 32 7.66 9.77 -0.97
CA MET A 32 8.21 8.58 -0.34
C MET A 32 8.04 8.63 1.17
N TYR A 33 7.86 9.84 1.67
CA TYR A 33 7.67 10.08 3.10
C TYR A 33 6.77 11.29 3.33
N LEU A 34 5.68 11.08 4.07
CA LEU A 34 4.74 12.16 4.35
C LEU A 34 4.48 12.32 5.84
N THR A 35 3.63 13.28 6.18
CA THR A 35 3.29 13.54 7.58
C THR A 35 1.94 12.94 7.94
N ARG A 36 1.55 13.08 9.20
CA ARG A 36 0.28 12.56 9.68
C ARG A 36 -0.89 13.16 8.90
N ASP A 37 -0.76 14.43 8.53
CA ASP A 37 -1.80 15.12 7.79
C ASP A 37 -2.06 14.44 6.45
N ARG A 38 -1.00 14.24 5.68
CA ARG A 38 -1.10 13.59 4.37
C ARG A 38 -1.59 12.16 4.51
N ARG A 39 -1.03 11.43 5.47
CA ARG A 39 -1.41 10.04 5.70
C ARG A 39 -2.90 9.92 6.00
N TYR A 40 -3.47 11.01 6.51
CA TYR A 40 -4.89 11.04 6.86
C TYR A 40 -5.76 11.18 5.62
N GLU A 41 -5.55 12.25 4.86
CA GLU A 41 -6.33 12.50 3.65
C GLU A 41 -6.27 11.32 2.70
N VAL A 42 -5.08 10.73 2.56
CA VAL A 42 -4.90 9.58 1.68
C VAL A 42 -5.57 8.33 2.25
N ALA A 43 -5.71 8.31 3.57
CA ALA A 43 -6.33 7.19 4.26
C ALA A 43 -7.85 7.30 4.21
N ARG A 44 -8.33 8.53 4.09
CA ARG A 44 -9.77 8.78 4.02
C ARG A 44 -10.32 8.38 2.67
N VAL A 45 -9.49 8.48 1.63
CA VAL A 45 -9.90 8.11 0.28
C VAL A 45 -9.64 6.63 0.02
N LEU A 46 -8.65 6.08 0.72
CA LEU A 46 -8.28 4.68 0.57
C LEU A 46 -9.02 3.82 1.60
N ASN A 47 -9.75 4.48 2.49
CA ASN A 47 -10.51 3.80 3.53
C ASN A 47 -9.58 2.95 4.40
N LEU A 48 -8.36 3.43 4.57
CA LEU A 48 -7.37 2.74 5.39
C LEU A 48 -7.02 3.55 6.63
N THR A 49 -6.13 3.02 7.46
CA THR A 49 -5.72 3.69 8.67
C THR A 49 -4.44 4.49 8.44
N GLU A 50 -4.32 5.64 9.10
CA GLU A 50 -3.15 6.50 8.97
C GLU A 50 -1.87 5.71 9.23
N ARG A 51 -1.90 4.86 10.25
CA ARG A 51 -0.75 4.05 10.61
C ARG A 51 -0.56 2.88 9.64
N GLN A 52 -1.67 2.36 9.13
CA GLN A 52 -1.63 1.23 8.20
C GLN A 52 -0.95 1.63 6.89
N VAL A 53 -1.00 2.91 6.55
CA VAL A 53 -0.38 3.40 5.32
C VAL A 53 1.13 3.48 5.45
N LYS A 54 1.60 4.15 6.50
CA LYS A 54 3.04 4.32 6.74
C LYS A 54 3.72 2.97 6.97
N ILE A 55 3.10 2.13 7.80
CA ILE A 55 3.65 0.82 8.12
C ILE A 55 3.73 -0.05 6.86
N TRP A 56 2.79 0.13 5.96
CA TRP A 56 2.75 -0.65 4.73
C TRP A 56 4.01 -0.41 3.88
N PHE A 57 4.31 0.86 3.63
CA PHE A 57 5.47 1.22 2.83
C PHE A 57 6.76 0.89 3.57
N GLN A 58 6.75 1.07 4.89
CA GLN A 58 7.92 0.78 5.71
C GLN A 58 8.34 -0.68 5.55
N ASN A 59 7.37 -1.58 5.59
CA ASN A 59 7.63 -3.01 5.46
C ASN A 59 8.33 -3.31 4.14
N ARG A 60 7.82 -2.72 3.05
CA ARG A 60 8.39 -2.92 1.74
C ARG A 60 9.84 -2.43 1.68
N ARG A 61 10.18 -1.55 2.60
CA ARG A 61 11.55 -1.00 2.65
C ARG A 61 12.48 -1.95 3.39
N MET A 62 11.94 -2.69 4.34
CA MET A 62 12.74 -3.63 5.12
C MET A 62 13.20 -4.81 4.27
N LYS A 63 12.31 -5.33 3.43
CA LYS A 63 12.64 -6.47 2.58
C LYS A 63 13.82 -6.13 1.65
N MET A 64 13.85 -4.89 1.16
CA MET A 64 14.91 -4.45 0.28
C MET A 64 16.17 -4.14 1.08
N LYS A 65 16.02 -4.07 2.40
CA LYS A 65 17.13 -3.79 3.29
C LYS A 65 17.58 -5.04 4.03
N LYS A 66 16.89 -6.15 3.77
CA LYS A 66 17.22 -7.42 4.40
C LYS A 66 18.03 -8.32 3.46
N MET A 67 17.81 -8.14 2.16
CA MET A 67 18.51 -8.93 1.16
C MET A 67 19.70 -8.16 0.60
N ASN A 68 19.42 -7.05 -0.08
CA ASN A 68 20.47 -6.22 -0.66
C ASN A 68 20.13 -4.73 -0.54
N ALA A 1 -30.67 -13.29 -4.31
CA ALA A 1 -29.69 -12.68 -3.38
C ALA A 1 -30.29 -12.49 -1.99
N ASN A 2 -29.44 -12.50 -0.97
CA ASN A 2 -29.88 -12.33 0.40
C ASN A 2 -30.15 -10.86 0.73
N TRP A 3 -29.08 -10.09 0.91
CA TRP A 3 -29.20 -8.67 1.21
C TRP A 3 -27.88 -7.95 0.97
N ILE A 4 -26.78 -8.66 1.20
CA ILE A 4 -25.45 -8.09 1.01
C ILE A 4 -25.01 -8.22 -0.45
N HIS A 5 -25.96 -8.49 -1.34
CA HIS A 5 -25.68 -8.64 -2.76
C HIS A 5 -24.72 -9.80 -2.98
N ALA A 6 -24.66 -10.71 -2.00
CA ALA A 6 -23.80 -11.87 -2.07
C ALA A 6 -22.33 -11.47 -2.21
N ARG A 7 -22.04 -10.19 -1.92
CA ARG A 7 -20.68 -9.68 -2.01
C ARG A 7 -19.87 -10.08 -0.79
N SER A 8 -18.63 -10.52 -1.03
CA SER A 8 -17.75 -10.95 0.06
C SER A 8 -16.30 -10.61 -0.27
N THR A 9 -15.46 -10.56 0.75
CA THR A 9 -14.05 -10.25 0.57
C THR A 9 -13.33 -11.37 -0.18
N ARG A 10 -12.47 -10.97 -1.11
CA ARG A 10 -11.72 -11.94 -1.90
C ARG A 10 -10.32 -12.15 -1.33
N LYS A 11 -9.89 -13.41 -1.27
CA LYS A 11 -8.57 -13.74 -0.73
C LYS A 11 -7.63 -14.21 -1.85
N LYS A 12 -6.70 -13.33 -2.23
CA LYS A 12 -5.74 -13.66 -3.28
C LYS A 12 -4.37 -13.09 -2.95
N ARG A 13 -3.42 -13.25 -3.89
CA ARG A 13 -2.06 -12.74 -3.70
C ARG A 13 -2.03 -11.23 -3.81
N CYS A 14 -2.56 -10.71 -4.92
CA CYS A 14 -2.59 -9.27 -5.15
C CYS A 14 -3.91 -8.84 -5.77
N PRO A 15 -5.01 -8.87 -4.99
CA PRO A 15 -6.33 -8.49 -5.46
C PRO A 15 -6.61 -7.01 -5.31
N TYR A 16 -5.56 -6.22 -5.37
CA TYR A 16 -5.67 -4.78 -5.24
C TYR A 16 -6.54 -4.19 -6.33
N THR A 17 -7.06 -3.00 -6.06
CA THR A 17 -7.91 -2.29 -7.00
C THR A 17 -7.12 -1.23 -7.77
N LYS A 18 -7.83 -0.49 -8.60
CA LYS A 18 -7.22 0.58 -9.37
C LYS A 18 -7.12 1.83 -8.51
N TYR A 19 -7.94 1.87 -7.45
CA TYR A 19 -7.95 3.01 -6.54
C TYR A 19 -6.84 2.91 -5.50
N GLN A 20 -6.67 1.71 -4.95
CA GLN A 20 -5.64 1.47 -3.95
C GLN A 20 -4.26 1.77 -4.50
N THR A 21 -4.02 1.40 -5.75
CA THR A 21 -2.73 1.65 -6.39
C THR A 21 -2.63 3.08 -6.89
N LEU A 22 -3.77 3.71 -7.13
CA LEU A 22 -3.80 5.09 -7.61
C LEU A 22 -3.17 6.03 -6.59
N GLU A 23 -3.48 5.82 -5.31
CA GLU A 23 -2.94 6.65 -4.24
C GLU A 23 -1.50 6.27 -3.91
N LEU A 24 -1.25 4.97 -3.81
CA LEU A 24 0.09 4.47 -3.50
C LEU A 24 1.11 4.94 -4.51
N GLU A 25 0.71 5.06 -5.78
CA GLU A 25 1.61 5.50 -6.83
C GLU A 25 1.82 7.01 -6.79
N LYS A 26 0.81 7.74 -6.30
CA LYS A 26 0.90 9.20 -6.21
C LYS A 26 2.11 9.62 -5.38
N GLU A 27 2.31 8.95 -4.24
CA GLU A 27 3.44 9.27 -3.37
C GLU A 27 4.69 8.50 -3.80
N PHE A 28 4.48 7.34 -4.40
CA PHE A 28 5.57 6.49 -4.88
C PHE A 28 6.50 7.28 -5.80
N LEU A 29 5.99 8.38 -6.36
CA LEU A 29 6.76 9.21 -7.27
C LEU A 29 7.98 9.80 -6.59
N PHE A 30 7.74 10.52 -5.53
CA PHE A 30 8.81 11.17 -4.78
C PHE A 30 9.09 10.44 -3.46
N ASN A 31 8.05 10.30 -2.65
CA ASN A 31 8.16 9.65 -1.35
C ASN A 31 9.38 10.12 -0.56
N MET A 32 9.94 11.25 -0.96
CA MET A 32 11.11 11.80 -0.29
C MET A 32 10.76 12.21 1.14
N TYR A 33 9.46 12.21 1.44
CA TYR A 33 8.98 12.59 2.76
C TYR A 33 7.46 12.48 2.84
N LEU A 34 6.96 12.13 4.03
CA LEU A 34 5.52 12.00 4.24
C LEU A 34 5.12 12.65 5.56
N THR A 35 3.94 13.26 5.58
CA THR A 35 3.44 13.93 6.77
C THR A 35 2.12 13.32 7.24
N ARG A 36 1.77 13.57 8.49
CA ARG A 36 0.52 13.07 9.06
C ARG A 36 -0.66 13.57 8.25
N ASP A 37 -0.59 14.83 7.83
CA ASP A 37 -1.65 15.43 7.03
C ASP A 37 -1.88 14.67 5.74
N ARG A 38 -0.81 14.04 5.25
CA ARG A 38 -0.89 13.26 4.01
C ARG A 38 -1.49 11.89 4.29
N ARG A 39 -0.93 11.20 5.28
CA ARG A 39 -1.40 9.87 5.66
C ARG A 39 -2.89 9.89 5.96
N TYR A 40 -3.39 11.03 6.42
CA TYR A 40 -4.80 11.19 6.76
C TYR A 40 -5.68 11.25 5.50
N GLU A 41 -5.41 12.22 4.64
CA GLU A 41 -6.18 12.39 3.42
C GLU A 41 -6.16 11.14 2.56
N VAL A 42 -4.98 10.54 2.40
CA VAL A 42 -4.84 9.34 1.59
C VAL A 42 -5.58 8.15 2.22
N ALA A 43 -5.76 8.22 3.53
CA ALA A 43 -6.46 7.16 4.26
C ALA A 43 -7.96 7.31 4.12
N ARG A 44 -8.40 8.56 3.95
CA ARG A 44 -9.82 8.86 3.81
C ARG A 44 -10.34 8.40 2.46
N VAL A 45 -9.48 8.46 1.45
CA VAL A 45 -9.85 8.06 0.09
C VAL A 45 -9.61 6.58 -0.13
N LEU A 46 -8.62 6.03 0.55
CA LEU A 46 -8.29 4.61 0.44
C LEU A 46 -9.06 3.79 1.47
N ASN A 47 -9.81 4.48 2.32
CA ASN A 47 -10.60 3.81 3.36
C ASN A 47 -9.72 2.96 4.27
N LEU A 48 -8.49 3.43 4.48
CA LEU A 48 -7.54 2.72 5.32
C LEU A 48 -7.21 3.54 6.58
N THR A 49 -6.36 2.98 7.42
CA THR A 49 -5.95 3.65 8.65
C THR A 49 -4.65 4.42 8.44
N GLU A 50 -4.49 5.53 9.16
CA GLU A 50 -3.30 6.36 9.03
C GLU A 50 -2.05 5.51 9.25
N ARG A 51 -2.01 4.78 10.35
CA ARG A 51 -0.89 3.92 10.68
C ARG A 51 -0.73 2.83 9.62
N GLN A 52 -1.85 2.30 9.16
CA GLN A 52 -1.84 1.23 8.16
C GLN A 52 -0.99 1.63 6.96
N VAL A 53 -1.10 2.90 6.55
CA VAL A 53 -0.33 3.39 5.42
C VAL A 53 1.17 3.29 5.69
N LYS A 54 1.58 3.75 6.87
CA LYS A 54 2.99 3.69 7.26
C LYS A 54 3.47 2.25 7.36
N ILE A 55 2.77 1.45 8.15
CA ILE A 55 3.11 0.05 8.33
C ILE A 55 3.22 -0.66 6.99
N TRP A 56 2.39 -0.25 6.03
CA TRP A 56 2.40 -0.85 4.70
C TRP A 56 3.77 -0.66 4.04
N PHE A 57 4.20 0.59 3.93
CA PHE A 57 5.48 0.91 3.32
C PHE A 57 6.64 0.32 4.14
N GLN A 58 6.40 0.14 5.43
CA GLN A 58 7.41 -0.41 6.32
C GLN A 58 7.80 -1.82 5.90
N ASN A 59 6.80 -2.69 5.76
CA ASN A 59 7.04 -4.07 5.34
C ASN A 59 7.76 -4.11 3.99
N ARG A 60 7.33 -3.26 3.07
CA ARG A 60 7.93 -3.19 1.75
C ARG A 60 9.40 -2.78 1.86
N ARG A 61 9.75 -2.14 2.97
CA ARG A 61 11.12 -1.71 3.21
C ARG A 61 11.97 -2.86 3.76
N MET A 62 11.37 -3.64 4.65
CA MET A 62 12.05 -4.76 5.27
C MET A 62 12.66 -5.69 4.24
N LYS A 63 11.88 -6.04 3.22
CA LYS A 63 12.35 -6.94 2.16
C LYS A 63 13.58 -6.35 1.46
N MET A 64 13.54 -5.04 1.25
CA MET A 64 14.65 -4.35 0.60
C MET A 64 15.86 -4.29 1.53
N LYS A 65 15.60 -4.52 2.82
CA LYS A 65 16.65 -4.50 3.83
C LYS A 65 17.29 -5.89 3.98
N LYS A 66 16.67 -6.89 3.37
CA LYS A 66 17.18 -8.26 3.44
C LYS A 66 18.21 -8.51 2.32
N MET A 67 18.10 -7.75 1.25
CA MET A 67 19.01 -7.89 0.11
C MET A 67 20.42 -7.43 0.49
N ASN A 68 20.56 -6.15 0.81
CA ASN A 68 21.85 -5.59 1.19
C ASN A 68 22.20 -5.97 2.62
N ALA A 1 -9.18 -20.19 12.09
CA ALA A 1 -7.85 -20.03 11.45
C ALA A 1 -7.96 -20.02 9.93
N ASN A 2 -9.20 -20.03 9.43
CA ASN A 2 -9.44 -20.03 7.99
C ASN A 2 -10.11 -18.73 7.56
N TRP A 3 -11.17 -18.37 8.26
CA TRP A 3 -11.90 -17.15 7.95
C TRP A 3 -11.57 -16.03 8.94
N ILE A 4 -10.73 -16.36 9.92
CA ILE A 4 -10.33 -15.40 10.94
C ILE A 4 -9.03 -14.69 10.54
N HIS A 5 -8.04 -15.47 10.13
CA HIS A 5 -6.75 -14.93 9.71
C HIS A 5 -6.23 -15.66 8.48
N ALA A 6 -6.70 -16.88 8.28
CA ALA A 6 -6.29 -17.70 7.13
C ALA A 6 -4.79 -17.95 7.17
N ARG A 7 -4.29 -18.65 6.15
CA ARG A 7 -2.87 -18.97 6.07
C ARG A 7 -2.15 -18.01 5.11
N SER A 8 -0.88 -18.32 4.83
CA SER A 8 -0.08 -17.49 3.94
C SER A 8 -0.73 -17.38 2.56
N THR A 9 -0.38 -16.33 1.84
CA THR A 9 -0.94 -16.10 0.50
C THR A 9 -0.47 -17.16 -0.48
N ARG A 10 -1.42 -17.87 -1.08
CA ARG A 10 -1.10 -18.92 -2.04
C ARG A 10 -2.18 -19.00 -3.11
N LYS A 11 -3.00 -17.96 -3.20
CA LYS A 11 -4.07 -17.91 -4.18
C LYS A 11 -3.97 -16.63 -5.02
N LYS A 12 -4.30 -15.50 -4.41
CA LYS A 12 -4.25 -14.22 -5.11
C LYS A 12 -2.86 -13.59 -4.98
N ARG A 13 -2.53 -12.69 -5.91
CA ARG A 13 -1.25 -12.02 -5.91
C ARG A 13 -1.41 -10.54 -6.25
N CYS A 14 -2.62 -10.16 -6.62
CA CYS A 14 -2.90 -8.77 -6.97
C CYS A 14 -4.41 -8.49 -6.91
N PRO A 15 -5.03 -8.63 -5.72
CA PRO A 15 -6.45 -8.38 -5.53
C PRO A 15 -6.77 -6.95 -5.18
N TYR A 16 -5.92 -6.05 -5.62
CA TYR A 16 -6.10 -4.62 -5.37
C TYR A 16 -6.85 -3.97 -6.52
N THR A 17 -7.43 -2.80 -6.24
CA THR A 17 -8.18 -2.07 -7.25
C THR A 17 -7.34 -0.95 -7.86
N LYS A 18 -7.84 -0.37 -8.95
CA LYS A 18 -7.14 0.72 -9.63
C LYS A 18 -6.97 1.93 -8.72
N TYR A 19 -7.88 2.08 -7.75
CA TYR A 19 -7.83 3.21 -6.84
C TYR A 19 -6.72 3.03 -5.80
N GLN A 20 -6.59 1.81 -5.28
CA GLN A 20 -5.57 1.51 -4.28
C GLN A 20 -4.17 1.78 -4.82
N THR A 21 -3.83 1.11 -5.92
CA THR A 21 -2.52 1.27 -6.54
C THR A 21 -2.30 2.72 -7.00
N LEU A 22 -3.39 3.44 -7.23
CA LEU A 22 -3.31 4.83 -7.68
C LEU A 22 -2.69 5.72 -6.62
N GLU A 23 -3.21 5.66 -5.39
CA GLU A 23 -2.70 6.49 -4.29
C GLU A 23 -1.35 5.98 -3.78
N LEU A 24 -1.18 4.67 -3.79
CA LEU A 24 0.07 4.07 -3.31
C LEU A 24 1.25 4.41 -4.22
N GLU A 25 0.99 4.55 -5.52
CA GLU A 25 2.06 4.86 -6.47
C GLU A 25 2.39 6.35 -6.46
N LYS A 26 1.38 7.19 -6.28
CA LYS A 26 1.58 8.63 -6.25
C LYS A 26 2.55 9.04 -5.15
N GLU A 27 2.47 8.35 -4.02
CA GLU A 27 3.35 8.65 -2.89
C GLU A 27 4.69 7.93 -3.04
N PHE A 28 4.69 6.87 -3.83
CA PHE A 28 5.90 6.09 -4.07
C PHE A 28 6.93 6.91 -4.83
N LEU A 29 6.45 7.94 -5.53
CA LEU A 29 7.32 8.81 -6.31
C LEU A 29 8.30 9.57 -5.42
N PHE A 30 7.73 10.33 -4.50
CA PHE A 30 8.51 11.14 -3.57
C PHE A 30 9.08 10.29 -2.46
N ASN A 31 8.22 9.57 -1.76
CA ASN A 31 8.63 8.70 -0.65
C ASN A 31 9.57 9.42 0.32
N MET A 32 9.47 10.74 0.35
CA MET A 32 10.31 11.55 1.23
C MET A 32 9.80 11.54 2.66
N TYR A 33 8.91 10.61 2.95
CA TYR A 33 8.32 10.47 4.28
C TYR A 33 7.35 11.61 4.57
N LEU A 34 6.10 11.42 4.15
CA LEU A 34 5.06 12.43 4.32
C LEU A 34 4.70 12.60 5.79
N THR A 35 3.76 13.51 6.04
CA THR A 35 3.31 13.80 7.40
C THR A 35 1.92 13.21 7.65
N ARG A 36 1.44 13.34 8.89
CA ARG A 36 0.13 12.83 9.26
C ARG A 36 -0.98 13.46 8.40
N ASP A 37 -0.77 14.71 8.01
CA ASP A 37 -1.75 15.41 7.19
C ASP A 37 -2.02 14.65 5.89
N ARG A 38 -0.95 14.13 5.30
CA ARG A 38 -1.06 13.38 4.05
C ARG A 38 -1.62 11.98 4.31
N ARG A 39 -1.02 11.27 5.27
CA ARG A 39 -1.45 9.93 5.60
C ARG A 39 -2.96 9.88 5.87
N TYR A 40 -3.49 10.98 6.38
CA TYR A 40 -4.91 11.07 6.70
C TYR A 40 -5.77 11.15 5.44
N GLU A 41 -5.52 12.19 4.63
CA GLU A 41 -6.29 12.40 3.41
C GLU A 41 -6.19 11.19 2.47
N VAL A 42 -5.00 10.64 2.32
CA VAL A 42 -4.79 9.48 1.44
C VAL A 42 -5.45 8.23 2.03
N ALA A 43 -5.68 8.24 3.34
CA ALA A 43 -6.29 7.11 4.01
C ALA A 43 -7.80 7.15 3.87
N ARG A 44 -8.34 8.35 3.69
CA ARG A 44 -9.77 8.53 3.53
C ARG A 44 -10.23 8.07 2.16
N VAL A 45 -9.38 8.27 1.16
CA VAL A 45 -9.70 7.87 -0.20
C VAL A 45 -9.39 6.39 -0.42
N LEU A 46 -8.45 5.88 0.36
CA LEU A 46 -8.05 4.47 0.26
C LEU A 46 -8.83 3.62 1.25
N ASN A 47 -9.63 4.28 2.08
CA ASN A 47 -10.44 3.58 3.08
C ASN A 47 -9.56 2.79 4.05
N LEU A 48 -8.37 3.33 4.31
CA LEU A 48 -7.42 2.69 5.21
C LEU A 48 -7.14 3.57 6.42
N THR A 49 -6.29 3.08 7.31
CA THR A 49 -5.94 3.82 8.52
C THR A 49 -4.61 4.56 8.33
N GLU A 50 -4.46 5.70 9.00
CA GLU A 50 -3.24 6.50 8.90
C GLU A 50 -2.01 5.66 9.24
N ARG A 51 -2.17 4.72 10.15
CA ARG A 51 -1.08 3.85 10.58
C ARG A 51 -0.87 2.72 9.58
N GLN A 52 -1.94 2.00 9.29
CA GLN A 52 -1.88 0.86 8.37
C GLN A 52 -1.08 1.20 7.11
N VAL A 53 -1.41 2.31 6.46
CA VAL A 53 -0.72 2.71 5.24
C VAL A 53 0.76 2.99 5.50
N LYS A 54 1.06 3.62 6.64
CA LYS A 54 2.44 3.94 6.99
C LYS A 54 3.25 2.67 7.22
N ILE A 55 2.85 1.90 8.22
CA ILE A 55 3.54 0.66 8.56
C ILE A 55 3.69 -0.25 7.33
N TRP A 56 2.71 -0.18 6.44
CA TRP A 56 2.74 -1.00 5.23
C TRP A 56 3.96 -0.68 4.38
N PHE A 57 4.24 0.61 4.19
CA PHE A 57 5.39 1.03 3.40
C PHE A 57 6.69 0.83 4.17
N GLN A 58 6.61 1.00 5.49
CA GLN A 58 7.80 0.83 6.34
C GLN A 58 8.43 -0.53 6.13
N ASN A 59 7.66 -1.59 6.33
CA ASN A 59 8.15 -2.95 6.16
C ASN A 59 8.50 -3.22 4.70
N ARG A 60 7.65 -2.75 3.80
CA ARG A 60 7.87 -2.93 2.36
C ARG A 60 9.26 -2.47 1.94
N ARG A 61 9.83 -1.56 2.72
CA ARG A 61 11.17 -1.03 2.44
C ARG A 61 12.25 -1.98 2.97
N MET A 62 12.13 -2.36 4.23
CA MET A 62 13.10 -3.25 4.86
C MET A 62 13.22 -4.58 4.12
N LYS A 63 12.09 -5.16 3.75
CA LYS A 63 12.08 -6.44 3.05
C LYS A 63 12.87 -6.36 1.74
N MET A 64 12.76 -5.22 1.07
CA MET A 64 13.46 -5.00 -0.19
C MET A 64 14.90 -4.57 0.06
N LYS A 65 15.19 -4.24 1.31
CA LYS A 65 16.53 -3.80 1.69
C LYS A 65 17.29 -4.91 2.42
N LYS A 66 16.78 -6.13 2.33
CA LYS A 66 17.41 -7.27 2.98
C LYS A 66 18.70 -7.65 2.27
N MET A 67 18.80 -7.27 1.00
CA MET A 67 19.98 -7.56 0.21
C MET A 67 20.78 -6.28 -0.06
N ASN A 68 20.09 -5.15 -0.08
CA ASN A 68 20.74 -3.86 -0.31
C ASN A 68 21.20 -3.23 1.01
N ALA A 1 -8.50 -27.73 8.13
CA ALA A 1 -8.79 -27.64 6.68
C ALA A 1 -9.91 -28.61 6.30
N ASN A 2 -10.32 -28.56 5.04
CA ASN A 2 -11.40 -29.42 4.55
C ASN A 2 -10.84 -30.48 3.61
N TRP A 3 -10.06 -30.05 2.63
CA TRP A 3 -9.47 -30.97 1.66
C TRP A 3 -7.99 -31.17 1.91
N ILE A 4 -7.17 -30.28 1.35
CA ILE A 4 -5.73 -30.35 1.51
C ILE A 4 -5.20 -29.08 2.19
N HIS A 5 -6.03 -28.04 2.17
CA HIS A 5 -5.66 -26.76 2.77
C HIS A 5 -6.82 -25.77 2.68
N ALA A 6 -8.01 -26.28 2.36
CA ALA A 6 -9.19 -25.44 2.24
C ALA A 6 -9.43 -24.63 3.51
N ARG A 7 -9.54 -23.32 3.36
CA ARG A 7 -9.76 -22.43 4.48
C ARG A 7 -11.07 -21.65 4.33
N SER A 8 -11.09 -20.73 3.36
CA SER A 8 -12.28 -19.92 3.12
C SER A 8 -12.82 -20.17 1.71
N THR A 9 -13.98 -19.59 1.41
CA THR A 9 -14.61 -19.74 0.11
C THR A 9 -14.01 -18.78 -0.91
N ARG A 10 -13.00 -18.02 -0.48
CA ARG A 10 -12.35 -17.05 -1.35
C ARG A 10 -10.96 -16.68 -0.80
N LYS A 11 -9.93 -16.98 -1.58
CA LYS A 11 -8.56 -16.66 -1.17
C LYS A 11 -8.11 -15.33 -1.76
N LYS A 12 -7.02 -14.78 -1.21
CA LYS A 12 -6.50 -13.51 -1.68
C LYS A 12 -5.15 -13.70 -2.38
N ARG A 13 -4.88 -12.82 -3.34
CA ARG A 13 -3.62 -12.87 -4.10
C ARG A 13 -3.32 -11.52 -4.73
N CYS A 14 -4.18 -11.10 -5.65
CA CYS A 14 -4.02 -9.82 -6.33
C CYS A 14 -5.37 -9.17 -6.59
N PRO A 15 -6.19 -8.95 -5.54
CA PRO A 15 -7.51 -8.35 -5.67
C PRO A 15 -7.49 -6.84 -5.49
N TYR A 16 -6.39 -6.23 -5.87
CA TYR A 16 -6.24 -4.78 -5.76
C TYR A 16 -7.04 -4.07 -6.84
N THR A 17 -7.56 -2.90 -6.49
CA THR A 17 -8.35 -2.11 -7.43
C THR A 17 -7.51 -1.00 -8.06
N LYS A 18 -8.13 -0.22 -8.93
CA LYS A 18 -7.45 0.88 -9.61
C LYS A 18 -7.24 2.05 -8.65
N TYR A 19 -8.11 2.15 -7.66
CA TYR A 19 -8.03 3.23 -6.68
C TYR A 19 -6.93 2.99 -5.65
N GLN A 20 -6.76 1.73 -5.25
CA GLN A 20 -5.76 1.38 -4.26
C GLN A 20 -4.34 1.64 -4.80
N THR A 21 -4.14 1.36 -6.08
CA THR A 21 -2.85 1.56 -6.71
C THR A 21 -2.66 3.01 -7.14
N LEU A 22 -3.78 3.71 -7.33
CA LEU A 22 -3.75 5.11 -7.73
C LEU A 22 -3.11 5.97 -6.65
N GLU A 23 -3.51 5.76 -5.40
CA GLU A 23 -2.98 6.53 -4.28
C GLU A 23 -1.55 6.10 -3.96
N LEU A 24 -1.30 4.80 -3.99
CA LEU A 24 0.03 4.27 -3.68
C LEU A 24 1.07 4.72 -4.70
N GLU A 25 0.65 4.90 -5.95
CA GLU A 25 1.57 5.33 -7.00
C GLU A 25 1.79 6.83 -6.97
N LYS A 26 0.76 7.59 -6.59
CA LYS A 26 0.85 9.04 -6.51
C LYS A 26 1.99 9.48 -5.59
N GLU A 27 2.12 8.81 -4.45
CA GLU A 27 3.18 9.14 -3.49
C GLU A 27 4.48 8.45 -3.86
N PHE A 28 4.37 7.25 -4.42
CA PHE A 28 5.53 6.47 -4.82
C PHE A 28 6.47 7.30 -5.70
N LEU A 29 5.93 8.33 -6.33
CA LEU A 29 6.71 9.19 -7.20
C LEU A 29 7.81 9.91 -6.44
N PHE A 30 7.40 10.69 -5.46
CA PHE A 30 8.34 11.47 -4.66
C PHE A 30 8.52 10.85 -3.27
N ASN A 31 7.40 10.62 -2.59
CA ASN A 31 7.40 10.05 -1.24
C ASN A 31 8.58 10.56 -0.40
N MET A 32 8.85 11.85 -0.50
CA MET A 32 9.93 12.46 0.23
C MET A 32 9.76 12.28 1.74
N TYR A 33 8.52 12.37 2.21
CA TYR A 33 8.21 12.22 3.62
C TYR A 33 6.71 12.08 3.83
N LEU A 34 6.32 11.21 4.76
CA LEU A 34 4.91 10.98 5.07
C LEU A 34 4.53 11.58 6.41
N THR A 35 3.62 12.55 6.37
CA THR A 35 3.16 13.21 7.58
C THR A 35 1.69 12.89 7.84
N ARG A 36 1.19 13.31 9.01
CA ARG A 36 -0.20 13.06 9.38
C ARG A 36 -1.15 13.63 8.34
N ASP A 37 -0.72 14.69 7.65
CA ASP A 37 -1.54 15.32 6.63
C ASP A 37 -1.80 14.36 5.46
N ARG A 38 -0.72 13.84 4.88
CA ARG A 38 -0.83 12.91 3.76
C ARG A 38 -1.49 11.59 4.19
N ARG A 39 -0.92 10.96 5.21
CA ARG A 39 -1.42 9.69 5.72
C ARG A 39 -2.93 9.74 5.97
N TYR A 40 -3.43 10.90 6.40
CA TYR A 40 -4.84 11.05 6.68
C TYR A 40 -5.69 11.10 5.41
N GLU A 41 -5.40 12.06 4.54
CA GLU A 41 -6.16 12.22 3.29
C GLU A 41 -6.15 10.93 2.48
N VAL A 42 -5.00 10.28 2.41
CA VAL A 42 -4.88 9.04 1.65
C VAL A 42 -5.58 7.88 2.36
N ALA A 43 -5.79 8.03 3.67
CA ALA A 43 -6.45 7.00 4.45
C ALA A 43 -7.96 7.08 4.30
N ARG A 44 -8.45 8.28 4.03
CA ARG A 44 -9.88 8.52 3.85
C ARG A 44 -10.35 8.00 2.50
N VAL A 45 -9.47 8.09 1.51
CA VAL A 45 -9.79 7.66 0.15
C VAL A 45 -9.48 6.17 -0.04
N LEU A 46 -8.48 5.68 0.68
CA LEU A 46 -8.09 4.27 0.58
C LEU A 46 -8.79 3.44 1.65
N ASN A 47 -9.56 4.11 2.52
CA ASN A 47 -10.29 3.44 3.58
C ASN A 47 -9.34 2.66 4.49
N LEU A 48 -8.16 3.22 4.73
CA LEU A 48 -7.17 2.57 5.59
C LEU A 48 -6.93 3.37 6.86
N THR A 49 -6.06 2.84 7.72
CA THR A 49 -5.74 3.50 8.98
C THR A 49 -4.63 4.52 8.77
N GLU A 50 -4.61 5.55 9.62
CA GLU A 50 -3.61 6.61 9.54
C GLU A 50 -2.20 6.03 9.64
N ARG A 51 -2.04 5.01 10.47
CA ARG A 51 -0.74 4.37 10.65
C ARG A 51 -0.49 3.31 9.60
N GLN A 52 -1.55 2.66 9.13
CA GLN A 52 -1.44 1.61 8.13
C GLN A 52 -0.65 2.09 6.91
N VAL A 53 -0.75 3.38 6.62
CA VAL A 53 -0.05 3.95 5.47
C VAL A 53 1.47 3.81 5.61
N LYS A 54 2.02 4.42 6.65
CA LYS A 54 3.46 4.38 6.88
C LYS A 54 3.95 2.95 7.11
N ILE A 55 3.12 2.13 7.76
CA ILE A 55 3.48 0.75 8.04
C ILE A 55 3.56 -0.07 6.76
N TRP A 56 2.74 0.31 5.77
CA TRP A 56 2.71 -0.38 4.49
C TRP A 56 4.04 -0.22 3.75
N PHE A 57 4.49 1.02 3.62
CA PHE A 57 5.75 1.31 2.93
C PHE A 57 6.94 0.78 3.72
N GLN A 58 6.87 0.90 5.04
CA GLN A 58 7.95 0.44 5.91
C GLN A 58 8.21 -1.05 5.71
N ASN A 59 7.14 -1.84 5.74
CA ASN A 59 7.25 -3.29 5.56
C ASN A 59 7.96 -3.62 4.25
N ARG A 60 7.55 -2.94 3.18
CA ARG A 60 8.14 -3.17 1.86
C ARG A 60 9.63 -2.81 1.87
N ARG A 61 10.03 -1.98 2.83
CA ARG A 61 11.43 -1.57 2.95
C ARG A 61 12.23 -2.61 3.72
N MET A 62 11.61 -3.20 4.74
CA MET A 62 12.27 -4.19 5.57
C MET A 62 12.81 -5.35 4.72
N LYS A 63 11.99 -5.85 3.81
CA LYS A 63 12.41 -6.94 2.94
C LYS A 63 13.64 -6.55 2.13
N MET A 64 13.75 -5.25 1.83
CA MET A 64 14.88 -4.74 1.06
C MET A 64 16.05 -4.40 1.98
N LYS A 65 15.78 -4.30 3.28
CA LYS A 65 16.81 -3.98 4.26
C LYS A 65 17.80 -5.13 4.43
N LYS A 66 17.53 -6.24 3.75
CA LYS A 66 18.40 -7.41 3.83
C LYS A 66 19.38 -7.41 2.66
N MET A 67 18.92 -6.93 1.51
CA MET A 67 19.76 -6.87 0.31
C MET A 67 19.09 -6.03 -0.77
N ASN A 68 19.89 -5.20 -1.45
CA ASN A 68 19.37 -4.35 -2.51
C ASN A 68 19.25 -5.11 -3.82
N ALA A 1 -1.46 -26.15 -2.45
CA ALA A 1 -2.33 -25.56 -1.39
C ALA A 1 -1.73 -25.76 0.00
N ASN A 2 -0.43 -26.06 0.03
CA ASN A 2 0.26 -26.27 1.30
C ASN A 2 1.78 -26.31 1.10
N TRP A 3 2.23 -27.13 0.17
CA TRP A 3 3.65 -27.25 -0.12
C TRP A 3 3.88 -27.97 -1.45
N ILE A 4 2.87 -28.70 -1.91
CA ILE A 4 2.96 -29.44 -3.16
C ILE A 4 3.26 -28.51 -4.33
N HIS A 5 2.35 -27.56 -4.57
CA HIS A 5 2.51 -26.61 -5.66
C HIS A 5 2.19 -25.19 -5.20
N ALA A 6 1.75 -25.07 -3.96
CA ALA A 6 1.41 -23.76 -3.39
C ALA A 6 1.71 -23.71 -1.90
N ARG A 7 1.62 -22.52 -1.33
CA ARG A 7 1.88 -22.32 0.09
C ARG A 7 0.81 -21.41 0.72
N SER A 8 0.82 -20.15 0.32
CA SER A 8 -0.14 -19.18 0.83
C SER A 8 -1.16 -18.80 -0.25
N THR A 9 -0.79 -19.04 -1.50
CA THR A 9 -1.66 -18.73 -2.64
C THR A 9 -2.01 -17.25 -2.67
N ARG A 10 -1.27 -16.49 -3.45
CA ARG A 10 -1.50 -15.05 -3.57
C ARG A 10 -0.79 -14.49 -4.80
N LYS A 11 -0.41 -15.38 -5.71
CA LYS A 11 0.28 -14.99 -6.93
C LYS A 11 -0.70 -14.56 -8.00
N LYS A 12 -0.75 -13.26 -8.27
CA LYS A 12 -1.65 -12.71 -9.29
C LYS A 12 -0.89 -11.77 -10.21
N ARG A 13 -1.52 -11.39 -11.31
CA ARG A 13 -0.88 -10.48 -12.27
C ARG A 13 -1.35 -9.05 -12.04
N CYS A 14 -2.61 -8.88 -11.66
CA CYS A 14 -3.17 -7.55 -11.41
C CYS A 14 -4.34 -7.63 -10.44
N PRO A 15 -4.06 -7.92 -9.15
CA PRO A 15 -5.09 -8.02 -8.12
C PRO A 15 -5.35 -6.70 -7.42
N TYR A 16 -4.90 -5.63 -8.05
CA TYR A 16 -5.07 -4.30 -7.52
C TYR A 16 -6.10 -3.52 -8.30
N THR A 17 -6.70 -2.51 -7.66
CA THR A 17 -7.69 -1.68 -8.30
C THR A 17 -7.07 -0.40 -8.85
N LYS A 18 -7.85 0.32 -9.64
CA LYS A 18 -7.39 1.57 -10.21
C LYS A 18 -7.38 2.65 -9.14
N TYR A 19 -8.15 2.41 -8.08
CA TYR A 19 -8.23 3.36 -6.97
C TYR A 19 -7.08 3.19 -6.00
N GLN A 20 -6.81 1.94 -5.61
CA GLN A 20 -5.74 1.64 -4.68
C GLN A 20 -4.38 2.04 -5.25
N THR A 21 -4.23 1.92 -6.56
CA THR A 21 -2.99 2.27 -7.24
C THR A 21 -2.91 3.77 -7.50
N LEU A 22 -4.06 4.41 -7.60
CA LEU A 22 -4.14 5.84 -7.85
C LEU A 22 -3.49 6.63 -6.71
N GLU A 23 -3.70 6.17 -5.48
CA GLU A 23 -3.14 6.84 -4.32
C GLU A 23 -1.69 6.41 -4.06
N LEU A 24 -1.46 5.10 -4.13
CA LEU A 24 -0.13 4.56 -3.91
C LEU A 24 0.88 5.10 -4.91
N GLU A 25 0.40 5.50 -6.09
CA GLU A 25 1.28 6.04 -7.13
C GLU A 25 1.60 7.50 -6.85
N LYS A 26 0.64 8.23 -6.27
CA LYS A 26 0.84 9.63 -5.96
C LYS A 26 2.06 9.82 -5.07
N GLU A 27 2.23 8.90 -4.12
CA GLU A 27 3.37 8.95 -3.20
C GLU A 27 4.59 8.28 -3.82
N PHE A 28 4.32 7.22 -4.58
CA PHE A 28 5.39 6.46 -5.26
C PHE A 28 6.32 7.39 -6.03
N LEU A 29 5.82 8.58 -6.36
CA LEU A 29 6.62 9.54 -7.12
C LEU A 29 7.83 9.98 -6.33
N PHE A 30 7.58 10.56 -5.18
CA PHE A 30 8.64 11.05 -4.31
C PHE A 30 8.84 10.13 -3.11
N ASN A 31 7.76 9.90 -2.37
CA ASN A 31 7.76 9.05 -1.17
C ASN A 31 9.02 9.22 -0.32
N MET A 32 9.69 10.35 -0.46
CA MET A 32 10.89 10.62 0.31
C MET A 32 10.56 11.35 1.60
N TYR A 33 9.33 11.85 1.65
CA TYR A 33 8.84 12.58 2.82
C TYR A 33 7.33 12.45 2.94
N LEU A 34 6.85 12.14 4.13
CA LEU A 34 5.42 11.99 4.37
C LEU A 34 5.03 12.56 5.73
N THR A 35 3.85 13.17 5.79
CA THR A 35 3.37 13.76 7.04
C THR A 35 2.04 13.14 7.46
N ARG A 36 1.59 13.47 8.66
CA ARG A 36 0.34 12.95 9.20
C ARG A 36 -0.84 13.38 8.35
N ASP A 37 -0.76 14.61 7.83
CA ASP A 37 -1.83 15.15 6.99
C ASP A 37 -2.04 14.32 5.73
N ARG A 38 -0.94 13.86 5.15
CA ARG A 38 -1.01 13.05 3.93
C ARG A 38 -1.55 11.66 4.23
N ARG A 39 -0.99 11.02 5.25
CA ARG A 39 -1.41 9.69 5.66
C ARG A 39 -2.91 9.64 5.93
N TYR A 40 -3.46 10.76 6.39
CA TYR A 40 -4.88 10.85 6.71
C TYR A 40 -5.74 10.92 5.45
N GLU A 41 -5.51 11.94 4.63
CA GLU A 41 -6.28 12.13 3.40
C GLU A 41 -6.26 10.89 2.53
N VAL A 42 -5.11 10.25 2.43
CA VAL A 42 -4.96 9.04 1.61
C VAL A 42 -5.62 7.84 2.28
N ALA A 43 -5.77 7.91 3.60
CA ALA A 43 -6.38 6.82 4.36
C ALA A 43 -7.90 6.91 4.30
N ARG A 44 -8.41 8.13 4.15
CA ARG A 44 -9.84 8.36 4.08
C ARG A 44 -10.40 7.97 2.72
N VAL A 45 -9.56 8.10 1.69
CA VAL A 45 -9.97 7.76 0.32
C VAL A 45 -9.73 6.29 0.02
N LEU A 46 -8.69 5.72 0.61
CA LEU A 46 -8.35 4.31 0.40
C LEU A 46 -9.06 3.42 1.42
N ASN A 47 -9.85 4.04 2.29
CA ASN A 47 -10.59 3.31 3.33
C ASN A 47 -9.63 2.53 4.22
N LEU A 48 -8.44 3.08 4.42
CA LEU A 48 -7.43 2.44 5.25
C LEU A 48 -7.14 3.28 6.48
N THR A 49 -6.24 2.79 7.34
CA THR A 49 -5.87 3.50 8.55
C THR A 49 -4.62 4.32 8.33
N GLU A 50 -4.52 5.46 9.01
CA GLU A 50 -3.36 6.33 8.88
C GLU A 50 -2.07 5.59 9.20
N ARG A 51 -2.15 4.68 10.18
CA ARG A 51 -0.99 3.91 10.60
C ARG A 51 -0.66 2.83 9.57
N GLN A 52 -1.70 2.19 9.03
CA GLN A 52 -1.52 1.14 8.04
C GLN A 52 -0.74 1.66 6.83
N VAL A 53 -0.78 2.97 6.61
CA VAL A 53 -0.08 3.59 5.49
C VAL A 53 1.43 3.53 5.67
N LYS A 54 1.92 4.18 6.72
CA LYS A 54 3.36 4.22 7.00
C LYS A 54 3.91 2.82 7.26
N ILE A 55 3.23 2.05 8.08
CA ILE A 55 3.66 0.70 8.40
C ILE A 55 3.85 -0.14 7.14
N TRP A 56 3.00 0.09 6.14
CA TRP A 56 3.08 -0.64 4.88
C TRP A 56 4.43 -0.40 4.21
N PHE A 57 4.77 0.86 4.03
CA PHE A 57 6.04 1.22 3.40
C PHE A 57 7.21 0.71 4.25
N GLN A 58 7.01 0.68 5.55
CA GLN A 58 8.04 0.21 6.47
C GLN A 58 8.46 -1.22 6.15
N ASN A 59 7.48 -2.11 6.01
CA ASN A 59 7.74 -3.50 5.69
C ASN A 59 8.60 -3.63 4.43
N ARG A 60 8.25 -2.84 3.42
CA ARG A 60 8.99 -2.86 2.15
C ARG A 60 10.44 -2.42 2.35
N ARG A 61 10.67 -1.66 3.42
CA ARG A 61 12.02 -1.17 3.71
C ARG A 61 12.85 -2.21 4.49
N MET A 62 12.22 -2.85 5.47
CA MET A 62 12.92 -3.83 6.28
C MET A 62 12.96 -5.22 5.63
N LYS A 63 12.17 -5.41 4.58
CA LYS A 63 12.14 -6.71 3.89
C LYS A 63 13.52 -7.06 3.34
N MET A 64 14.21 -6.07 2.81
CA MET A 64 15.54 -6.26 2.25
C MET A 64 16.62 -6.15 3.34
N LYS A 65 16.25 -5.53 4.46
CA LYS A 65 17.17 -5.35 5.57
C LYS A 65 17.42 -6.67 6.30
N LYS A 66 16.42 -7.55 6.29
CA LYS A 66 16.54 -8.84 6.96
C LYS A 66 17.20 -9.88 6.04
N MET A 67 17.66 -9.43 4.89
CA MET A 67 18.31 -10.32 3.93
C MET A 67 19.79 -10.00 3.80
N ASN A 68 20.63 -10.82 4.43
CA ASN A 68 22.07 -10.63 4.39
C ASN A 68 22.72 -11.54 3.35
N ALA A 1 -28.47 -7.29 6.48
CA ALA A 1 -27.22 -6.61 6.08
C ALA A 1 -26.48 -6.06 7.30
N ASN A 2 -25.17 -6.26 7.33
CA ASN A 2 -24.35 -5.78 8.44
C ASN A 2 -23.65 -4.48 8.09
N TRP A 3 -22.87 -3.96 9.03
CA TRP A 3 -22.15 -2.71 8.81
C TRP A 3 -21.05 -2.88 7.77
N ILE A 4 -20.69 -4.14 7.52
CA ILE A 4 -19.65 -4.44 6.54
C ILE A 4 -20.27 -4.73 5.17
N HIS A 5 -21.53 -4.32 5.00
CA HIS A 5 -22.24 -4.52 3.75
C HIS A 5 -22.34 -6.01 3.41
N ALA A 6 -22.32 -6.85 4.44
CA ALA A 6 -22.41 -8.29 4.27
C ALA A 6 -21.20 -8.82 3.49
N ARG A 7 -20.37 -9.61 4.17
CA ARG A 7 -19.18 -10.18 3.55
C ARG A 7 -18.75 -11.45 4.27
N SER A 8 -18.35 -12.45 3.49
CA SER A 8 -17.91 -13.73 4.05
C SER A 8 -16.60 -14.17 3.40
N THR A 9 -15.55 -14.27 4.22
CA THR A 9 -14.23 -14.69 3.74
C THR A 9 -13.77 -13.85 2.55
N ARG A 10 -12.65 -14.25 1.95
CA ARG A 10 -12.09 -13.54 0.80
C ARG A 10 -11.16 -14.45 0.01
N LYS A 11 -11.14 -14.27 -1.30
CA LYS A 11 -10.29 -15.08 -2.17
C LYS A 11 -9.05 -14.30 -2.62
N LYS A 12 -8.24 -14.92 -3.46
CA LYS A 12 -7.02 -14.30 -3.98
C LYS A 12 -6.05 -13.96 -2.85
N ARG A 13 -4.85 -13.55 -3.23
CA ARG A 13 -3.83 -13.17 -2.27
C ARG A 13 -3.45 -11.71 -2.45
N CYS A 14 -3.75 -11.16 -3.63
CA CYS A 14 -3.44 -9.78 -3.93
C CYS A 14 -4.46 -9.22 -4.95
N PRO A 15 -5.72 -9.06 -4.52
CA PRO A 15 -6.78 -8.54 -5.38
C PRO A 15 -6.92 -7.03 -5.30
N TYR A 16 -5.80 -6.37 -5.08
CA TYR A 16 -5.77 -4.92 -4.98
C TYR A 16 -6.40 -4.26 -6.19
N THR A 17 -6.95 -3.08 -5.97
CA THR A 17 -7.59 -2.32 -7.05
C THR A 17 -6.67 -1.24 -7.58
N LYS A 18 -7.04 -0.66 -8.72
CA LYS A 18 -6.24 0.39 -9.34
C LYS A 18 -6.23 1.64 -8.48
N TYR A 19 -7.31 1.83 -7.72
CA TYR A 19 -7.42 2.99 -6.84
C TYR A 19 -6.41 2.92 -5.70
N GLN A 20 -6.31 1.75 -5.10
CA GLN A 20 -5.39 1.53 -3.99
C GLN A 20 -3.96 1.89 -4.38
N THR A 21 -3.47 1.28 -5.46
CA THR A 21 -2.12 1.55 -5.94
C THR A 21 -1.99 2.96 -6.51
N LEU A 22 -3.12 3.54 -6.88
CA LEU A 22 -3.15 4.89 -7.44
C LEU A 22 -2.61 5.92 -6.44
N GLU A 23 -3.11 5.87 -5.21
CA GLU A 23 -2.68 6.81 -4.17
C GLU A 23 -1.25 6.52 -3.71
N LEU A 24 -0.93 5.24 -3.59
CA LEU A 24 0.41 4.84 -3.15
C LEU A 24 1.48 5.18 -4.18
N GLU A 25 1.12 5.13 -5.46
CA GLU A 25 2.07 5.43 -6.53
C GLU A 25 2.25 6.93 -6.72
N LYS A 26 1.16 7.69 -6.62
CA LYS A 26 1.21 9.13 -6.80
C LYS A 26 2.19 9.78 -5.82
N GLU A 27 2.24 9.25 -4.60
CA GLU A 27 3.12 9.81 -3.58
C GLU A 27 4.54 9.25 -3.72
N PHE A 28 4.63 7.98 -4.12
CA PHE A 28 5.93 7.33 -4.30
C PHE A 28 6.86 8.15 -5.19
N LEU A 29 6.28 9.01 -6.02
CA LEU A 29 7.07 9.83 -6.94
C LEU A 29 7.75 10.98 -6.24
N PHE A 30 6.96 11.87 -5.67
CA PHE A 30 7.47 13.04 -4.97
C PHE A 30 7.36 12.89 -3.46
N ASN A 31 6.14 12.64 -3.00
CA ASN A 31 5.86 12.50 -1.58
C ASN A 31 6.28 11.14 -1.05
N MET A 32 7.57 10.87 -1.09
CA MET A 32 8.12 9.60 -0.61
C MET A 32 7.82 9.43 0.87
N TYR A 33 7.71 10.55 1.58
CA TYR A 33 7.42 10.53 3.01
C TYR A 33 6.27 11.49 3.32
N LEU A 34 5.14 10.93 3.76
CA LEU A 34 3.96 11.72 4.07
C LEU A 34 3.95 12.18 5.52
N THR A 35 2.95 12.97 5.87
CA THR A 35 2.80 13.49 7.22
C THR A 35 1.47 13.05 7.82
N ARG A 36 1.17 13.51 9.03
CA ARG A 36 -0.07 13.15 9.69
C ARG A 36 -1.27 13.59 8.86
N ASP A 37 -1.14 14.75 8.23
CA ASP A 37 -2.20 15.30 7.39
C ASP A 37 -2.43 14.43 6.15
N ARG A 38 -1.38 14.23 5.37
CA ARG A 38 -1.47 13.42 4.16
C ARG A 38 -1.97 12.02 4.49
N ARG A 39 -1.36 11.39 5.48
CA ARG A 39 -1.74 10.04 5.88
C ARG A 39 -3.24 9.94 6.13
N TYR A 40 -3.84 11.04 6.59
CA TYR A 40 -5.26 11.07 6.88
C TYR A 40 -6.09 11.08 5.60
N GLU A 41 -5.87 12.08 4.76
CA GLU A 41 -6.62 12.22 3.51
C GLU A 41 -6.46 10.98 2.63
N VAL A 42 -5.23 10.50 2.49
CA VAL A 42 -4.96 9.32 1.67
C VAL A 42 -5.59 8.08 2.28
N ALA A 43 -5.84 8.12 3.59
CA ALA A 43 -6.45 6.99 4.29
C ALA A 43 -7.97 7.01 4.13
N ARG A 44 -8.51 8.20 3.89
CA ARG A 44 -9.94 8.36 3.72
C ARG A 44 -10.40 7.91 2.34
N VAL A 45 -9.52 8.10 1.35
CA VAL A 45 -9.82 7.70 -0.02
C VAL A 45 -9.44 6.25 -0.28
N LEU A 46 -8.47 5.75 0.47
CA LEU A 46 -8.02 4.37 0.33
C LEU A 46 -8.72 3.46 1.32
N ASN A 47 -9.51 4.05 2.20
CA ASN A 47 -10.26 3.29 3.21
C ASN A 47 -9.30 2.51 4.11
N LEU A 48 -8.13 3.08 4.36
CA LEU A 48 -7.12 2.44 5.20
C LEU A 48 -6.86 3.25 6.45
N THR A 49 -5.97 2.75 7.31
CA THR A 49 -5.64 3.45 8.54
C THR A 49 -4.44 4.37 8.34
N GLU A 50 -4.43 5.50 9.03
CA GLU A 50 -3.34 6.46 8.92
C GLU A 50 -2.00 5.79 9.14
N ARG A 51 -1.86 5.12 10.28
CA ARG A 51 -0.62 4.43 10.62
C ARG A 51 -0.33 3.33 9.61
N GLN A 52 -1.38 2.69 9.11
CA GLN A 52 -1.23 1.61 8.14
C GLN A 52 -0.47 2.08 6.91
N VAL A 53 -0.64 3.36 6.56
CA VAL A 53 0.03 3.93 5.39
C VAL A 53 1.54 3.85 5.52
N LYS A 54 2.08 4.47 6.56
CA LYS A 54 3.53 4.48 6.79
C LYS A 54 4.05 3.07 7.04
N ILE A 55 3.26 2.27 7.76
CA ILE A 55 3.66 0.89 8.07
C ILE A 55 3.68 0.04 6.81
N TRP A 56 2.84 0.40 5.84
CA TRP A 56 2.76 -0.34 4.58
C TRP A 56 4.06 -0.20 3.79
N PHE A 57 4.51 1.04 3.60
CA PHE A 57 5.73 1.30 2.87
C PHE A 57 6.95 0.77 3.62
N GLN A 58 6.94 0.93 4.94
CA GLN A 58 8.04 0.48 5.79
C GLN A 58 8.28 -1.03 5.60
N ASN A 59 7.24 -1.82 5.76
CA ASN A 59 7.33 -3.27 5.62
C ASN A 59 7.91 -3.64 4.26
N ARG A 60 7.38 -3.03 3.21
CA ARG A 60 7.84 -3.30 1.85
C ARG A 60 9.35 -3.06 1.72
N ARG A 61 9.87 -2.18 2.58
CA ARG A 61 11.30 -1.86 2.54
C ARG A 61 12.12 -2.91 3.30
N MET A 62 11.54 -3.43 4.39
CA MET A 62 12.21 -4.43 5.21
C MET A 62 12.60 -5.65 4.37
N LYS A 63 11.62 -6.17 3.62
CA LYS A 63 11.86 -7.34 2.78
C LYS A 63 12.97 -7.06 1.77
N MET A 64 13.00 -5.83 1.26
CA MET A 64 14.01 -5.44 0.29
C MET A 64 15.36 -5.17 0.96
N LYS A 65 15.32 -5.01 2.28
CA LYS A 65 16.53 -4.75 3.06
C LYS A 65 17.24 -6.05 3.41
N LYS A 66 16.60 -7.18 3.14
CA LYS A 66 17.20 -8.48 3.43
C LYS A 66 17.88 -9.05 2.20
N MET A 67 17.30 -8.79 1.03
CA MET A 67 17.85 -9.27 -0.24
C MET A 67 17.18 -8.58 -1.41
N ASN A 68 17.47 -9.07 -2.62
CA ASN A 68 16.91 -8.49 -3.83
C ASN A 68 15.53 -9.10 -4.13
N ALA A 1 -8.44 -17.99 -28.32
CA ALA A 1 -7.87 -19.27 -27.83
C ALA A 1 -8.97 -20.19 -27.30
N ASN A 2 -8.73 -21.49 -27.37
CA ASN A 2 -9.69 -22.48 -26.90
C ASN A 2 -9.00 -23.82 -26.63
N TRP A 3 -8.24 -24.29 -27.61
CA TRP A 3 -7.53 -25.56 -27.47
C TRP A 3 -6.33 -25.61 -28.42
N ILE A 4 -6.46 -24.97 -29.57
CA ILE A 4 -5.40 -24.95 -30.57
C ILE A 4 -4.37 -23.87 -30.24
N HIS A 5 -4.83 -22.79 -29.61
CA HIS A 5 -3.94 -21.69 -29.25
C HIS A 5 -3.43 -21.85 -27.81
N ALA A 6 -4.36 -22.13 -26.90
CA ALA A 6 -4.00 -22.31 -25.50
C ALA A 6 -3.33 -21.07 -24.92
N ARG A 7 -2.81 -21.20 -23.69
CA ARG A 7 -2.14 -20.10 -23.02
C ARG A 7 -3.07 -18.91 -22.85
N SER A 8 -3.67 -18.80 -21.67
CA SER A 8 -4.59 -17.71 -21.37
C SER A 8 -4.69 -17.47 -19.87
N THR A 9 -4.52 -18.54 -19.09
CA THR A 9 -4.59 -18.45 -17.64
C THR A 9 -3.23 -18.11 -17.04
N ARG A 10 -3.12 -16.91 -16.48
CA ARG A 10 -1.88 -16.45 -15.87
C ARG A 10 -2.05 -16.30 -14.36
N LYS A 11 -0.93 -16.13 -13.67
CA LYS A 11 -0.95 -15.99 -12.22
C LYS A 11 -1.39 -14.58 -11.82
N LYS A 12 -1.59 -14.37 -10.52
CA LYS A 12 -2.01 -13.07 -10.01
C LYS A 12 -0.89 -12.04 -10.14
N ARG A 13 -1.01 -11.17 -11.13
CA ARG A 13 -0.01 -10.12 -11.36
C ARG A 13 -0.35 -8.87 -10.56
N CYS A 14 -1.57 -8.37 -10.76
CA CYS A 14 -2.03 -7.18 -10.06
C CYS A 14 -3.55 -7.18 -9.95
N PRO A 15 -4.11 -7.90 -8.97
CA PRO A 15 -5.55 -7.99 -8.77
C PRO A 15 -6.09 -6.82 -7.97
N TYR A 16 -5.37 -5.72 -8.02
CA TYR A 16 -5.74 -4.51 -7.31
C TYR A 16 -6.70 -3.68 -8.13
N THR A 17 -7.22 -2.62 -7.52
CA THR A 17 -8.16 -1.73 -8.20
C THR A 17 -7.45 -0.47 -8.70
N LYS A 18 -8.13 0.29 -9.55
CA LYS A 18 -7.56 1.51 -10.10
C LYS A 18 -7.45 2.60 -9.04
N TYR A 19 -8.37 2.58 -8.08
CA TYR A 19 -8.38 3.58 -7.00
C TYR A 19 -7.21 3.39 -6.06
N GLN A 20 -7.01 2.14 -5.61
CA GLN A 20 -5.92 1.83 -4.69
C GLN A 20 -4.58 2.26 -5.26
N THR A 21 -4.26 1.78 -6.47
CA THR A 21 -3.01 2.11 -7.12
C THR A 21 -2.90 3.60 -7.43
N LEU A 22 -4.05 4.26 -7.55
CA LEU A 22 -4.08 5.69 -7.85
C LEU A 22 -3.42 6.51 -6.76
N GLU A 23 -3.69 6.15 -5.50
CA GLU A 23 -3.12 6.87 -4.37
C GLU A 23 -1.70 6.39 -4.04
N LEU A 24 -1.53 5.07 -4.00
CA LEU A 24 -0.23 4.48 -3.68
C LEU A 24 0.85 4.93 -4.68
N GLU A 25 0.47 5.12 -5.93
CA GLU A 25 1.43 5.53 -6.96
C GLU A 25 1.90 6.97 -6.71
N LYS A 26 1.03 7.80 -6.17
CA LYS A 26 1.36 9.19 -5.89
C LYS A 26 2.53 9.27 -4.91
N GLU A 27 2.46 8.48 -3.85
CA GLU A 27 3.51 8.48 -2.83
C GLU A 27 4.66 7.56 -3.24
N PHE A 28 4.36 6.55 -4.04
CA PHE A 28 5.37 5.60 -4.52
C PHE A 28 6.54 6.32 -5.18
N LEU A 29 6.30 7.55 -5.62
CA LEU A 29 7.33 8.34 -6.28
C LEU A 29 8.50 8.63 -5.35
N PHE A 30 8.20 9.28 -4.25
CA PHE A 30 9.21 9.63 -3.26
C PHE A 30 9.13 8.72 -2.05
N ASN A 31 7.94 8.67 -1.47
CA ASN A 31 7.67 7.85 -0.28
C ASN A 31 8.83 7.84 0.72
N MET A 32 9.61 8.91 0.72
CA MET A 32 10.74 9.01 1.63
C MET A 32 10.29 9.46 3.01
N TYR A 33 9.12 10.12 3.05
CA TYR A 33 8.55 10.62 4.29
C TYR A 33 7.28 11.42 4.01
N LEU A 34 6.27 11.25 4.86
CA LEU A 34 5.01 11.96 4.70
C LEU A 34 4.55 12.58 6.01
N THR A 35 3.47 13.35 5.94
CA THR A 35 2.93 14.01 7.13
C THR A 35 1.53 13.51 7.43
N ARG A 36 1.07 13.78 8.65
CA ARG A 36 -0.26 13.35 9.08
C ARG A 36 -1.34 13.90 8.16
N ASP A 37 -1.05 15.04 7.53
CA ASP A 37 -2.00 15.68 6.63
C ASP A 37 -2.27 14.79 5.41
N ARG A 38 -1.22 14.25 4.83
CA ARG A 38 -1.35 13.38 3.66
C ARG A 38 -1.82 11.99 4.05
N ARG A 39 -1.12 11.39 5.02
CA ARG A 39 -1.45 10.05 5.50
C ARG A 39 -2.93 9.95 5.87
N TYR A 40 -3.51 11.06 6.31
CA TYR A 40 -4.92 11.09 6.71
C TYR A 40 -5.85 11.10 5.50
N GLU A 41 -5.68 12.10 4.64
CA GLU A 41 -6.53 12.23 3.45
C GLU A 41 -6.46 10.98 2.58
N VAL A 42 -5.26 10.44 2.40
CA VAL A 42 -5.07 9.25 1.59
C VAL A 42 -5.65 8.01 2.27
N ALA A 43 -5.74 8.06 3.60
CA ALA A 43 -6.28 6.94 4.36
C ALA A 43 -7.80 6.95 4.34
N ARG A 44 -8.38 8.14 4.19
CA ARG A 44 -9.82 8.28 4.16
C ARG A 44 -10.39 7.82 2.83
N VAL A 45 -9.61 7.97 1.77
CA VAL A 45 -10.04 7.57 0.44
C VAL A 45 -9.71 6.12 0.15
N LEU A 46 -8.63 5.63 0.75
CA LEU A 46 -8.21 4.25 0.57
C LEU A 46 -8.81 3.34 1.63
N ASN A 47 -9.65 3.91 2.49
CA ASN A 47 -10.29 3.16 3.56
C ASN A 47 -9.26 2.52 4.48
N LEU A 48 -8.12 3.18 4.60
CA LEU A 48 -7.03 2.69 5.44
C LEU A 48 -6.80 3.61 6.63
N THR A 49 -5.84 3.27 7.47
CA THR A 49 -5.51 4.08 8.64
C THR A 49 -4.20 4.82 8.43
N GLU A 50 -4.08 6.00 9.04
CA GLU A 50 -2.87 6.82 8.92
C GLU A 50 -1.61 6.01 9.22
N ARG A 51 -1.75 5.04 10.12
CA ARG A 51 -0.63 4.19 10.51
C ARG A 51 -0.46 3.02 9.55
N GLN A 52 -1.57 2.30 9.33
CA GLN A 52 -1.57 1.13 8.45
C GLN A 52 -0.89 1.41 7.12
N VAL A 53 -1.21 2.54 6.50
CA VAL A 53 -0.62 2.89 5.20
C VAL A 53 0.89 3.12 5.30
N LYS A 54 1.33 3.81 6.35
CA LYS A 54 2.75 4.09 6.54
C LYS A 54 3.52 2.81 6.81
N ILE A 55 3.07 2.04 7.80
CA ILE A 55 3.71 0.78 8.15
C ILE A 55 3.71 -0.17 6.96
N TRP A 56 2.71 -0.01 6.09
CA TRP A 56 2.57 -0.84 4.90
C TRP A 56 3.81 -0.74 4.02
N PHE A 57 4.18 0.48 3.66
CA PHE A 57 5.35 0.72 2.81
C PHE A 57 6.64 0.37 3.56
N GLN A 58 6.69 0.72 4.84
CA GLN A 58 7.86 0.44 5.66
C GLN A 58 8.26 -1.03 5.58
N ASN A 59 7.32 -1.92 5.85
CA ASN A 59 7.58 -3.36 5.79
C ASN A 59 8.12 -3.77 4.43
N ARG A 60 7.49 -3.28 3.37
CA ARG A 60 7.91 -3.60 2.00
C ARG A 60 9.38 -3.27 1.79
N ARG A 61 9.91 -2.35 2.60
CA ARG A 61 11.31 -1.95 2.48
C ARG A 61 12.23 -2.91 3.21
N MET A 62 11.86 -3.28 4.44
CA MET A 62 12.66 -4.19 5.25
C MET A 62 13.05 -5.45 4.50
N LYS A 63 12.05 -6.13 3.91
CA LYS A 63 12.29 -7.35 3.16
C LYS A 63 13.30 -7.12 2.03
N MET A 64 13.29 -5.92 1.48
CA MET A 64 14.20 -5.56 0.39
C MET A 64 15.57 -5.17 0.94
N LYS A 65 15.60 -4.79 2.22
CA LYS A 65 16.84 -4.40 2.88
C LYS A 65 17.62 -5.62 3.35
N LYS A 66 17.01 -6.79 3.23
CA LYS A 66 17.66 -8.03 3.64
C LYS A 66 18.54 -8.58 2.53
N MET A 67 18.60 -7.86 1.41
CA MET A 67 19.40 -8.28 0.27
C MET A 67 20.21 -7.11 -0.28
N ASN A 68 19.73 -5.89 -0.02
CA ASN A 68 20.40 -4.68 -0.49
C ASN A 68 21.54 -4.30 0.46
N ALA A 1 -11.05 -27.89 5.37
CA ALA A 1 -11.55 -28.50 4.11
C ALA A 1 -12.97 -28.02 3.80
N ASN A 2 -13.58 -27.36 4.77
CA ASN A 2 -14.94 -26.85 4.60
C ASN A 2 -14.99 -25.77 3.53
N TRP A 3 -16.19 -25.28 3.24
CA TRP A 3 -16.36 -24.24 2.23
C TRP A 3 -16.53 -22.87 2.88
N ILE A 4 -16.36 -22.82 4.20
CA ILE A 4 -16.49 -21.58 4.95
C ILE A 4 -15.15 -21.17 5.56
N HIS A 5 -14.29 -22.15 5.82
CA HIS A 5 -12.98 -21.88 6.39
C HIS A 5 -11.87 -22.13 5.37
N ALA A 6 -12.12 -23.07 4.46
CA ALA A 6 -11.16 -23.40 3.41
C ALA A 6 -9.87 -23.97 4.01
N ARG A 7 -8.96 -24.37 3.14
CA ARG A 7 -7.68 -24.93 3.57
C ARG A 7 -6.60 -23.84 3.60
N SER A 8 -6.38 -23.21 2.46
CA SER A 8 -5.37 -22.16 2.34
C SER A 8 -5.98 -20.80 2.67
N THR A 9 -5.16 -19.90 3.20
CA THR A 9 -5.62 -18.57 3.56
C THR A 9 -5.92 -17.74 2.30
N ARG A 10 -7.15 -17.24 2.21
CA ARG A 10 -7.57 -16.43 1.07
C ARG A 10 -7.33 -17.18 -0.25
N LYS A 11 -7.56 -16.49 -1.36
CA LYS A 11 -7.38 -17.08 -2.68
C LYS A 11 -6.45 -16.22 -3.53
N LYS A 12 -6.69 -14.91 -3.51
CA LYS A 12 -5.88 -13.98 -4.28
C LYS A 12 -4.73 -13.43 -3.45
N ARG A 13 -3.72 -12.90 -4.12
CA ARG A 13 -2.56 -12.34 -3.43
C ARG A 13 -2.63 -10.82 -3.41
N CYS A 14 -2.99 -10.22 -4.54
CA CYS A 14 -3.09 -8.76 -4.65
C CYS A 14 -4.21 -8.38 -5.62
N PRO A 15 -5.47 -8.52 -5.19
CA PRO A 15 -6.63 -8.19 -6.02
C PRO A 15 -7.10 -6.75 -5.84
N TYR A 16 -6.15 -5.89 -5.55
CA TYR A 16 -6.43 -4.48 -5.34
C TYR A 16 -7.06 -3.85 -6.57
N THR A 17 -7.70 -2.71 -6.38
CA THR A 17 -8.35 -1.99 -7.47
C THR A 17 -7.47 -0.84 -7.95
N LYS A 18 -7.91 -0.17 -9.02
CA LYS A 18 -7.16 0.95 -9.58
C LYS A 18 -7.06 2.09 -8.57
N TYR A 19 -8.05 2.21 -7.71
CA TYR A 19 -8.08 3.27 -6.71
C TYR A 19 -7.04 3.05 -5.62
N GLN A 20 -7.02 1.84 -5.06
CA GLN A 20 -6.08 1.51 -4.01
C GLN A 20 -4.64 1.70 -4.47
N THR A 21 -4.30 1.12 -5.61
CA THR A 21 -2.95 1.23 -6.16
C THR A 21 -2.62 2.66 -6.57
N LEU A 22 -3.65 3.44 -6.86
CA LEU A 22 -3.47 4.83 -7.27
C LEU A 22 -2.80 5.65 -6.17
N GLU A 23 -3.35 5.58 -4.96
CA GLU A 23 -2.81 6.32 -3.83
C GLU A 23 -1.43 5.81 -3.43
N LEU A 24 -1.28 4.49 -3.39
CA LEU A 24 -0.01 3.87 -3.01
C LEU A 24 1.11 4.23 -3.98
N GLU A 25 0.80 4.27 -5.27
CA GLU A 25 1.80 4.59 -6.28
C GLU A 25 2.11 6.09 -6.27
N LYS A 26 1.13 6.89 -5.85
CA LYS A 26 1.28 8.34 -5.78
C LYS A 26 2.44 8.71 -4.85
N GLU A 27 2.55 7.99 -3.74
CA GLU A 27 3.62 8.26 -2.78
C GLU A 27 4.90 7.53 -3.16
N PHE A 28 4.76 6.50 -4.00
CA PHE A 28 5.91 5.73 -4.44
C PHE A 28 6.85 6.58 -5.28
N LEU A 29 6.30 7.64 -5.87
CA LEU A 29 7.08 8.55 -6.70
C LEU A 29 8.10 9.33 -5.90
N PHE A 30 7.60 10.11 -4.96
CA PHE A 30 8.44 10.95 -4.11
C PHE A 30 9.24 10.11 -3.11
N ASN A 31 8.54 9.29 -2.35
CA ASN A 31 9.16 8.43 -1.35
C ASN A 31 9.87 9.27 -0.27
N MET A 32 9.55 10.56 -0.25
CA MET A 32 10.14 11.47 0.72
C MET A 32 9.49 11.32 2.09
N TYR A 33 8.64 10.30 2.22
CA TYR A 33 7.93 10.03 3.46
C TYR A 33 6.88 11.09 3.73
N LEU A 34 5.62 10.73 3.52
CA LEU A 34 4.51 11.65 3.72
C LEU A 34 4.42 12.12 5.18
N THR A 35 3.42 12.94 5.46
CA THR A 35 3.21 13.48 6.81
C THR A 35 1.86 13.07 7.37
N ARG A 36 1.58 13.48 8.60
CA ARG A 36 0.31 13.16 9.24
C ARG A 36 -0.86 13.64 8.39
N ASP A 37 -0.70 14.81 7.79
CA ASP A 37 -1.74 15.38 6.93
C ASP A 37 -2.05 14.45 5.77
N ARG A 38 -1.02 14.04 5.05
CA ARG A 38 -1.19 13.14 3.91
C ARG A 38 -1.79 11.81 4.36
N ARG A 39 -1.22 11.24 5.43
CA ARG A 39 -1.69 9.98 5.97
C ARG A 39 -3.20 10.02 6.21
N TYR A 40 -3.70 11.20 6.52
CA TYR A 40 -5.12 11.38 6.79
C TYR A 40 -5.96 11.41 5.52
N GLU A 41 -5.62 12.29 4.59
CA GLU A 41 -6.36 12.42 3.34
C GLU A 41 -6.31 11.13 2.51
N VAL A 42 -5.13 10.54 2.41
CA VAL A 42 -4.95 9.32 1.64
C VAL A 42 -5.66 8.14 2.29
N ALA A 43 -5.79 8.19 3.62
CA ALA A 43 -6.46 7.11 4.34
C ALA A 43 -7.98 7.23 4.24
N ARG A 44 -8.46 8.45 4.05
CA ARG A 44 -9.89 8.70 3.92
C ARG A 44 -10.41 8.20 2.58
N VAL A 45 -9.57 8.23 1.56
CA VAL A 45 -9.95 7.78 0.24
C VAL A 45 -9.68 6.29 0.07
N LEU A 46 -8.73 5.78 0.83
CA LEU A 46 -8.37 4.37 0.77
C LEU A 46 -9.15 3.56 1.81
N ASN A 47 -9.85 4.27 2.69
CA ASN A 47 -10.65 3.63 3.74
C ASN A 47 -9.77 2.80 4.66
N LEU A 48 -8.55 3.29 4.88
CA LEU A 48 -7.59 2.60 5.74
C LEU A 48 -7.19 3.49 6.91
N THR A 49 -6.34 2.97 7.79
CA THR A 49 -5.87 3.73 8.94
C THR A 49 -4.59 4.51 8.60
N GLU A 50 -4.41 5.65 9.25
CA GLU A 50 -3.25 6.49 9.01
C GLU A 50 -1.96 5.70 9.23
N ARG A 51 -1.97 4.79 10.18
CA ARG A 51 -0.81 3.98 10.50
C ARG A 51 -0.61 2.88 9.47
N GLN A 52 -1.71 2.35 8.94
CA GLN A 52 -1.65 1.28 7.95
C GLN A 52 -0.94 1.74 6.68
N VAL A 53 -1.01 3.04 6.39
CA VAL A 53 -0.37 3.59 5.20
C VAL A 53 1.16 3.64 5.36
N LYS A 54 1.61 4.26 6.44
CA LYS A 54 3.04 4.38 6.70
C LYS A 54 3.70 3.02 6.89
N ILE A 55 3.05 2.14 7.65
CA ILE A 55 3.57 0.81 7.90
C ILE A 55 3.67 0.00 6.61
N TRP A 56 2.81 0.31 5.64
CA TRP A 56 2.80 -0.41 4.37
C TRP A 56 4.09 -0.16 3.60
N PHE A 57 4.40 1.11 3.35
CA PHE A 57 5.61 1.47 2.62
C PHE A 57 6.86 1.05 3.38
N GLN A 58 6.80 1.13 4.70
CA GLN A 58 7.94 0.75 5.54
C GLN A 58 8.32 -0.71 5.31
N ASN A 59 7.35 -1.60 5.48
CA ASN A 59 7.57 -3.02 5.30
C ASN A 59 8.23 -3.32 3.96
N ARG A 60 7.71 -2.68 2.91
CA ARG A 60 8.25 -2.88 1.56
C ARG A 60 9.72 -2.47 1.49
N ARG A 61 10.13 -1.58 2.38
CA ARG A 61 11.51 -1.11 2.41
C ARG A 61 12.41 -2.06 3.21
N MET A 62 12.08 -2.25 4.49
CA MET A 62 12.87 -3.11 5.38
C MET A 62 12.91 -4.55 4.87
N LYS A 63 11.88 -4.99 4.16
CA LYS A 63 11.84 -6.36 3.65
C LYS A 63 13.03 -6.61 2.72
N MET A 64 13.40 -5.59 1.96
CA MET A 64 14.52 -5.70 1.04
C MET A 64 15.83 -5.39 1.75
N LYS A 65 15.71 -4.85 2.96
CA LYS A 65 16.88 -4.50 3.77
C LYS A 65 17.18 -5.58 4.79
N LYS A 66 16.50 -6.72 4.67
CA LYS A 66 16.70 -7.83 5.59
C LYS A 66 17.88 -8.69 5.16
N MET A 67 18.11 -8.77 3.86
CA MET A 67 19.20 -9.57 3.32
C MET A 67 20.34 -8.68 2.83
N ASN A 68 21.57 -9.07 3.13
CA ASN A 68 22.74 -8.30 2.72
C ASN A 68 23.30 -8.83 1.40
N ALA A 1 -14.94 -23.48 0.61
CA ALA A 1 -15.57 -24.37 -0.39
C ALA A 1 -15.78 -23.65 -1.72
N ASN A 2 -15.94 -22.33 -1.65
CA ASN A 2 -16.13 -21.52 -2.84
C ASN A 2 -15.33 -20.23 -2.75
N TRP A 3 -15.64 -19.27 -3.61
CA TRP A 3 -14.93 -17.99 -3.62
C TRP A 3 -15.89 -16.84 -3.33
N ILE A 4 -17.11 -17.18 -2.93
CA ILE A 4 -18.12 -16.17 -2.61
C ILE A 4 -18.37 -16.09 -1.11
N HIS A 5 -18.39 -17.25 -0.45
CA HIS A 5 -18.62 -17.29 0.99
C HIS A 5 -17.31 -17.42 1.74
N ALA A 6 -16.25 -17.85 1.04
CA ALA A 6 -14.94 -18.01 1.66
C ALA A 6 -14.38 -16.67 2.13
N ARG A 7 -14.29 -16.49 3.44
CA ARG A 7 -13.77 -15.26 4.02
C ARG A 7 -12.27 -15.34 4.21
N SER A 8 -11.70 -16.50 3.93
CA SER A 8 -10.26 -16.71 4.07
C SER A 8 -9.65 -17.28 2.79
N THR A 9 -8.91 -16.44 2.07
CA THR A 9 -8.27 -16.86 0.82
C THR A 9 -7.31 -15.79 0.32
N ARG A 10 -6.36 -16.22 -0.50
CA ARG A 10 -5.36 -15.31 -1.06
C ARG A 10 -4.98 -15.72 -2.47
N LYS A 11 -4.75 -14.73 -3.34
CA LYS A 11 -4.39 -15.00 -4.73
C LYS A 11 -3.79 -13.74 -5.38
N LYS A 12 -2.84 -13.96 -6.28
CA LYS A 12 -2.18 -12.86 -6.98
C LYS A 12 -1.41 -11.96 -6.03
N ARG A 13 -0.37 -11.32 -6.55
CA ARG A 13 0.47 -10.42 -5.75
C ARG A 13 0.07 -8.97 -6.00
N CYS A 14 -0.84 -8.77 -6.94
CA CYS A 14 -1.32 -7.43 -7.29
C CYS A 14 -2.82 -7.44 -7.55
N PRO A 15 -3.63 -8.00 -6.63
CA PRO A 15 -5.08 -8.06 -6.79
C PRO A 15 -5.77 -6.79 -6.30
N TYR A 16 -5.03 -5.71 -6.30
CA TYR A 16 -5.54 -4.43 -5.87
C TYR A 16 -6.31 -3.74 -6.99
N THR A 17 -7.20 -2.83 -6.62
CA THR A 17 -8.00 -2.10 -7.59
C THR A 17 -7.27 -0.86 -8.10
N LYS A 18 -7.77 -0.27 -9.18
CA LYS A 18 -7.17 0.92 -9.77
C LYS A 18 -7.07 2.06 -8.76
N TYR A 19 -8.05 2.15 -7.87
CA TYR A 19 -8.09 3.19 -6.86
C TYR A 19 -6.98 3.00 -5.83
N GLN A 20 -6.90 1.80 -5.27
CA GLN A 20 -5.89 1.48 -4.26
C GLN A 20 -4.48 1.78 -4.78
N THR A 21 -4.21 1.36 -6.00
CA THR A 21 -2.89 1.58 -6.60
C THR A 21 -2.71 3.04 -7.01
N LEU A 22 -3.81 3.73 -7.24
CA LEU A 22 -3.78 5.14 -7.64
C LEU A 22 -3.10 6.00 -6.57
N GLU A 23 -3.34 5.68 -5.31
CA GLU A 23 -2.76 6.43 -4.20
C GLU A 23 -1.33 5.97 -3.93
N LEU A 24 -1.14 4.66 -3.87
CA LEU A 24 0.17 4.09 -3.61
C LEU A 24 1.19 4.47 -4.67
N GLU A 25 0.72 4.66 -5.91
CA GLU A 25 1.62 5.02 -7.01
C GLU A 25 2.06 6.47 -6.89
N LYS A 26 1.20 7.31 -6.32
CA LYS A 26 1.51 8.72 -6.15
C LYS A 26 2.75 8.90 -5.26
N GLU A 27 2.80 8.15 -4.18
CA GLU A 27 3.94 8.22 -3.26
C GLU A 27 5.08 7.34 -3.74
N PHE A 28 4.74 6.24 -4.41
CA PHE A 28 5.73 5.30 -4.94
C PHE A 28 6.81 6.04 -5.73
N LEU A 29 6.47 7.23 -6.21
CA LEU A 29 7.40 8.02 -7.01
C LEU A 29 8.65 8.37 -6.21
N PHE A 30 8.45 9.12 -5.15
CA PHE A 30 9.54 9.55 -4.29
C PHE A 30 9.55 8.78 -2.97
N ASN A 31 8.41 8.79 -2.30
CA ASN A 31 8.24 8.12 -1.00
C ASN A 31 9.49 8.22 -0.13
N MET A 32 10.25 9.29 -0.29
CA MET A 32 11.46 9.48 0.50
C MET A 32 11.11 9.95 1.90
N TYR A 33 9.97 10.61 2.02
CA TYR A 33 9.51 11.13 3.31
C TYR A 33 8.08 11.65 3.18
N LEU A 34 7.29 11.45 4.23
CA LEU A 34 5.90 11.90 4.23
C LEU A 34 5.55 12.59 5.54
N THR A 35 4.35 13.16 5.59
CA THR A 35 3.87 13.85 6.78
C THR A 35 2.60 13.22 7.32
N ARG A 36 2.18 13.65 8.50
CA ARG A 36 0.96 13.13 9.12
C ARG A 36 -0.25 13.45 8.28
N ASP A 37 -0.24 14.63 7.67
CA ASP A 37 -1.35 15.08 6.81
C ASP A 37 -1.56 14.11 5.65
N ARG A 38 -0.46 13.58 5.12
CA ARG A 38 -0.52 12.65 4.00
C ARG A 38 -1.13 11.32 4.42
N ARG A 39 -0.58 10.74 5.48
CA ARG A 39 -1.07 9.45 5.99
C ARG A 39 -2.59 9.49 6.22
N TYR A 40 -3.08 10.67 6.62
CA TYR A 40 -4.49 10.85 6.89
C TYR A 40 -5.32 10.91 5.61
N GLU A 41 -5.01 11.87 4.76
CA GLU A 41 -5.75 12.05 3.51
C GLU A 41 -5.78 10.77 2.68
N VAL A 42 -4.64 10.09 2.60
CA VAL A 42 -4.55 8.85 1.83
C VAL A 42 -5.30 7.72 2.53
N ALA A 43 -5.49 7.86 3.84
CA ALA A 43 -6.18 6.85 4.63
C ALA A 43 -7.69 7.02 4.52
N ARG A 44 -8.12 8.26 4.26
CA ARG A 44 -9.53 8.57 4.13
C ARG A 44 -10.05 8.19 2.76
N VAL A 45 -9.18 8.25 1.75
CA VAL A 45 -9.56 7.92 0.39
C VAL A 45 -9.40 6.43 0.12
N LEU A 46 -8.39 5.83 0.75
CA LEU A 46 -8.12 4.41 0.57
C LEU A 46 -8.90 3.56 1.57
N ASN A 47 -9.71 4.24 2.39
CA ASN A 47 -10.53 3.55 3.39
C ASN A 47 -9.65 2.77 4.37
N LEU A 48 -8.46 3.29 4.62
CA LEU A 48 -7.51 2.64 5.54
C LEU A 48 -7.23 3.56 6.73
N THR A 49 -6.40 3.08 7.64
CA THR A 49 -6.03 3.86 8.83
C THR A 49 -4.66 4.50 8.65
N GLU A 50 -4.41 5.57 9.40
CA GLU A 50 -3.13 6.28 9.32
C GLU A 50 -1.96 5.33 9.54
N ARG A 51 -2.17 4.33 10.39
CA ARG A 51 -1.14 3.34 10.69
C ARG A 51 -1.10 2.24 9.63
N GLN A 52 -2.25 1.98 9.01
CA GLN A 52 -2.33 0.95 7.98
C GLN A 52 -1.54 1.34 6.74
N VAL A 53 -1.55 2.63 6.41
CA VAL A 53 -0.83 3.14 5.25
C VAL A 53 0.65 3.27 5.55
N LYS A 54 0.97 3.72 6.76
CA LYS A 54 2.36 3.89 7.19
C LYS A 54 3.06 2.54 7.25
N ILE A 55 2.43 1.58 7.89
CA ILE A 55 3.00 0.24 8.02
C ILE A 55 3.12 -0.43 6.66
N TRP A 56 2.25 -0.03 5.73
CA TRP A 56 2.27 -0.59 4.38
C TRP A 56 3.61 -0.31 3.70
N PHE A 57 3.97 0.97 3.61
CA PHE A 57 5.23 1.36 2.99
C PHE A 57 6.41 0.86 3.82
N GLN A 58 6.23 0.81 5.13
CA GLN A 58 7.28 0.35 6.03
C GLN A 58 7.68 -1.08 5.70
N ASN A 59 6.67 -1.94 5.51
CA ASN A 59 6.92 -3.34 5.18
C ASN A 59 7.72 -3.46 3.90
N ARG A 60 7.32 -2.70 2.89
CA ARG A 60 8.00 -2.70 1.59
C ARG A 60 9.46 -2.28 1.76
N ARG A 61 9.74 -1.56 2.84
CA ARG A 61 11.09 -1.09 3.11
C ARG A 61 11.93 -2.19 3.76
N MET A 62 11.32 -2.94 4.68
CA MET A 62 12.00 -4.03 5.37
C MET A 62 12.61 -5.01 4.39
N LYS A 63 11.84 -5.38 3.36
CA LYS A 63 12.31 -6.33 2.36
C LYS A 63 13.49 -5.75 1.58
N MET A 64 13.48 -4.43 1.39
CA MET A 64 14.56 -3.76 0.68
C MET A 64 15.76 -3.54 1.59
N LYS A 65 15.55 -3.69 2.89
CA LYS A 65 16.61 -3.52 3.87
C LYS A 65 17.43 -4.79 4.02
N LYS A 66 16.81 -5.93 3.73
CA LYS A 66 17.50 -7.22 3.83
C LYS A 66 17.95 -7.70 2.45
N MET A 67 17.36 -7.14 1.40
CA MET A 67 17.70 -7.52 0.04
C MET A 67 19.14 -7.13 -0.27
N ASN A 68 19.94 -8.11 -0.68
CA ASN A 68 21.34 -7.87 -1.01
C ASN A 68 21.47 -7.28 -2.40
N ALA A 1 -1.72 -20.96 -18.25
CA ALA A 1 -0.43 -21.00 -18.99
C ALA A 1 0.68 -20.36 -18.16
N ASN A 2 0.30 -19.40 -17.32
CA ASN A 2 1.27 -18.70 -16.47
C ASN A 2 2.33 -17.99 -17.30
N TRP A 3 2.11 -17.93 -18.62
CA TRP A 3 3.05 -17.28 -19.52
C TRP A 3 2.31 -16.57 -20.66
N ILE A 4 0.99 -16.68 -20.65
CA ILE A 4 0.17 -16.05 -21.69
C ILE A 4 -1.04 -15.35 -21.06
N HIS A 5 -1.56 -15.92 -20.00
CA HIS A 5 -2.72 -15.36 -19.31
C HIS A 5 -2.37 -14.95 -17.88
N ALA A 6 -1.79 -15.88 -17.12
CA ALA A 6 -1.40 -15.62 -15.74
C ALA A 6 -2.62 -15.23 -14.90
N ARG A 7 -3.15 -16.21 -14.15
CA ARG A 7 -4.31 -15.96 -13.30
C ARG A 7 -4.03 -16.35 -11.85
N SER A 8 -4.51 -15.54 -10.92
CA SER A 8 -4.31 -15.80 -9.50
C SER A 8 -5.17 -14.86 -8.65
N THR A 9 -5.97 -15.43 -7.76
CA THR A 9 -6.84 -14.66 -6.90
C THR A 9 -6.80 -15.18 -5.46
N ARG A 10 -6.09 -16.27 -5.26
CA ARG A 10 -5.97 -16.88 -3.93
C ARG A 10 -4.76 -16.33 -3.19
N LYS A 11 -5.01 -15.62 -2.09
CA LYS A 11 -3.95 -15.03 -1.29
C LYS A 11 -3.13 -14.02 -2.09
N LYS A 12 -2.16 -14.52 -2.86
CA LYS A 12 -1.31 -13.68 -3.68
C LYS A 12 -0.45 -12.75 -2.82
N ARG A 13 0.72 -12.37 -3.35
CA ARG A 13 1.63 -11.49 -2.62
C ARG A 13 1.09 -10.06 -2.58
N CYS A 14 0.77 -9.53 -3.76
CA CYS A 14 0.24 -8.17 -3.87
C CYS A 14 -0.89 -8.12 -4.90
N PRO A 15 -2.11 -8.54 -4.52
CA PRO A 15 -3.27 -8.54 -5.40
C PRO A 15 -4.07 -7.25 -5.28
N TYR A 16 -3.38 -6.17 -5.02
CA TYR A 16 -4.00 -4.86 -4.89
C TYR A 16 -4.77 -4.47 -6.14
N THR A 17 -5.65 -3.50 -6.00
CA THR A 17 -6.45 -3.01 -7.12
C THR A 17 -5.86 -1.73 -7.69
N LYS A 18 -6.39 -1.26 -8.82
CA LYS A 18 -5.91 -0.05 -9.47
C LYS A 18 -6.07 1.18 -8.57
N TYR A 19 -7.11 1.17 -7.74
CA TYR A 19 -7.37 2.30 -6.83
C TYR A 19 -6.36 2.34 -5.69
N GLN A 20 -6.21 1.22 -4.99
CA GLN A 20 -5.29 1.13 -3.88
C GLN A 20 -3.86 1.51 -4.30
N THR A 21 -3.46 1.07 -5.48
CA THR A 21 -2.13 1.35 -5.99
C THR A 21 -2.04 2.77 -6.54
N LEU A 22 -3.19 3.32 -6.93
CA LEU A 22 -3.25 4.67 -7.48
C LEU A 22 -2.71 5.69 -6.48
N GLU A 23 -3.10 5.54 -5.22
CA GLU A 23 -2.66 6.45 -4.16
C GLU A 23 -1.25 6.11 -3.69
N LEU A 24 -0.98 4.82 -3.52
CA LEU A 24 0.33 4.35 -3.06
C LEU A 24 1.42 4.70 -4.07
N GLU A 25 1.07 4.78 -5.34
CA GLU A 25 2.04 5.09 -6.38
C GLU A 25 2.32 6.59 -6.46
N LYS A 26 1.26 7.40 -6.37
CA LYS A 26 1.40 8.85 -6.45
C LYS A 26 2.46 9.36 -5.47
N GLU A 27 2.51 8.75 -4.29
CA GLU A 27 3.49 9.13 -3.28
C GLU A 27 4.82 8.40 -3.51
N PHE A 28 4.72 7.15 -3.94
CA PHE A 28 5.89 6.33 -4.22
C PHE A 28 6.84 7.06 -5.15
N LEU A 29 6.31 8.03 -5.89
CA LEU A 29 7.10 8.80 -6.85
C LEU A 29 8.22 9.57 -6.17
N PHE A 30 7.85 10.48 -5.30
CA PHE A 30 8.81 11.31 -4.61
C PHE A 30 9.02 10.90 -3.15
N ASN A 31 7.92 10.70 -2.43
CA ASN A 31 7.99 10.36 -1.02
C ASN A 31 8.83 11.37 -0.26
N MET A 32 8.76 12.63 -0.70
CA MET A 32 9.52 13.71 -0.09
C MET A 32 9.51 13.62 1.43
N TYR A 33 8.37 13.21 2.00
CA TYR A 33 8.22 13.10 3.44
C TYR A 33 6.81 12.65 3.80
N LEU A 34 6.69 11.82 4.83
CA LEU A 34 5.39 11.34 5.28
C LEU A 34 4.92 12.12 6.50
N THR A 35 3.82 12.85 6.34
CA THR A 35 3.26 13.65 7.42
C THR A 35 1.86 13.17 7.78
N ARG A 36 1.39 13.59 8.95
CA ARG A 36 0.06 13.24 9.42
C ARG A 36 -1.00 13.68 8.43
N ASP A 37 -0.82 14.88 7.89
CA ASP A 37 -1.76 15.45 6.93
C ASP A 37 -1.81 14.60 5.66
N ARG A 38 -0.72 13.90 5.37
CA ARG A 38 -0.65 13.05 4.19
C ARG A 38 -1.30 11.69 4.43
N ARG A 39 -0.88 11.03 5.51
CA ARG A 39 -1.43 9.73 5.86
C ARG A 39 -2.94 9.79 6.04
N TYR A 40 -3.43 10.96 6.45
CA TYR A 40 -4.85 11.17 6.68
C TYR A 40 -5.62 11.29 5.37
N GLU A 41 -5.22 12.23 4.54
CA GLU A 41 -5.89 12.45 3.24
C GLU A 41 -5.89 11.18 2.40
N VAL A 42 -4.77 10.47 2.39
CA VAL A 42 -4.66 9.25 1.62
C VAL A 42 -5.47 8.11 2.24
N ALA A 43 -5.74 8.25 3.54
CA ALA A 43 -6.51 7.23 4.26
C ALA A 43 -8.01 7.44 4.04
N ARG A 44 -8.38 8.69 3.80
CA ARG A 44 -9.77 9.04 3.58
C ARG A 44 -10.24 8.61 2.21
N VAL A 45 -9.32 8.61 1.25
CA VAL A 45 -9.62 8.22 -0.12
C VAL A 45 -9.44 6.72 -0.32
N LEU A 46 -8.54 6.14 0.46
CA LEU A 46 -8.26 4.71 0.37
C LEU A 46 -9.09 3.92 1.38
N ASN A 47 -9.85 4.63 2.20
CA ASN A 47 -10.68 4.00 3.22
C ASN A 47 -9.85 3.14 4.16
N LEU A 48 -8.62 3.59 4.42
CA LEU A 48 -7.71 2.86 5.30
C LEU A 48 -7.42 3.68 6.56
N THR A 49 -6.61 3.10 7.45
CA THR A 49 -6.25 3.77 8.69
C THR A 49 -4.97 4.58 8.52
N GLU A 50 -4.82 5.62 9.33
CA GLU A 50 -3.64 6.48 9.28
C GLU A 50 -2.37 5.71 9.60
N ARG A 51 -2.48 4.72 10.49
CA ARG A 51 -1.35 3.90 10.90
C ARG A 51 -1.07 2.79 9.90
N GLN A 52 -2.10 2.36 9.17
CA GLN A 52 -1.97 1.29 8.20
C GLN A 52 -1.15 1.73 6.99
N VAL A 53 -1.39 2.95 6.52
CA VAL A 53 -0.67 3.46 5.36
C VAL A 53 0.83 3.60 5.62
N LYS A 54 1.19 4.10 6.79
CA LYS A 54 2.59 4.28 7.16
C LYS A 54 3.28 2.93 7.38
N ILE A 55 2.68 2.09 8.21
CA ILE A 55 3.24 0.77 8.49
C ILE A 55 3.36 -0.05 7.20
N TRP A 56 2.51 0.25 6.23
CA TRP A 56 2.53 -0.44 4.95
C TRP A 56 3.86 -0.19 4.22
N PHE A 57 4.22 1.08 4.10
CA PHE A 57 5.47 1.45 3.43
C PHE A 57 6.67 0.94 4.21
N GLN A 58 6.59 1.02 5.54
CA GLN A 58 7.68 0.56 6.40
C GLN A 58 8.04 -0.89 6.10
N ASN A 59 7.08 -1.79 6.27
CA ASN A 59 7.30 -3.21 6.01
C ASN A 59 7.67 -3.44 4.56
N ARG A 60 6.94 -2.78 3.66
CA ARG A 60 7.18 -2.91 2.22
C ARG A 60 8.62 -2.51 1.88
N ARG A 61 9.24 -1.74 2.76
CA ARG A 61 10.62 -1.29 2.56
C ARG A 61 11.61 -2.35 3.02
N MET A 62 11.32 -2.99 4.16
CA MET A 62 12.19 -4.02 4.71
C MET A 62 12.45 -5.14 3.71
N LYS A 63 11.39 -5.62 3.06
CA LYS A 63 11.52 -6.70 2.09
C LYS A 63 12.53 -6.33 1.00
N MET A 64 12.59 -5.04 0.68
CA MET A 64 13.52 -4.55 -0.34
C MET A 64 14.93 -4.41 0.24
N LYS A 65 15.01 -4.28 1.56
CA LYS A 65 16.28 -4.14 2.25
C LYS A 65 16.91 -5.51 2.50
N LYS A 66 16.26 -6.57 2.02
CA LYS A 66 16.77 -7.92 2.20
C LYS A 66 17.32 -8.48 0.89
N MET A 67 17.65 -7.58 -0.04
CA MET A 67 18.19 -7.99 -1.33
C MET A 67 18.91 -6.82 -2.00
N ASN A 68 18.16 -5.78 -2.31
CA ASN A 68 18.72 -4.59 -2.96
C ASN A 68 18.63 -3.37 -2.05
N ALA A 1 3.16 6.62 -22.99
CA ALA A 1 1.84 7.23 -23.31
C ALA A 1 1.76 7.61 -24.79
N ASN A 2 0.82 7.02 -25.50
CA ASN A 2 0.63 7.30 -26.93
C ASN A 2 -0.35 8.45 -27.14
N TRP A 3 -1.45 8.42 -26.38
CA TRP A 3 -2.47 9.45 -26.49
C TRP A 3 -2.70 10.13 -25.14
N ILE A 4 -1.66 10.14 -24.31
CA ILE A 4 -1.74 10.76 -22.98
C ILE A 4 -2.77 10.06 -22.10
N HIS A 5 -3.30 8.94 -22.59
CA HIS A 5 -4.29 8.18 -21.86
C HIS A 5 -3.85 6.73 -21.68
N ALA A 6 -2.78 6.36 -22.37
CA ALA A 6 -2.26 5.00 -22.30
C ALA A 6 -1.59 4.74 -20.95
N ARG A 7 -2.31 4.03 -20.08
CA ARG A 7 -1.80 3.71 -18.75
C ARG A 7 -1.90 2.21 -18.49
N SER A 8 -0.76 1.53 -18.45
CA SER A 8 -0.72 0.10 -18.21
C SER A 8 0.49 -0.29 -17.37
N THR A 9 0.54 -1.54 -16.93
CA THR A 9 1.63 -2.05 -16.12
C THR A 9 2.26 -3.29 -16.74
N ARG A 10 3.19 -3.90 -16.02
CA ARG A 10 3.86 -5.10 -16.50
C ARG A 10 3.68 -6.26 -15.52
N LYS A 11 3.61 -7.47 -16.06
CA LYS A 11 3.43 -8.67 -15.25
C LYS A 11 2.11 -8.64 -14.49
N LYS A 12 1.76 -9.77 -13.87
CA LYS A 12 0.52 -9.88 -13.11
C LYS A 12 -0.68 -9.54 -13.99
N ARG A 13 -1.84 -9.37 -13.36
CA ARG A 13 -3.06 -9.06 -14.09
C ARG A 13 -3.81 -7.91 -13.41
N CYS A 14 -3.06 -7.03 -12.77
CA CYS A 14 -3.64 -5.89 -12.09
C CYS A 14 -4.74 -6.32 -11.11
N PRO A 15 -4.36 -7.03 -10.02
CA PRO A 15 -5.31 -7.50 -9.02
C PRO A 15 -5.62 -6.45 -7.98
N TYR A 16 -5.40 -5.20 -8.34
CA TYR A 16 -5.66 -4.08 -7.46
C TYR A 16 -6.82 -3.24 -7.97
N THR A 17 -7.25 -2.28 -7.16
CA THR A 17 -8.37 -1.41 -7.52
C THR A 17 -7.86 -0.07 -8.02
N LYS A 18 -8.72 0.66 -8.73
CA LYS A 18 -8.35 1.97 -9.28
C LYS A 18 -8.01 2.97 -8.17
N TYR A 19 -8.56 2.75 -6.98
CA TYR A 19 -8.32 3.64 -5.86
C TYR A 19 -6.93 3.42 -5.27
N GLN A 20 -6.66 2.18 -4.87
CA GLN A 20 -5.38 1.81 -4.28
C GLN A 20 -4.19 2.30 -5.12
N THR A 21 -4.24 2.04 -6.43
CA THR A 21 -3.16 2.44 -7.32
C THR A 21 -3.14 3.95 -7.57
N LEU A 22 -4.29 4.60 -7.40
CA LEU A 22 -4.40 6.03 -7.64
C LEU A 22 -3.67 6.83 -6.56
N GLU A 23 -3.82 6.42 -5.30
CA GLU A 23 -3.19 7.10 -4.18
C GLU A 23 -1.72 6.70 -4.00
N LEU A 24 -1.45 5.40 -4.14
CA LEU A 24 -0.08 4.90 -3.98
C LEU A 24 0.85 5.41 -5.07
N GLU A 25 0.33 5.62 -6.27
CA GLU A 25 1.15 6.09 -7.38
C GLU A 25 1.56 7.55 -7.18
N LYS A 26 0.76 8.29 -6.42
CA LYS A 26 1.03 9.70 -6.15
C LYS A 26 2.22 9.85 -5.22
N GLU A 27 2.28 9.02 -4.18
CA GLU A 27 3.38 9.08 -3.22
C GLU A 27 4.58 8.27 -3.70
N PHE A 28 4.32 7.26 -4.52
CA PHE A 28 5.36 6.40 -5.06
C PHE A 28 6.45 7.23 -5.74
N LEU A 29 6.08 8.45 -6.15
CA LEU A 29 7.01 9.34 -6.83
C LEU A 29 8.21 9.68 -5.96
N PHE A 30 7.93 10.27 -4.81
CA PHE A 30 8.97 10.66 -3.87
C PHE A 30 9.02 9.71 -2.67
N ASN A 31 7.86 9.54 -2.03
CA ASN A 31 7.72 8.68 -0.86
C ASN A 31 8.92 8.76 0.08
N MET A 32 9.62 9.89 0.08
CA MET A 32 10.79 10.07 0.93
C MET A 32 10.38 10.64 2.28
N TYR A 33 9.16 11.15 2.35
CA TYR A 33 8.64 11.74 3.58
C TYR A 33 7.20 12.18 3.38
N LEU A 34 6.38 12.05 4.43
CA LEU A 34 4.98 12.45 4.36
C LEU A 34 4.51 13.05 5.68
N THR A 35 3.43 13.81 5.62
CA THR A 35 2.88 14.45 6.82
C THR A 35 1.61 13.73 7.28
N ARG A 36 1.27 13.90 8.56
CA ARG A 36 0.08 13.27 9.12
C ARG A 36 -1.16 13.72 8.37
N ASP A 37 -1.18 14.99 7.98
CA ASP A 37 -2.32 15.55 7.27
C ASP A 37 -2.60 14.79 5.98
N ARG A 38 -1.54 14.32 5.33
CA ARG A 38 -1.67 13.58 4.08
C ARG A 38 -2.07 12.13 4.35
N ARG A 39 -1.44 11.52 5.34
CA ARG A 39 -1.74 10.13 5.70
C ARG A 39 -3.21 9.98 6.05
N TYR A 40 -3.80 11.06 6.55
CA TYR A 40 -5.20 11.06 6.94
C TYR A 40 -6.12 11.06 5.72
N GLU A 41 -5.95 12.05 4.85
CA GLU A 41 -6.78 12.17 3.65
C GLU A 41 -6.65 10.94 2.76
N VAL A 42 -5.42 10.47 2.57
CA VAL A 42 -5.18 9.29 1.74
C VAL A 42 -5.76 8.03 2.37
N ALA A 43 -5.92 8.06 3.70
CA ALA A 43 -6.46 6.92 4.42
C ALA A 43 -7.98 6.91 4.35
N ARG A 44 -8.57 8.09 4.17
CA ARG A 44 -10.02 8.23 4.10
C ARG A 44 -10.53 7.77 2.74
N VAL A 45 -9.72 7.95 1.71
CA VAL A 45 -10.10 7.57 0.35
C VAL A 45 -9.74 6.11 0.07
N LEU A 46 -8.65 5.64 0.65
CA LEU A 46 -8.20 4.27 0.45
C LEU A 46 -8.86 3.34 1.46
N ASN A 47 -9.67 3.90 2.35
CA ASN A 47 -10.36 3.13 3.38
C ASN A 47 -9.36 2.39 4.26
N LEU A 48 -8.20 3.02 4.46
CA LEU A 48 -7.15 2.43 5.30
C LEU A 48 -6.91 3.30 6.52
N THR A 49 -5.97 2.88 7.36
CA THR A 49 -5.63 3.62 8.57
C THR A 49 -4.35 4.40 8.36
N GLU A 50 -4.23 5.54 9.06
CA GLU A 50 -3.05 6.39 8.94
C GLU A 50 -1.78 5.58 9.17
N ARG A 51 -1.77 4.78 10.22
CA ARG A 51 -0.61 3.93 10.54
C ARG A 51 -0.37 2.89 9.45
N GLN A 52 -1.45 2.31 8.93
CA GLN A 52 -1.35 1.30 7.89
C GLN A 52 -0.54 1.81 6.70
N VAL A 53 -0.69 3.10 6.40
CA VAL A 53 0.03 3.70 5.28
C VAL A 53 1.55 3.57 5.45
N LYS A 54 2.05 4.07 6.58
CA LYS A 54 3.48 4.01 6.87
C LYS A 54 3.98 2.57 6.96
N ILE A 55 3.32 1.77 7.80
CA ILE A 55 3.69 0.38 7.99
C ILE A 55 3.71 -0.38 6.66
N TRP A 56 2.81 -0.02 5.76
CA TRP A 56 2.73 -0.67 4.45
C TRP A 56 4.06 -0.58 3.72
N PHE A 57 4.54 0.64 3.52
CA PHE A 57 5.81 0.87 2.83
C PHE A 57 6.98 0.37 3.68
N GLN A 58 6.79 0.38 4.99
CA GLN A 58 7.84 -0.07 5.92
C GLN A 58 8.24 -1.50 5.62
N ASN A 59 7.27 -2.41 5.65
CA ASN A 59 7.54 -3.82 5.39
C ASN A 59 8.19 -4.01 4.02
N ARG A 60 7.66 -3.30 3.03
CA ARG A 60 8.18 -3.38 1.66
C ARG A 60 9.68 -3.13 1.64
N ARG A 61 10.16 -2.30 2.56
CA ARG A 61 11.58 -1.97 2.62
C ARG A 61 12.37 -3.04 3.39
N MET A 62 11.74 -3.65 4.39
CA MET A 62 12.38 -4.68 5.20
C MET A 62 12.92 -5.81 4.33
N LYS A 63 12.11 -6.29 3.39
CA LYS A 63 12.53 -7.39 2.52
C LYS A 63 13.81 -7.01 1.75
N MET A 64 13.92 -5.74 1.39
CA MET A 64 15.10 -5.26 0.67
C MET A 64 16.27 -5.12 1.62
N LYS A 65 15.97 -4.99 2.91
CA LYS A 65 16.99 -4.85 3.94
C LYS A 65 17.42 -6.21 4.48
N LYS A 66 16.83 -7.27 3.92
CA LYS A 66 17.14 -8.62 4.34
C LYS A 66 17.76 -9.42 3.20
N MET A 67 17.71 -8.87 2.00
CA MET A 67 18.27 -9.52 0.82
C MET A 67 19.47 -8.75 0.28
N ASN A 68 19.30 -7.44 0.10
CA ASN A 68 20.37 -6.59 -0.41
C ASN A 68 20.93 -5.71 0.69
N ALA A 1 -2.18 -22.37 -21.00
CA ALA A 1 -0.99 -21.94 -20.22
C ALA A 1 -1.08 -22.42 -18.78
N ASN A 2 0.05 -22.87 -18.24
CA ASN A 2 0.11 -23.36 -16.86
C ASN A 2 -0.84 -24.53 -16.66
N TRP A 3 -1.10 -25.27 -17.73
CA TRP A 3 -2.00 -26.42 -17.67
C TRP A 3 -1.66 -27.44 -18.74
N ILE A 4 -1.13 -26.96 -19.87
CA ILE A 4 -0.76 -27.83 -20.97
C ILE A 4 0.62 -28.45 -20.76
N HIS A 5 1.56 -27.63 -20.32
CA HIS A 5 2.92 -28.10 -20.08
C HIS A 5 3.65 -27.18 -19.09
N ALA A 6 3.21 -25.93 -19.04
CA ALA A 6 3.82 -24.95 -18.15
C ALA A 6 3.40 -25.20 -16.70
N ARG A 7 4.11 -24.58 -15.77
CA ARG A 7 3.82 -24.73 -14.35
C ARG A 7 3.78 -23.37 -13.65
N SER A 8 3.07 -23.31 -12.54
CA SER A 8 2.95 -22.07 -11.77
C SER A 8 3.80 -22.11 -10.52
N THR A 9 4.13 -20.94 -9.98
CA THR A 9 4.94 -20.86 -8.78
C THR A 9 4.63 -19.58 -7.99
N ARG A 10 3.81 -18.73 -8.58
CA ARG A 10 3.44 -17.47 -7.94
C ARG A 10 1.93 -17.39 -7.71
N LYS A 11 1.55 -16.95 -6.52
CA LYS A 11 0.14 -16.83 -6.17
C LYS A 11 -0.26 -15.37 -6.04
N LYS A 12 -1.41 -15.02 -6.62
CA LYS A 12 -1.92 -13.66 -6.58
C LYS A 12 -0.90 -12.67 -7.15
N ARG A 13 -1.06 -12.34 -8.44
CA ARG A 13 -0.16 -11.41 -9.09
C ARG A 13 -0.41 -9.98 -8.61
N CYS A 14 -1.65 -9.53 -8.77
CA CYS A 14 -2.05 -8.19 -8.35
C CYS A 14 -3.55 -8.11 -8.14
N PRO A 15 -4.05 -8.56 -6.97
CA PRO A 15 -5.47 -8.55 -6.64
C PRO A 15 -5.93 -7.19 -6.12
N TYR A 16 -5.21 -6.15 -6.51
CA TYR A 16 -5.52 -4.80 -6.11
C TYR A 16 -6.43 -4.12 -7.12
N THR A 17 -6.99 -2.99 -6.72
CA THR A 17 -7.89 -2.24 -7.60
C THR A 17 -7.17 -1.04 -8.21
N LYS A 18 -7.90 -0.23 -8.98
CA LYS A 18 -7.33 0.95 -9.62
C LYS A 18 -7.26 2.13 -8.66
N TYR A 19 -8.20 2.18 -7.72
CA TYR A 19 -8.24 3.26 -6.75
C TYR A 19 -7.10 3.15 -5.74
N GLN A 20 -6.86 1.93 -5.27
CA GLN A 20 -5.79 1.67 -4.30
C GLN A 20 -4.44 2.09 -4.87
N THR A 21 -4.07 1.51 -6.01
CA THR A 21 -2.80 1.81 -6.65
C THR A 21 -2.71 3.29 -7.05
N LEU A 22 -3.87 3.92 -7.23
CA LEU A 22 -3.91 5.33 -7.61
C LEU A 22 -3.26 6.22 -6.55
N GLU A 23 -3.56 5.94 -5.29
CA GLU A 23 -3.01 6.72 -4.18
C GLU A 23 -1.56 6.32 -3.89
N LEU A 24 -1.29 5.02 -3.94
CA LEU A 24 0.04 4.50 -3.67
C LEU A 24 1.06 5.04 -4.67
N GLU A 25 0.62 5.27 -5.91
CA GLU A 25 1.50 5.77 -6.95
C GLU A 25 1.72 7.28 -6.80
N LYS A 26 0.72 7.98 -6.25
CA LYS A 26 0.82 9.41 -6.06
C LYS A 26 2.03 9.76 -5.21
N GLU A 27 2.25 8.98 -4.15
CA GLU A 27 3.38 9.21 -3.26
C GLU A 27 4.64 8.56 -3.83
N PHE A 28 4.45 7.45 -4.53
CA PHE A 28 5.56 6.72 -5.15
C PHE A 28 6.42 7.66 -5.99
N LEU A 29 5.84 8.77 -6.41
CA LEU A 29 6.54 9.74 -7.25
C LEU A 29 7.71 10.37 -6.51
N PHE A 30 7.41 11.01 -5.41
CA PHE A 30 8.42 11.69 -4.60
C PHE A 30 8.76 10.89 -3.35
N ASN A 31 7.72 10.57 -2.57
CA ASN A 31 7.88 9.81 -1.31
C ASN A 31 9.16 10.19 -0.57
N MET A 32 9.58 11.45 -0.68
CA MET A 32 10.79 11.91 -0.02
C MET A 32 10.51 12.27 1.44
N TYR A 33 9.25 12.53 1.74
CA TYR A 33 8.86 12.89 3.10
C TYR A 33 7.34 12.92 3.22
N LEU A 34 6.80 12.05 4.07
CA LEU A 34 5.36 11.99 4.29
C LEU A 34 4.97 12.64 5.61
N THR A 35 3.80 13.26 5.63
CA THR A 35 3.32 13.94 6.83
C THR A 35 1.99 13.35 7.29
N ARG A 36 1.66 13.59 8.56
CA ARG A 36 0.42 13.08 9.14
C ARG A 36 -0.79 13.58 8.35
N ASP A 37 -0.70 14.82 7.89
CA ASP A 37 -1.78 15.43 7.12
C ASP A 37 -2.04 14.67 5.83
N ARG A 38 -0.98 14.10 5.27
CA ARG A 38 -1.10 13.34 4.02
C ARG A 38 -1.61 11.92 4.31
N ARG A 39 -1.03 11.28 5.31
CA ARG A 39 -1.42 9.92 5.68
C ARG A 39 -2.91 9.86 6.00
N TYR A 40 -3.45 10.98 6.49
CA TYR A 40 -4.86 11.06 6.85
C TYR A 40 -5.75 11.11 5.62
N GLU A 41 -5.54 12.11 4.76
CA GLU A 41 -6.35 12.27 3.55
C GLU A 41 -6.29 11.03 2.68
N VAL A 42 -5.10 10.46 2.52
CA VAL A 42 -4.93 9.27 1.70
C VAL A 42 -5.54 8.04 2.37
N ALA A 43 -5.72 8.11 3.69
CA ALA A 43 -6.31 7.01 4.44
C ALA A 43 -7.83 7.04 4.35
N ARG A 44 -8.38 8.24 4.18
CA ARG A 44 -9.82 8.42 4.08
C ARG A 44 -10.33 7.95 2.72
N VAL A 45 -9.48 8.08 1.71
CA VAL A 45 -9.84 7.68 0.36
C VAL A 45 -9.54 6.19 0.10
N LEU A 46 -8.50 5.70 0.76
CA LEU A 46 -8.08 4.31 0.60
C LEU A 46 -8.78 3.41 1.62
N ASN A 47 -9.62 4.01 2.45
CA ASN A 47 -10.35 3.26 3.48
C ASN A 47 -9.39 2.57 4.42
N LEU A 48 -8.23 3.18 4.60
CA LEU A 48 -7.21 2.64 5.49
C LEU A 48 -6.98 3.56 6.68
N THR A 49 -6.06 3.17 7.56
CA THR A 49 -5.74 3.96 8.74
C THR A 49 -4.40 4.67 8.56
N GLU A 50 -4.27 5.86 9.16
CA GLU A 50 -3.05 6.64 9.06
C GLU A 50 -1.82 5.78 9.35
N ARG A 51 -1.97 4.84 10.28
CA ARG A 51 -0.87 3.95 10.64
C ARG A 51 -0.68 2.86 9.59
N GLN A 52 -1.77 2.18 9.26
CA GLN A 52 -1.74 1.10 8.28
C GLN A 52 -1.05 1.52 7.00
N VAL A 53 -1.11 2.81 6.68
CA VAL A 53 -0.47 3.33 5.46
C VAL A 53 1.06 3.33 5.59
N LYS A 54 1.56 4.08 6.56
CA LYS A 54 3.01 4.18 6.78
C LYS A 54 3.61 2.81 7.08
N ILE A 55 3.01 2.10 8.03
CA ILE A 55 3.49 0.77 8.42
C ILE A 55 3.64 -0.12 7.20
N TRP A 56 2.71 -0.01 6.26
CA TRP A 56 2.74 -0.81 5.04
C TRP A 56 4.03 -0.56 4.25
N PHE A 57 4.37 0.71 4.07
CA PHE A 57 5.57 1.09 3.34
C PHE A 57 6.83 0.67 4.10
N GLN A 58 6.74 0.67 5.43
CA GLN A 58 7.87 0.29 6.26
C GLN A 58 8.26 -1.18 6.06
N ASN A 59 7.34 -2.09 6.39
CA ASN A 59 7.58 -3.52 6.28
C ASN A 59 8.00 -3.91 4.86
N ARG A 60 7.20 -3.51 3.87
CA ARG A 60 7.50 -3.83 2.48
C ARG A 60 8.89 -3.37 2.09
N ARG A 61 9.39 -2.35 2.77
CA ARG A 61 10.72 -1.83 2.50
C ARG A 61 11.81 -2.66 3.17
N MET A 62 11.52 -3.16 4.38
CA MET A 62 12.48 -3.96 5.13
C MET A 62 12.95 -5.19 4.34
N LYS A 63 12.01 -5.87 3.68
CA LYS A 63 12.36 -7.06 2.91
C LYS A 63 13.40 -6.73 1.84
N MET A 64 13.33 -5.52 1.30
CA MET A 64 14.27 -5.09 0.27
C MET A 64 15.57 -4.57 0.91
N LYS A 65 15.49 -4.27 2.19
CA LYS A 65 16.65 -3.76 2.92
C LYS A 65 17.33 -4.87 3.73
N LYS A 66 16.83 -6.10 3.56
CA LYS A 66 17.39 -7.25 4.27
C LYS A 66 18.76 -7.61 3.72
N MET A 67 18.94 -7.41 2.41
CA MET A 67 20.21 -7.71 1.76
C MET A 67 21.03 -6.44 1.56
N ASN A 68 22.31 -6.63 1.22
CA ASN A 68 23.21 -5.51 0.99
C ASN A 68 23.10 -4.99 -0.43
N ALA A 1 -11.06 4.46 -23.48
CA ALA A 1 -11.60 4.72 -24.83
C ALA A 1 -13.04 4.23 -24.96
N ASN A 2 -13.50 3.52 -23.94
CA ASN A 2 -14.87 2.99 -23.93
C ASN A 2 -15.70 3.63 -22.82
N TRP A 3 -15.09 4.56 -22.09
CA TRP A 3 -15.76 5.24 -20.99
C TRP A 3 -16.14 4.27 -19.89
N ILE A 4 -15.49 3.11 -19.88
CA ILE A 4 -15.76 2.08 -18.88
C ILE A 4 -14.50 1.76 -18.07
N HIS A 5 -13.36 1.75 -18.75
CA HIS A 5 -12.09 1.44 -18.10
C HIS A 5 -11.07 2.55 -18.36
N ALA A 6 -11.52 3.66 -18.94
CA ALA A 6 -10.66 4.78 -19.25
C ALA A 6 -9.53 4.37 -20.19
N ARG A 7 -8.58 5.27 -20.39
CA ARG A 7 -7.44 5.00 -21.28
C ARG A 7 -6.33 4.27 -20.53
N SER A 8 -6.38 4.33 -19.20
CA SER A 8 -5.37 3.67 -18.38
C SER A 8 -5.87 2.33 -17.86
N THR A 9 -5.39 1.25 -18.47
CA THR A 9 -5.79 -0.10 -18.08
C THR A 9 -4.65 -1.09 -18.29
N ARG A 10 -4.11 -1.60 -17.20
CA ARG A 10 -3.01 -2.56 -17.26
C ARG A 10 -3.45 -3.92 -16.73
N LYS A 11 -2.49 -4.84 -16.61
CA LYS A 11 -2.79 -6.19 -16.13
C LYS A 11 -3.29 -6.17 -14.68
N LYS A 12 -3.07 -5.05 -13.99
CA LYS A 12 -3.50 -4.91 -12.61
C LYS A 12 -5.02 -5.01 -12.49
N ARG A 13 -5.48 -6.02 -11.76
CA ARG A 13 -6.92 -6.23 -11.56
C ARG A 13 -7.17 -7.35 -10.56
N CYS A 14 -6.31 -8.36 -10.58
CA CYS A 14 -6.43 -9.51 -9.68
C CYS A 14 -6.21 -9.10 -8.23
N PRO A 15 -5.11 -8.37 -7.93
CA PRO A 15 -4.80 -7.94 -6.57
C PRO A 15 -5.40 -6.57 -6.25
N TYR A 16 -4.56 -5.57 -6.31
CA TYR A 16 -4.95 -4.20 -6.04
C TYR A 16 -5.71 -3.61 -7.22
N THR A 17 -6.54 -2.61 -6.93
CA THR A 17 -7.32 -1.95 -7.97
C THR A 17 -6.65 -0.67 -8.44
N LYS A 18 -7.16 -0.10 -9.53
CA LYS A 18 -6.61 1.13 -10.08
C LYS A 18 -6.66 2.27 -9.06
N TYR A 19 -7.58 2.15 -8.10
CA TYR A 19 -7.74 3.15 -7.06
C TYR A 19 -6.62 3.07 -6.04
N GLN A 20 -6.39 1.88 -5.51
CA GLN A 20 -5.35 1.65 -4.52
C GLN A 20 -4.00 2.16 -5.03
N THR A 21 -3.65 1.78 -6.25
CA THR A 21 -2.37 2.19 -6.85
C THR A 21 -2.36 3.69 -7.15
N LEU A 22 -3.55 4.25 -7.37
CA LEU A 22 -3.69 5.67 -7.67
C LEU A 22 -3.18 6.53 -6.51
N GLU A 23 -3.48 6.11 -5.29
CA GLU A 23 -3.08 6.83 -4.09
C GLU A 23 -1.61 6.62 -3.76
N LEU A 24 -1.18 5.36 -3.79
CA LEU A 24 0.20 5.02 -3.47
C LEU A 24 1.18 5.64 -4.48
N GLU A 25 0.74 5.77 -5.72
CA GLU A 25 1.60 6.35 -6.76
C GLU A 25 1.74 7.85 -6.59
N LYS A 26 0.65 8.50 -6.19
CA LYS A 26 0.65 9.95 -6.00
C LYS A 26 1.75 10.38 -5.03
N GLU A 27 1.92 9.61 -3.96
CA GLU A 27 2.95 9.91 -2.96
C GLU A 27 4.30 9.34 -3.38
N PHE A 28 4.26 8.22 -4.11
CA PHE A 28 5.46 7.57 -4.59
C PHE A 28 6.32 8.52 -5.41
N LEU A 29 5.70 9.57 -5.91
CA LEU A 29 6.39 10.55 -6.76
C LEU A 29 7.46 11.29 -5.98
N PHE A 30 7.04 11.91 -4.90
CA PHE A 30 7.95 12.68 -4.05
C PHE A 30 8.67 11.77 -3.07
N ASN A 31 7.89 11.12 -2.22
CA ASN A 31 8.43 10.22 -1.18
C ASN A 31 9.54 10.87 -0.36
N MET A 32 9.80 12.14 -0.60
CA MET A 32 10.83 12.86 0.11
C MET A 32 10.27 13.48 1.37
N TYR A 33 8.95 13.40 1.51
CA TYR A 33 8.27 13.97 2.67
C TYR A 33 6.78 13.66 2.63
N LEU A 34 6.18 13.53 3.81
CA LEU A 34 4.76 13.25 3.93
C LEU A 34 4.16 14.08 5.07
N THR A 35 2.89 14.45 4.91
CA THR A 35 2.22 15.27 5.91
C THR A 35 1.03 14.54 6.52
N ARG A 36 0.61 14.99 7.69
CA ARG A 36 -0.54 14.39 8.38
C ARG A 36 -1.80 14.54 7.54
N ASP A 37 -1.92 15.69 6.88
CA ASP A 37 -3.07 15.96 6.03
C ASP A 37 -3.15 14.96 4.88
N ARG A 38 -1.99 14.39 4.54
CA ARG A 38 -1.91 13.41 3.46
C ARG A 38 -2.28 12.02 3.96
N ARG A 39 -1.58 11.55 4.99
CA ARG A 39 -1.84 10.23 5.56
C ARG A 39 -3.31 10.08 5.91
N TYR A 40 -3.95 11.17 6.28
CA TYR A 40 -5.36 11.16 6.66
C TYR A 40 -6.27 10.97 5.45
N GLU A 41 -6.15 11.87 4.46
CA GLU A 41 -6.97 11.81 3.27
C GLU A 41 -6.80 10.48 2.53
N VAL A 42 -5.56 10.03 2.42
CA VAL A 42 -5.25 8.77 1.73
C VAL A 42 -5.75 7.57 2.53
N ALA A 43 -5.92 7.76 3.83
CA ALA A 43 -6.38 6.68 4.70
C ALA A 43 -7.90 6.53 4.64
N ARG A 44 -8.57 7.61 4.28
CA ARG A 44 -10.02 7.62 4.18
C ARG A 44 -10.47 7.05 2.84
N VAL A 45 -9.65 7.24 1.82
CA VAL A 45 -9.97 6.75 0.48
C VAL A 45 -9.48 5.32 0.28
N LEU A 46 -8.39 4.97 0.96
CA LEU A 46 -7.82 3.63 0.86
C LEU A 46 -8.37 2.72 1.97
N ASN A 47 -9.24 3.29 2.81
CA ASN A 47 -9.83 2.53 3.91
C ASN A 47 -8.76 1.99 4.84
N LEU A 48 -7.69 2.75 5.01
CA LEU A 48 -6.59 2.34 5.87
C LEU A 48 -6.42 3.32 7.04
N THR A 49 -5.44 3.03 7.89
CA THR A 49 -5.17 3.89 9.05
C THR A 49 -3.98 4.81 8.76
N GLU A 50 -3.94 5.95 9.42
CA GLU A 50 -2.86 6.91 9.25
C GLU A 50 -1.49 6.24 9.44
N ARG A 51 -1.44 5.28 10.36
CA ARG A 51 -0.21 4.55 10.64
C ARG A 51 0.05 3.48 9.60
N GLN A 52 -1.01 2.77 9.19
CA GLN A 52 -0.88 1.71 8.20
C GLN A 52 -0.12 2.18 6.96
N VAL A 53 -0.37 3.43 6.57
CA VAL A 53 0.30 4.00 5.40
C VAL A 53 1.82 3.85 5.50
N LYS A 54 2.40 4.44 6.54
CA LYS A 54 3.85 4.38 6.75
C LYS A 54 4.30 2.94 6.98
N ILE A 55 3.50 2.17 7.70
CA ILE A 55 3.81 0.78 7.99
C ILE A 55 3.87 -0.06 6.71
N TRP A 56 3.07 0.33 5.72
CA TRP A 56 3.03 -0.38 4.45
C TRP A 56 4.37 -0.27 3.72
N PHE A 57 4.79 0.97 3.45
CA PHE A 57 6.05 1.20 2.76
C PHE A 57 7.22 0.61 3.54
N GLN A 58 7.13 0.65 4.86
CA GLN A 58 8.18 0.11 5.72
C GLN A 58 8.37 -1.37 5.46
N ASN A 59 7.26 -2.10 5.43
CA ASN A 59 7.28 -3.54 5.20
C ASN A 59 7.92 -3.86 3.84
N ARG A 60 7.55 -3.08 2.83
CA ARG A 60 8.08 -3.27 1.49
C ARG A 60 9.61 -3.18 1.49
N ARG A 61 10.15 -2.46 2.48
CA ARG A 61 11.60 -2.31 2.60
C ARG A 61 12.22 -3.49 3.34
N MET A 62 11.50 -4.03 4.31
CA MET A 62 11.98 -5.15 5.10
C MET A 62 12.40 -6.33 4.23
N LYS A 63 11.56 -6.69 3.26
CA LYS A 63 11.84 -7.80 2.36
C LYS A 63 13.21 -7.62 1.70
N MET A 64 13.60 -6.37 1.50
CA MET A 64 14.88 -6.06 0.88
C MET A 64 16.00 -6.05 1.90
N LYS A 65 15.63 -5.85 3.17
CA LYS A 65 16.62 -5.83 4.25
C LYS A 65 16.81 -7.22 4.84
N LYS A 66 16.28 -8.23 4.13
CA LYS A 66 16.40 -9.62 4.57
C LYS A 66 17.79 -10.16 4.28
N MET A 67 18.63 -9.30 3.69
CA MET A 67 20.00 -9.70 3.36
C MET A 67 20.78 -10.13 4.59
N ASN A 68 20.84 -9.25 5.58
CA ASN A 68 21.55 -9.54 6.82
C ASN A 68 20.70 -10.42 7.74
N ALA A 1 6.65 -19.35 12.00
CA ALA A 1 5.40 -19.60 11.25
C ALA A 1 5.46 -20.93 10.51
N ASN A 2 4.79 -21.94 11.06
CA ASN A 2 4.76 -23.27 10.47
C ASN A 2 3.49 -24.02 10.85
N TRP A 3 3.34 -24.27 12.15
CA TRP A 3 2.15 -24.97 12.64
C TRP A 3 1.31 -24.07 13.53
N ILE A 4 1.96 -23.07 14.13
CA ILE A 4 1.27 -22.13 15.01
C ILE A 4 0.27 -21.29 14.23
N HIS A 5 0.71 -20.73 13.12
CA HIS A 5 -0.15 -19.91 12.27
C HIS A 5 -0.68 -20.71 11.09
N ALA A 6 0.24 -21.28 10.32
CA ALA A 6 -0.12 -22.08 9.14
C ALA A 6 -0.87 -21.24 8.11
N ARG A 7 -0.20 -20.94 7.01
CA ARG A 7 -0.79 -20.15 5.93
C ARG A 7 -1.60 -21.04 4.98
N SER A 8 -2.54 -20.43 4.28
CA SER A 8 -3.38 -21.16 3.32
C SER A 8 -3.72 -20.28 2.13
N THR A 9 -3.06 -19.13 2.04
CA THR A 9 -3.29 -18.20 0.95
C THR A 9 -1.97 -17.81 0.28
N ARG A 10 -2.01 -17.64 -1.05
CA ARG A 10 -0.83 -17.27 -1.80
C ARG A 10 -0.37 -15.86 -1.47
N LYS A 11 0.81 -15.50 -1.92
CA LYS A 11 1.37 -14.16 -1.67
C LYS A 11 0.98 -13.21 -2.80
N LYS A 12 0.92 -13.74 -4.02
CA LYS A 12 0.56 -12.94 -5.19
C LYS A 12 1.53 -11.79 -5.39
N ARG A 13 1.18 -10.88 -6.29
CA ARG A 13 2.01 -9.72 -6.59
C ARG A 13 1.29 -8.42 -6.23
N CYS A 14 0.41 -7.97 -7.11
CA CYS A 14 -0.34 -6.75 -6.88
C CYS A 14 -1.72 -6.81 -7.54
N PRO A 15 -2.65 -7.61 -6.97
CA PRO A 15 -4.00 -7.77 -7.51
C PRO A 15 -4.99 -6.79 -6.91
N TYR A 16 -4.48 -5.65 -6.48
CA TYR A 16 -5.29 -4.62 -5.88
C TYR A 16 -6.18 -3.96 -6.93
N THR A 17 -6.98 -2.98 -6.50
CA THR A 17 -7.87 -2.27 -7.40
C THR A 17 -7.14 -1.09 -8.05
N LYS A 18 -7.88 -0.28 -8.80
CA LYS A 18 -7.31 0.88 -9.46
C LYS A 18 -7.13 2.06 -8.51
N TYR A 19 -8.04 2.20 -7.55
CA TYR A 19 -7.98 3.30 -6.59
C TYR A 19 -6.86 3.08 -5.57
N GLN A 20 -6.75 1.85 -5.06
CA GLN A 20 -5.73 1.52 -4.07
C GLN A 20 -4.34 1.87 -4.58
N THR A 21 -3.98 1.33 -5.75
CA THR A 21 -2.67 1.59 -6.34
C THR A 21 -2.53 3.06 -6.76
N LEU A 22 -3.65 3.73 -6.95
CA LEU A 22 -3.66 5.13 -7.36
C LEU A 22 -3.01 6.02 -6.30
N GLU A 23 -3.34 5.77 -5.03
CA GLU A 23 -2.79 6.56 -3.93
C GLU A 23 -1.36 6.13 -3.59
N LEU A 24 -1.14 4.82 -3.57
CA LEU A 24 0.18 4.28 -3.26
C LEU A 24 1.24 4.75 -4.26
N GLU A 25 0.89 4.75 -5.54
CA GLU A 25 1.80 5.17 -6.60
C GLU A 25 2.15 6.65 -6.46
N LYS A 26 1.20 7.44 -5.98
CA LYS A 26 1.41 8.88 -5.81
C LYS A 26 2.62 9.15 -4.92
N GLU A 27 2.64 8.54 -3.74
CA GLU A 27 3.73 8.73 -2.80
C GLU A 27 4.92 7.83 -3.16
N PHE A 28 4.63 6.76 -3.89
CA PHE A 28 5.66 5.81 -4.32
C PHE A 28 6.79 6.51 -5.08
N LEU A 29 6.49 7.69 -5.60
CA LEU A 29 7.46 8.45 -6.38
C LEU A 29 8.61 8.94 -5.51
N PHE A 30 8.26 9.67 -4.47
CA PHE A 30 9.23 10.23 -3.56
C PHE A 30 9.67 9.20 -2.52
N ASN A 31 8.71 8.72 -1.74
CA ASN A 31 8.97 7.74 -0.67
C ASN A 31 10.16 8.12 0.20
N MET A 32 10.67 9.33 0.03
CA MET A 32 11.81 9.79 0.80
C MET A 32 11.34 10.42 2.10
N TYR A 33 10.03 10.54 2.24
CA TYR A 33 9.43 11.13 3.44
C TYR A 33 7.91 11.17 3.32
N LEU A 34 7.24 11.17 4.47
CA LEU A 34 5.79 11.22 4.50
C LEU A 34 5.31 12.05 5.69
N THR A 35 4.16 12.71 5.53
CA THR A 35 3.61 13.54 6.58
C THR A 35 2.30 12.97 7.11
N ARG A 36 1.94 13.36 8.34
CA ARG A 36 0.71 12.89 8.96
C ARG A 36 -0.50 13.35 8.16
N ASP A 37 -0.42 14.57 7.64
CA ASP A 37 -1.50 15.14 6.86
C ASP A 37 -1.76 14.31 5.60
N ARG A 38 -0.75 13.59 5.15
CA ARG A 38 -0.87 12.76 3.96
C ARG A 38 -1.54 11.42 4.31
N ARG A 39 -0.95 10.71 5.28
CA ARG A 39 -1.49 9.42 5.71
C ARG A 39 -2.99 9.53 6.02
N TYR A 40 -3.39 10.70 6.52
CA TYR A 40 -4.78 10.94 6.88
C TYR A 40 -5.69 11.05 5.64
N GLU A 41 -5.38 12.01 4.78
CA GLU A 41 -6.17 12.25 3.58
C GLU A 41 -6.24 10.99 2.69
N VAL A 42 -5.10 10.33 2.54
CA VAL A 42 -5.02 9.13 1.70
C VAL A 42 -5.76 7.97 2.34
N ALA A 43 -5.95 8.02 3.65
CA ALA A 43 -6.65 6.96 4.37
C ALA A 43 -8.16 7.11 4.24
N ARG A 44 -8.60 8.35 4.05
CA ARG A 44 -10.00 8.65 3.90
C ARG A 44 -10.51 8.26 2.52
N VAL A 45 -9.65 8.34 1.53
CA VAL A 45 -10.01 8.01 0.16
C VAL A 45 -9.78 6.52 -0.12
N LEU A 46 -8.79 5.94 0.54
CA LEU A 46 -8.46 4.54 0.34
C LEU A 46 -9.14 3.66 1.39
N ASN A 47 -9.95 4.28 2.24
CA ASN A 47 -10.68 3.57 3.28
C ASN A 47 -9.74 2.77 4.17
N LEU A 48 -8.56 3.33 4.43
CA LEU A 48 -7.58 2.66 5.29
C LEU A 48 -7.35 3.45 6.57
N THR A 49 -6.48 2.94 7.43
CA THR A 49 -6.17 3.59 8.69
C THR A 49 -4.89 4.42 8.57
N GLU A 50 -4.79 5.47 9.37
CA GLU A 50 -3.63 6.35 9.36
C GLU A 50 -2.33 5.55 9.54
N ARG A 51 -2.37 4.55 10.40
CA ARG A 51 -1.20 3.72 10.67
C ARG A 51 -0.91 2.78 9.50
N GLN A 52 -1.97 2.18 8.95
CA GLN A 52 -1.83 1.25 7.85
C GLN A 52 -1.08 1.88 6.67
N VAL A 53 -1.10 3.21 6.59
CA VAL A 53 -0.41 3.92 5.50
C VAL A 53 1.10 3.85 5.66
N LYS A 54 1.61 4.41 6.76
CA LYS A 54 3.04 4.41 7.03
C LYS A 54 3.61 3.00 7.15
N ILE A 55 2.89 2.14 7.85
CA ILE A 55 3.33 0.76 8.04
C ILE A 55 3.46 0.03 6.71
N TRP A 56 2.53 0.28 5.79
CA TRP A 56 2.56 -0.37 4.48
C TRP A 56 3.88 -0.10 3.76
N PHE A 57 4.21 1.16 3.58
CA PHE A 57 5.45 1.55 2.91
C PHE A 57 6.67 1.04 3.68
N GLN A 58 6.52 0.96 5.00
CA GLN A 58 7.60 0.49 5.86
C GLN A 58 8.05 -0.90 5.45
N ASN A 59 7.10 -1.81 5.30
CA ASN A 59 7.39 -3.18 4.91
C ASN A 59 8.14 -3.23 3.58
N ARG A 60 7.67 -2.44 2.62
CA ARG A 60 8.29 -2.39 1.30
C ARG A 60 9.78 -2.03 1.40
N ARG A 61 10.14 -1.33 2.46
CA ARG A 61 11.53 -0.92 2.67
C ARG A 61 12.33 -2.06 3.30
N MET A 62 11.66 -2.86 4.14
CA MET A 62 12.31 -3.97 4.81
C MET A 62 12.77 -5.05 3.83
N LYS A 63 11.95 -5.34 2.83
CA LYS A 63 12.30 -6.35 1.83
C LYS A 63 13.58 -5.98 1.09
N MET A 64 13.81 -4.68 0.95
CA MET A 64 15.00 -4.19 0.26
C MET A 64 16.17 -4.08 1.23
N LYS A 65 15.87 -4.19 2.52
CA LYS A 65 16.88 -4.11 3.56
C LYS A 65 17.16 -5.49 4.16
N LYS A 66 16.54 -6.52 3.57
CA LYS A 66 16.74 -7.89 4.04
C LYS A 66 17.61 -8.68 3.08
N MET A 67 17.53 -8.33 1.80
CA MET A 67 18.32 -8.99 0.76
C MET A 67 19.81 -8.91 1.09
N ASN A 68 20.53 -10.00 0.83
CA ASN A 68 21.95 -10.05 1.10
C ASN A 68 22.76 -9.75 -0.17
N ALA A 1 -3.53 -19.16 6.42
CA ALA A 1 -3.45 -19.95 5.17
C ALA A 1 -3.92 -21.38 5.40
N ASN A 2 -3.77 -22.22 4.37
CA ASN A 2 -4.19 -23.61 4.45
C ASN A 2 -3.05 -24.49 4.95
N TRP A 3 -2.06 -23.87 5.58
CA TRP A 3 -0.89 -24.57 6.11
C TRP A 3 -0.12 -25.25 4.98
N ILE A 4 0.97 -24.61 4.55
CA ILE A 4 1.81 -25.15 3.48
C ILE A 4 1.01 -25.34 2.21
N HIS A 5 0.47 -24.24 1.67
CA HIS A 5 -0.32 -24.29 0.44
C HIS A 5 -0.51 -22.88 -0.13
N ALA A 6 -1.12 -22.01 0.67
CA ALA A 6 -1.38 -20.63 0.26
C ALA A 6 -2.33 -20.59 -0.94
N ARG A 7 -3.56 -20.14 -0.69
CA ARG A 7 -4.56 -20.05 -1.75
C ARG A 7 -5.33 -18.74 -1.67
N SER A 8 -6.14 -18.59 -0.62
CA SER A 8 -6.94 -17.39 -0.43
C SER A 8 -6.06 -16.15 -0.29
N THR A 9 -4.85 -16.35 0.25
CA THR A 9 -3.93 -15.24 0.45
C THR A 9 -2.55 -15.58 -0.10
N ARG A 10 -1.68 -14.57 -0.17
CA ARG A 10 -0.31 -14.74 -0.67
C ARG A 10 -0.32 -15.15 -2.14
N LYS A 11 0.86 -15.11 -2.76
CA LYS A 11 1.01 -15.48 -4.16
C LYS A 11 0.18 -14.56 -5.06
N LYS A 12 0.01 -13.32 -4.61
CA LYS A 12 -0.76 -12.33 -5.36
C LYS A 12 0.04 -11.81 -6.55
N ARG A 13 -0.66 -11.55 -7.66
CA ARG A 13 -0.02 -11.04 -8.87
C ARG A 13 -0.37 -9.57 -9.09
N CYS A 14 -1.60 -9.33 -9.52
CA CYS A 14 -2.06 -7.96 -9.78
C CYS A 14 -3.54 -7.81 -9.41
N PRO A 15 -3.90 -8.05 -8.13
CA PRO A 15 -5.28 -7.93 -7.66
C PRO A 15 -5.60 -6.55 -7.12
N TYR A 16 -4.91 -5.55 -7.65
CA TYR A 16 -5.09 -4.18 -7.23
C TYR A 16 -6.10 -3.47 -8.11
N THR A 17 -6.79 -2.48 -7.55
CA THR A 17 -7.78 -1.71 -8.30
C THR A 17 -7.20 -0.37 -8.75
N LYS A 18 -7.85 0.25 -9.72
CA LYS A 18 -7.38 1.53 -10.26
C LYS A 18 -7.33 2.61 -9.18
N TYR A 19 -8.24 2.54 -8.22
CA TYR A 19 -8.31 3.52 -7.14
C TYR A 19 -7.16 3.33 -6.14
N GLN A 20 -7.01 2.11 -5.65
CA GLN A 20 -5.98 1.79 -4.67
C GLN A 20 -4.58 2.13 -5.20
N THR A 21 -4.37 1.91 -6.50
CA THR A 21 -3.08 2.20 -7.12
C THR A 21 -2.94 3.69 -7.42
N LEU A 22 -4.07 4.37 -7.58
CA LEU A 22 -4.09 5.79 -7.87
C LEU A 22 -3.42 6.59 -6.74
N GLU A 23 -3.66 6.16 -5.51
CA GLU A 23 -3.09 6.84 -4.35
C GLU A 23 -1.65 6.40 -4.09
N LEU A 24 -1.42 5.09 -4.12
CA LEU A 24 -0.09 4.52 -3.89
C LEU A 24 0.91 5.03 -4.92
N GLU A 25 0.44 5.32 -6.13
CA GLU A 25 1.32 5.81 -7.18
C GLU A 25 1.69 7.27 -6.95
N LYS A 26 0.76 8.03 -6.38
CA LYS A 26 0.99 9.44 -6.09
C LYS A 26 2.22 9.60 -5.19
N GLU A 27 2.34 8.72 -4.22
CA GLU A 27 3.47 8.75 -3.29
C GLU A 27 4.66 7.98 -3.85
N PHE A 28 4.35 6.97 -4.66
CA PHE A 28 5.38 6.13 -5.28
C PHE A 28 6.43 6.98 -6.00
N LEU A 29 6.05 8.20 -6.36
CA LEU A 29 6.94 9.11 -7.06
C LEU A 29 8.14 9.49 -6.21
N PHE A 30 7.84 10.08 -5.06
CA PHE A 30 8.88 10.51 -4.13
C PHE A 30 8.97 9.57 -2.93
N ASN A 31 7.84 9.40 -2.26
CA ASN A 31 7.74 8.54 -1.06
C ASN A 31 8.99 8.63 -0.17
N MET A 32 9.67 9.77 -0.19
CA MET A 32 10.85 9.96 0.61
C MET A 32 10.48 10.33 2.05
N TYR A 33 9.27 10.82 2.21
CA TYR A 33 8.77 11.23 3.53
C TYR A 33 7.27 11.48 3.48
N LEU A 34 6.59 11.24 4.59
CA LEU A 34 5.14 11.43 4.65
C LEU A 34 4.73 12.01 6.01
N THR A 35 3.68 12.82 6.02
CA THR A 35 3.19 13.44 7.24
C THR A 35 1.76 13.01 7.55
N ARG A 36 1.30 13.30 8.76
CA ARG A 36 -0.06 12.95 9.17
C ARG A 36 -1.10 13.52 8.21
N ASP A 37 -0.78 14.66 7.60
CA ASP A 37 -1.69 15.30 6.66
C ASP A 37 -2.02 14.36 5.50
N ARG A 38 -0.99 13.79 4.91
CA ARG A 38 -1.16 12.87 3.78
C ARG A 38 -1.71 11.53 4.26
N ARG A 39 -1.06 10.97 5.28
CA ARG A 39 -1.47 9.68 5.84
C ARG A 39 -2.97 9.64 6.10
N TYR A 40 -3.52 10.76 6.55
CA TYR A 40 -4.94 10.86 6.87
C TYR A 40 -5.80 10.86 5.61
N GLU A 41 -5.58 11.83 4.72
CA GLU A 41 -6.36 11.95 3.50
C GLU A 41 -6.30 10.67 2.66
N VAL A 42 -5.11 10.08 2.54
CA VAL A 42 -4.94 8.87 1.76
C VAL A 42 -5.56 7.67 2.46
N ALA A 43 -5.74 7.78 3.77
CA ALA A 43 -6.32 6.70 4.56
C ALA A 43 -7.84 6.71 4.46
N ARG A 44 -8.41 7.89 4.25
CA ARG A 44 -9.85 8.05 4.15
C ARG A 44 -10.34 7.65 2.75
N VAL A 45 -9.48 7.82 1.77
CA VAL A 45 -9.82 7.48 0.38
C VAL A 45 -9.51 6.02 0.08
N LEU A 46 -8.48 5.49 0.71
CA LEU A 46 -8.07 4.11 0.51
C LEU A 46 -8.72 3.18 1.55
N ASN A 47 -9.54 3.77 2.41
CA ASN A 47 -10.24 3.02 3.45
C ASN A 47 -9.25 2.28 4.37
N LEU A 48 -8.09 2.89 4.59
CA LEU A 48 -7.08 2.29 5.45
C LEU A 48 -6.86 3.14 6.70
N THR A 49 -5.96 2.67 7.57
CA THR A 49 -5.67 3.39 8.80
C THR A 49 -4.47 4.32 8.62
N GLU A 50 -4.46 5.42 9.35
CA GLU A 50 -3.38 6.41 9.26
C GLU A 50 -2.02 5.75 9.49
N ARG A 51 -1.99 4.77 10.38
CA ARG A 51 -0.75 4.07 10.70
C ARG A 51 -0.43 3.00 9.66
N GLN A 52 -1.45 2.29 9.22
CA GLN A 52 -1.28 1.23 8.22
C GLN A 52 -0.62 1.76 6.95
N VAL A 53 -0.71 3.06 6.73
CA VAL A 53 -0.12 3.69 5.55
C VAL A 53 1.40 3.73 5.65
N LYS A 54 1.90 4.41 6.69
CA LYS A 54 3.35 4.53 6.89
C LYS A 54 3.98 3.15 7.09
N ILE A 55 3.28 2.27 7.79
CA ILE A 55 3.77 0.92 8.04
C ILE A 55 3.83 0.11 6.75
N TRP A 56 2.95 0.42 5.81
CA TRP A 56 2.89 -0.28 4.54
C TRP A 56 4.19 -0.09 3.76
N PHE A 57 4.65 1.16 3.69
CA PHE A 57 5.88 1.48 2.97
C PHE A 57 7.09 0.96 3.73
N GLN A 58 7.07 1.10 5.04
CA GLN A 58 8.17 0.64 5.88
C GLN A 58 8.43 -0.85 5.69
N ASN A 59 7.40 -1.66 5.86
CA ASN A 59 7.51 -3.11 5.69
C ASN A 59 8.11 -3.46 4.34
N ARG A 60 7.58 -2.84 3.28
CA ARG A 60 8.05 -3.09 1.93
C ARG A 60 9.56 -2.84 1.80
N ARG A 61 10.09 -1.98 2.67
CA ARG A 61 11.52 -1.66 2.66
C ARG A 61 12.33 -2.69 3.44
N MET A 62 11.85 -3.05 4.63
CA MET A 62 12.53 -4.01 5.49
C MET A 62 12.88 -5.30 4.75
N LYS A 63 11.95 -5.79 3.95
CA LYS A 63 12.17 -7.02 3.19
C LYS A 63 13.39 -6.90 2.28
N MET A 64 13.58 -5.71 1.71
CA MET A 64 14.71 -5.48 0.82
C MET A 64 15.95 -5.09 1.61
N LYS A 65 15.76 -4.75 2.88
CA LYS A 65 16.87 -4.36 3.75
C LYS A 65 17.41 -5.56 4.52
N LYS A 66 16.64 -6.64 4.54
CA LYS A 66 17.02 -7.86 5.24
C LYS A 66 18.12 -8.60 4.47
N MET A 67 18.09 -8.45 3.15
CA MET A 67 19.08 -9.10 2.29
C MET A 67 20.18 -8.13 1.90
N ASN A 68 21.26 -8.65 1.34
CA ASN A 68 22.40 -7.84 0.92
C ASN A 68 22.95 -7.00 2.07
N ALA A 1 -5.61 -15.09 -1.26
CA ALA A 1 -4.51 -14.13 -0.92
C ALA A 1 -5.02 -12.70 -0.96
N ASN A 2 -6.33 -12.53 -1.15
CA ASN A 2 -6.92 -11.20 -1.20
C ASN A 2 -8.27 -11.19 -0.49
N TRP A 3 -9.23 -11.93 -1.02
CA TRP A 3 -10.56 -11.99 -0.43
C TRP A 3 -11.25 -13.31 -0.78
N ILE A 4 -11.14 -14.28 0.10
CA ILE A 4 -11.76 -15.60 -0.09
C ILE A 4 -11.29 -16.23 -1.41
N HIS A 5 -10.19 -15.72 -1.95
CA HIS A 5 -9.64 -16.24 -3.20
C HIS A 5 -8.69 -17.40 -2.94
N ALA A 6 -7.91 -17.29 -1.86
CA ALA A 6 -6.96 -18.33 -1.49
C ALA A 6 -5.90 -18.55 -2.57
N ARG A 7 -4.67 -18.10 -2.28
CA ARG A 7 -3.57 -18.23 -3.23
C ARG A 7 -3.87 -17.55 -4.55
N SER A 8 -3.29 -16.37 -4.75
CA SER A 8 -3.50 -15.61 -5.97
C SER A 8 -2.68 -16.20 -7.11
N THR A 9 -2.92 -15.70 -8.33
CA THR A 9 -2.20 -16.19 -9.50
C THR A 9 -0.75 -15.72 -9.48
N ARG A 10 0.10 -16.38 -10.28
CA ARG A 10 1.51 -16.03 -10.35
C ARG A 10 1.76 -14.97 -11.41
N LYS A 11 0.70 -14.29 -11.83
CA LYS A 11 0.80 -13.23 -12.83
C LYS A 11 0.47 -11.88 -12.22
N LYS A 12 -0.79 -11.70 -11.84
CA LYS A 12 -1.26 -10.45 -11.25
C LYS A 12 -0.97 -9.26 -12.17
N ARG A 13 -1.97 -8.89 -12.96
CA ARG A 13 -1.84 -7.76 -13.88
C ARG A 13 -2.27 -6.47 -13.20
N CYS A 14 -3.58 -6.33 -12.99
CA CYS A 14 -4.13 -5.13 -12.35
C CYS A 14 -5.40 -5.48 -11.58
N PRO A 15 -5.28 -6.25 -10.48
CA PRO A 15 -6.43 -6.64 -9.66
C PRO A 15 -6.80 -5.58 -8.63
N TYR A 16 -6.35 -4.37 -8.88
CA TYR A 16 -6.62 -3.26 -7.99
C TYR A 16 -7.60 -2.28 -8.63
N THR A 17 -8.25 -1.47 -7.80
CA THR A 17 -9.20 -0.49 -8.29
C THR A 17 -8.49 0.74 -8.82
N LYS A 18 -9.21 1.57 -9.57
CA LYS A 18 -8.64 2.79 -10.10
C LYS A 18 -8.36 3.77 -8.96
N TYR A 19 -8.99 3.52 -7.82
CA TYR A 19 -8.82 4.35 -6.64
C TYR A 19 -7.56 3.97 -5.87
N GLN A 20 -7.32 2.66 -5.77
CA GLN A 20 -6.14 2.15 -5.06
C GLN A 20 -4.85 2.56 -5.75
N THR A 21 -4.87 2.58 -7.08
CA THR A 21 -3.69 2.96 -7.86
C THR A 21 -3.57 4.47 -7.98
N LEU A 22 -4.68 5.18 -7.83
CA LEU A 22 -4.70 6.63 -7.92
C LEU A 22 -3.91 7.27 -6.78
N GLU A 23 -4.07 6.72 -5.58
CA GLU A 23 -3.38 7.25 -4.41
C GLU A 23 -1.96 6.69 -4.29
N LEU A 24 -1.84 5.37 -4.46
CA LEU A 24 -0.55 4.71 -4.35
C LEU A 24 0.46 5.22 -5.39
N GLU A 25 -0.04 5.69 -6.53
CA GLU A 25 0.84 6.20 -7.59
C GLU A 25 1.45 7.54 -7.20
N LYS A 26 0.68 8.35 -6.48
CA LYS A 26 1.14 9.66 -6.05
C LYS A 26 2.32 9.54 -5.09
N GLU A 27 2.25 8.54 -4.21
CA GLU A 27 3.32 8.31 -3.24
C GLU A 27 4.42 7.44 -3.84
N PHE A 28 4.04 6.60 -4.80
CA PHE A 28 4.99 5.69 -5.46
C PHE A 28 6.19 6.46 -5.99
N LEU A 29 6.00 7.76 -6.21
CA LEU A 29 7.06 8.61 -6.75
C LEU A 29 8.25 8.62 -5.80
N PHE A 30 8.02 9.14 -4.61
CA PHE A 30 9.06 9.23 -3.60
C PHE A 30 8.89 8.18 -2.51
N ASN A 31 7.70 8.16 -1.92
CA ASN A 31 7.36 7.23 -0.83
C ASN A 31 8.51 7.03 0.16
N MET A 32 9.43 8.00 0.22
CA MET A 32 10.56 7.92 1.13
C MET A 32 10.21 8.55 2.47
N TYR A 33 9.11 9.29 2.50
CA TYR A 33 8.67 9.96 3.72
C TYR A 33 7.30 10.61 3.51
N LEU A 34 6.51 10.68 4.57
CA LEU A 34 5.18 11.27 4.49
C LEU A 34 4.86 12.09 5.73
N THR A 35 3.73 12.78 5.68
CA THR A 35 3.29 13.61 6.80
C THR A 35 1.92 13.16 7.30
N ARG A 36 1.58 13.55 8.53
CA ARG A 36 0.31 13.18 9.13
C ARG A 36 -0.86 13.59 8.24
N ASP A 37 -0.72 14.75 7.59
CA ASP A 37 -1.76 15.26 6.71
C ASP A 37 -2.04 14.30 5.56
N ARG A 38 -0.99 13.87 4.87
CA ARG A 38 -1.13 12.95 3.75
C ARG A 38 -1.69 11.61 4.20
N ARG A 39 -1.03 11.00 5.18
CA ARG A 39 -1.46 9.70 5.72
C ARG A 39 -2.96 9.70 6.02
N TYR A 40 -3.47 10.84 6.49
CA TYR A 40 -4.89 10.95 6.83
C TYR A 40 -5.77 11.02 5.59
N GLU A 41 -5.54 12.02 4.74
CA GLU A 41 -6.34 12.21 3.53
C GLU A 41 -6.34 10.95 2.66
N VAL A 42 -5.17 10.33 2.51
CA VAL A 42 -5.05 9.13 1.69
C VAL A 42 -5.69 7.92 2.37
N ALA A 43 -5.82 7.98 3.69
CA ALA A 43 -6.40 6.89 4.45
C ALA A 43 -7.93 6.96 4.41
N ARG A 44 -8.46 8.16 4.28
CA ARG A 44 -9.90 8.36 4.24
C ARG A 44 -10.45 8.04 2.86
N VAL A 45 -9.61 8.20 1.83
CA VAL A 45 -10.02 7.93 0.47
C VAL A 45 -9.78 6.46 0.10
N LEU A 46 -8.72 5.88 0.65
CA LEU A 46 -8.38 4.49 0.38
C LEU A 46 -9.04 3.56 1.39
N ASN A 47 -9.83 4.15 2.30
CA ASN A 47 -10.52 3.37 3.33
C ASN A 47 -9.53 2.61 4.20
N LEU A 48 -8.34 3.19 4.37
CA LEU A 48 -7.29 2.59 5.18
C LEU A 48 -7.06 3.39 6.46
N THR A 49 -6.14 2.92 7.29
CA THR A 49 -5.82 3.60 8.54
C THR A 49 -4.53 4.39 8.41
N GLU A 50 -4.45 5.52 9.11
CA GLU A 50 -3.27 6.38 9.07
C GLU A 50 -2.00 5.58 9.32
N ARG A 51 -2.09 4.57 10.18
CA ARG A 51 -0.95 3.73 10.52
C ARG A 51 -0.72 2.66 9.45
N GLN A 52 -1.81 2.15 8.88
CA GLN A 52 -1.72 1.11 7.85
C GLN A 52 -0.98 1.60 6.62
N VAL A 53 -0.92 2.91 6.44
CA VAL A 53 -0.23 3.49 5.28
C VAL A 53 1.28 3.53 5.50
N LYS A 54 1.70 4.06 6.63
CA LYS A 54 3.12 4.17 6.96
C LYS A 54 3.76 2.79 7.17
N ILE A 55 2.97 1.85 7.66
CA ILE A 55 3.46 0.49 7.92
C ILE A 55 3.54 -0.33 6.64
N TRP A 56 2.63 -0.07 5.71
CA TRP A 56 2.60 -0.80 4.45
C TRP A 56 3.90 -0.58 3.67
N PHE A 57 4.22 0.67 3.38
CA PHE A 57 5.42 1.00 2.63
C PHE A 57 6.68 0.64 3.42
N GLN A 58 6.61 0.82 4.75
CA GLN A 58 7.74 0.50 5.62
C GLN A 58 8.15 -0.96 5.46
N ASN A 59 7.17 -1.85 5.53
CA ASN A 59 7.43 -3.29 5.39
C ASN A 59 8.18 -3.59 4.10
N ARG A 60 7.72 -3.00 3.00
CA ARG A 60 8.34 -3.20 1.70
C ARG A 60 9.82 -2.80 1.73
N ARG A 61 10.16 -1.88 2.62
CA ARG A 61 11.54 -1.41 2.75
C ARG A 61 12.36 -2.34 3.62
N MET A 62 11.77 -2.81 4.72
CA MET A 62 12.47 -3.71 5.64
C MET A 62 13.03 -4.93 4.91
N LYS A 63 12.22 -5.55 4.05
CA LYS A 63 12.65 -6.73 3.32
C LYS A 63 13.86 -6.41 2.44
N MET A 64 13.94 -5.16 1.99
CA MET A 64 15.06 -4.71 1.15
C MET A 64 16.25 -4.29 2.00
N LYS A 65 16.00 -4.07 3.29
CA LYS A 65 17.05 -3.65 4.20
C LYS A 65 17.85 -4.83 4.73
N LYS A 66 17.14 -5.89 5.12
CA LYS A 66 17.80 -7.09 5.64
C LYS A 66 18.53 -7.85 4.54
N MET A 67 18.15 -7.58 3.28
CA MET A 67 18.78 -8.24 2.14
C MET A 67 19.51 -7.24 1.26
N ASN A 68 20.83 -7.35 1.23
CA ASN A 68 21.65 -6.46 0.41
C ASN A 68 21.86 -7.03 -0.98
N ALA A 1 -6.42 -19.50 15.21
CA ALA A 1 -5.19 -20.31 14.98
C ALA A 1 -5.46 -21.40 13.94
N ASN A 2 -6.70 -21.51 13.50
CA ASN A 2 -7.09 -22.50 12.52
C ASN A 2 -8.41 -22.13 11.86
N TRP A 3 -9.49 -22.16 12.64
CA TRP A 3 -10.81 -21.83 12.13
C TRP A 3 -11.76 -21.49 13.28
N ILE A 4 -11.44 -21.97 14.47
CA ILE A 4 -12.27 -21.71 15.65
C ILE A 4 -12.44 -20.21 15.87
N HIS A 5 -11.42 -19.43 15.52
CA HIS A 5 -11.47 -17.99 15.66
C HIS A 5 -10.49 -17.30 14.72
N ALA A 6 -9.91 -18.08 13.81
CA ALA A 6 -8.95 -17.56 12.85
C ALA A 6 -9.59 -16.53 11.92
N ARG A 7 -8.95 -15.37 11.79
CA ARG A 7 -9.45 -14.29 10.94
C ARG A 7 -8.49 -14.01 9.80
N SER A 8 -9.01 -13.97 8.57
CA SER A 8 -8.19 -13.70 7.40
C SER A 8 -9.07 -13.46 6.17
N THR A 9 -9.18 -12.20 5.77
CA THR A 9 -9.99 -11.83 4.61
C THR A 9 -9.15 -11.19 3.51
N ARG A 10 -8.86 -11.96 2.47
CA ARG A 10 -8.07 -11.48 1.34
C ARG A 10 -6.69 -11.02 1.78
N LYS A 11 -5.67 -11.80 1.43
CA LYS A 11 -4.30 -11.48 1.78
C LYS A 11 -3.51 -11.02 0.55
N LYS A 12 -3.81 -11.64 -0.59
CA LYS A 12 -3.13 -11.29 -1.83
C LYS A 12 -3.49 -9.88 -2.28
N ARG A 13 -2.48 -9.12 -2.71
CA ARG A 13 -2.68 -7.76 -3.16
C ARG A 13 -2.36 -7.62 -4.65
N CYS A 14 -2.70 -8.65 -5.42
CA CYS A 14 -2.46 -8.66 -6.86
C CYS A 14 -3.67 -8.15 -7.65
N PRO A 15 -4.91 -8.52 -7.25
CA PRO A 15 -6.12 -8.09 -7.95
C PRO A 15 -6.61 -6.74 -7.48
N TYR A 16 -5.68 -5.91 -7.04
CA TYR A 16 -5.99 -4.58 -6.56
C TYR A 16 -6.75 -3.79 -7.61
N THR A 17 -7.36 -2.69 -7.18
CA THR A 17 -8.13 -1.83 -8.08
C THR A 17 -7.31 -0.64 -8.53
N LYS A 18 -7.82 0.09 -9.53
CA LYS A 18 -7.13 1.25 -10.06
C LYS A 18 -6.96 2.33 -9.00
N TYR A 19 -7.87 2.34 -8.03
CA TYR A 19 -7.83 3.33 -6.94
C TYR A 19 -6.69 3.05 -5.98
N GLN A 20 -6.56 1.80 -5.57
CA GLN A 20 -5.50 1.39 -4.65
C GLN A 20 -4.12 1.80 -5.17
N THR A 21 -3.79 1.34 -6.37
CA THR A 21 -2.51 1.65 -6.99
C THR A 21 -2.36 3.14 -7.28
N LEU A 22 -3.49 3.83 -7.42
CA LEU A 22 -3.48 5.26 -7.71
C LEU A 22 -2.90 6.07 -6.55
N GLU A 23 -3.26 5.70 -5.33
CA GLU A 23 -2.78 6.40 -4.14
C GLU A 23 -1.39 5.90 -3.72
N LEU A 24 -1.21 4.59 -3.77
CA LEU A 24 0.07 3.98 -3.38
C LEU A 24 1.21 4.45 -4.28
N GLU A 25 0.91 4.67 -5.57
CA GLU A 25 1.94 5.11 -6.51
C GLU A 25 2.38 6.54 -6.23
N LYS A 26 1.45 7.36 -5.74
CA LYS A 26 1.74 8.75 -5.44
C LYS A 26 2.82 8.86 -4.36
N GLU A 27 2.70 8.02 -3.34
CA GLU A 27 3.66 8.01 -2.24
C GLU A 27 4.87 7.12 -2.57
N PHE A 28 4.63 6.13 -3.41
CA PHE A 28 5.69 5.20 -3.83
C PHE A 28 6.90 5.94 -4.37
N LEU A 29 6.69 7.18 -4.80
CA LEU A 29 7.75 7.99 -5.36
C LEU A 29 8.84 8.26 -4.35
N PHE A 30 8.45 8.83 -3.22
CA PHE A 30 9.38 9.16 -2.16
C PHE A 30 9.24 8.18 -0.99
N ASN A 31 8.01 8.08 -0.48
CA ASN A 31 7.68 7.21 0.66
C ASN A 31 8.81 7.10 1.68
N MET A 32 9.64 8.14 1.78
CA MET A 32 10.74 8.13 2.72
C MET A 32 10.37 8.90 3.99
N TYR A 33 9.23 9.58 3.93
CA TYR A 33 8.73 10.37 5.05
C TYR A 33 7.45 11.11 4.65
N LEU A 34 6.42 10.95 5.46
CA LEU A 34 5.13 11.61 5.19
C LEU A 34 4.65 12.38 6.41
N THR A 35 3.54 13.08 6.24
CA THR A 35 2.94 13.87 7.32
C THR A 35 1.54 13.39 7.62
N ARG A 36 0.98 13.87 8.73
CA ARG A 36 -0.36 13.48 9.14
C ARG A 36 -1.39 13.86 8.08
N ASP A 37 -1.15 15.00 7.43
CA ASP A 37 -2.04 15.49 6.39
C ASP A 37 -2.11 14.52 5.21
N ARG A 38 -0.96 13.94 4.86
CA ARG A 38 -0.89 12.98 3.75
C ARG A 38 -1.46 11.63 4.15
N ARG A 39 -0.91 11.04 5.20
CA ARG A 39 -1.34 9.74 5.68
C ARG A 39 -2.85 9.70 5.90
N TYR A 40 -3.42 10.85 6.24
CA TYR A 40 -4.86 10.94 6.49
C TYR A 40 -5.67 10.95 5.20
N GLU A 41 -5.39 11.93 4.33
CA GLU A 41 -6.11 12.05 3.06
C GLU A 41 -6.05 10.76 2.26
N VAL A 42 -4.89 10.12 2.26
CA VAL A 42 -4.70 8.88 1.51
C VAL A 42 -5.42 7.71 2.19
N ALA A 43 -5.58 7.81 3.51
CA ALA A 43 -6.24 6.77 4.28
C ALA A 43 -7.75 6.91 4.21
N ARG A 44 -8.21 8.13 3.98
CA ARG A 44 -9.64 8.42 3.90
C ARG A 44 -10.21 7.95 2.56
N VAL A 45 -9.37 7.99 1.53
CA VAL A 45 -9.79 7.60 0.19
C VAL A 45 -9.59 6.09 -0.02
N LEU A 46 -8.56 5.54 0.62
CA LEU A 46 -8.26 4.12 0.49
C LEU A 46 -8.99 3.32 1.57
N ASN A 47 -9.73 4.03 2.42
CA ASN A 47 -10.48 3.41 3.51
C ASN A 47 -9.56 2.64 4.44
N LEU A 48 -8.34 3.13 4.59
CA LEU A 48 -7.34 2.50 5.44
C LEU A 48 -7.02 3.39 6.64
N THR A 49 -6.13 2.92 7.50
CA THR A 49 -5.73 3.68 8.68
C THR A 49 -4.50 4.54 8.37
N GLU A 50 -4.34 5.62 9.13
CA GLU A 50 -3.22 6.53 8.94
C GLU A 50 -1.88 5.87 9.29
N ARG A 51 -1.89 5.04 10.32
CA ARG A 51 -0.68 4.35 10.77
C ARG A 51 -0.45 3.06 10.00
N GLN A 52 -1.53 2.38 9.62
CA GLN A 52 -1.42 1.12 8.90
C GLN A 52 -0.80 1.31 7.51
N VAL A 53 -1.02 2.48 6.91
CA VAL A 53 -0.48 2.75 5.58
C VAL A 53 1.02 3.04 5.63
N LYS A 54 1.46 3.82 6.61
CA LYS A 54 2.87 4.17 6.75
C LYS A 54 3.70 2.97 7.19
N ILE A 55 3.22 2.27 8.21
CA ILE A 55 3.92 1.10 8.74
C ILE A 55 4.04 0.01 7.68
N TRP A 56 3.07 -0.04 6.77
CA TRP A 56 3.07 -1.04 5.71
C TRP A 56 4.27 -0.86 4.79
N PHE A 57 4.45 0.37 4.29
CA PHE A 57 5.57 0.67 3.38
C PHE A 57 6.91 0.47 4.08
N GLN A 58 7.00 0.91 5.34
CA GLN A 58 8.23 0.78 6.11
C GLN A 58 8.72 -0.66 6.12
N ASN A 59 7.92 -1.56 6.67
CA ASN A 59 8.27 -2.97 6.74
C ASN A 59 8.52 -3.55 5.35
N ARG A 60 7.62 -3.25 4.43
CA ARG A 60 7.72 -3.73 3.05
C ARG A 60 9.06 -3.34 2.43
N ARG A 61 9.64 -2.26 2.93
CA ARG A 61 10.91 -1.77 2.41
C ARG A 61 12.09 -2.54 2.99
N MET A 62 12.09 -2.70 4.32
CA MET A 62 13.16 -3.42 5.01
C MET A 62 13.42 -4.78 4.38
N LYS A 63 12.36 -5.53 4.12
CA LYS A 63 12.49 -6.86 3.53
C LYS A 63 13.13 -6.79 2.15
N MET A 64 12.84 -5.72 1.42
CA MET A 64 13.39 -5.52 0.09
C MET A 64 14.82 -4.96 0.18
N LYS A 65 15.19 -4.51 1.37
CA LYS A 65 16.52 -3.96 1.60
C LYS A 65 17.52 -5.07 1.97
N LYS A 66 17.01 -6.11 2.63
CA LYS A 66 17.85 -7.23 3.05
C LYS A 66 17.48 -8.49 2.28
N MET A 67 16.77 -8.32 1.17
CA MET A 67 16.35 -9.44 0.33
C MET A 67 15.41 -10.38 1.08
N ASN A 68 15.98 -11.29 1.87
CA ASN A 68 15.19 -12.24 2.63
C ASN A 68 14.32 -11.52 3.66
N ALA A 1 -10.50 -18.27 -21.13
CA ALA A 1 -10.96 -18.78 -19.83
C ALA A 1 -10.30 -18.02 -18.68
N ASN A 2 -10.63 -18.42 -17.45
CA ASN A 2 -10.06 -17.78 -16.27
C ASN A 2 -10.41 -16.29 -16.21
N TRP A 3 -11.41 -15.89 -16.99
CA TRP A 3 -11.84 -14.50 -17.03
C TRP A 3 -13.37 -14.40 -17.05
N ILE A 4 -13.99 -15.01 -18.05
CA ILE A 4 -15.44 -14.97 -18.19
C ILE A 4 -16.04 -16.38 -18.09
N HIS A 5 -15.17 -17.39 -18.09
CA HIS A 5 -15.61 -18.78 -18.00
C HIS A 5 -15.29 -19.36 -16.64
N ALA A 6 -14.80 -18.52 -15.73
CA ALA A 6 -14.44 -18.96 -14.38
C ALA A 6 -15.68 -19.27 -13.57
N ARG A 7 -15.46 -19.79 -12.36
CA ARG A 7 -16.57 -20.14 -11.47
C ARG A 7 -16.76 -19.05 -10.41
N SER A 8 -17.36 -19.43 -9.28
CA SER A 8 -17.61 -18.49 -8.18
C SER A 8 -16.34 -17.70 -7.84
N THR A 9 -16.52 -16.41 -7.58
CA THR A 9 -15.38 -15.55 -7.23
C THR A 9 -14.68 -16.03 -5.98
N ARG A 10 -13.39 -16.31 -6.10
CA ARG A 10 -12.58 -16.78 -4.98
C ARG A 10 -11.68 -15.67 -4.45
N LYS A 11 -10.80 -16.03 -3.51
CA LYS A 11 -9.88 -15.06 -2.92
C LYS A 11 -8.58 -15.01 -3.72
N LYS A 12 -8.33 -13.87 -4.36
CA LYS A 12 -7.13 -13.67 -5.16
C LYS A 12 -6.00 -13.12 -4.31
N ARG A 13 -4.76 -13.34 -4.76
CA ARG A 13 -3.59 -12.86 -4.03
C ARG A 13 -3.58 -11.34 -3.98
N CYS A 14 -3.58 -10.70 -5.15
CA CYS A 14 -3.57 -9.24 -5.22
C CYS A 14 -4.67 -8.74 -6.16
N PRO A 15 -5.94 -8.76 -5.70
CA PRO A 15 -7.07 -8.31 -6.48
C PRO A 15 -7.37 -6.83 -6.29
N TYR A 16 -6.32 -6.08 -6.04
CA TYR A 16 -6.43 -4.64 -5.83
C TYR A 16 -7.13 -3.96 -6.99
N THR A 17 -7.71 -2.81 -6.70
CA THR A 17 -8.42 -2.03 -7.71
C THR A 17 -7.56 -0.89 -8.23
N LYS A 18 -8.09 -0.12 -9.18
CA LYS A 18 -7.36 0.99 -9.76
C LYS A 18 -7.23 2.14 -8.75
N TYR A 19 -8.25 2.30 -7.93
CA TYR A 19 -8.25 3.37 -6.92
C TYR A 19 -7.19 3.13 -5.86
N GLN A 20 -7.16 1.93 -5.30
CA GLN A 20 -6.20 1.57 -4.27
C GLN A 20 -4.76 1.71 -4.77
N THR A 21 -4.47 1.10 -5.91
CA THR A 21 -3.13 1.15 -6.49
C THR A 21 -2.75 2.58 -6.85
N LEU A 22 -3.75 3.43 -7.08
CA LEU A 22 -3.51 4.82 -7.44
C LEU A 22 -2.83 5.57 -6.29
N GLU A 23 -3.40 5.44 -5.09
CA GLU A 23 -2.86 6.12 -3.91
C GLU A 23 -1.47 5.60 -3.56
N LEU A 24 -1.30 4.28 -3.61
CA LEU A 24 -0.04 3.65 -3.29
C LEU A 24 1.05 4.00 -4.31
N GLU A 25 0.68 4.05 -5.59
CA GLU A 25 1.65 4.37 -6.64
C GLU A 25 2.06 5.84 -6.58
N LYS A 26 1.14 6.70 -6.12
CA LYS A 26 1.42 8.12 -6.01
C LYS A 26 2.61 8.38 -5.08
N GLU A 27 2.59 7.72 -3.92
CA GLU A 27 3.66 7.89 -2.95
C GLU A 27 4.84 6.97 -3.27
N PHE A 28 4.54 5.83 -3.90
CA PHE A 28 5.56 4.85 -4.26
C PHE A 28 6.74 5.51 -4.97
N LEU A 29 6.52 6.69 -5.53
CA LEU A 29 7.56 7.40 -6.27
C LEU A 29 8.69 7.80 -5.33
N PHE A 30 8.35 8.59 -4.33
CA PHE A 30 9.32 9.07 -3.35
C PHE A 30 9.16 8.33 -2.03
N ASN A 31 7.96 8.43 -1.47
CA ASN A 31 7.64 7.81 -0.18
C ASN A 31 8.80 7.82 0.81
N MET A 32 9.70 8.78 0.65
CA MET A 32 10.85 8.89 1.52
C MET A 32 10.69 10.05 2.50
N TYR A 33 9.60 10.77 2.34
CA TYR A 33 9.31 11.93 3.19
C TYR A 33 7.93 12.49 2.90
N LEU A 34 7.06 12.47 3.92
CA LEU A 34 5.70 12.98 3.77
C LEU A 34 5.23 13.66 5.05
N THR A 35 3.99 14.15 5.03
CA THR A 35 3.42 14.84 6.18
C THR A 35 2.23 14.05 6.75
N ARG A 36 1.85 14.37 7.98
CA ARG A 36 0.72 13.70 8.63
C ARG A 36 -0.55 13.89 7.82
N ASP A 37 -0.69 15.05 7.20
CA ASP A 37 -1.87 15.36 6.39
C ASP A 37 -1.98 14.38 5.24
N ARG A 38 -0.84 13.91 4.74
CA ARG A 38 -0.83 12.96 3.63
C ARG A 38 -1.38 11.61 4.06
N ARG A 39 -0.79 11.03 5.10
CA ARG A 39 -1.23 9.74 5.62
C ARG A 39 -2.73 9.74 5.91
N TYR A 40 -3.27 10.90 6.26
CA TYR A 40 -4.68 11.02 6.57
C TYR A 40 -5.54 11.02 5.31
N GLU A 41 -5.31 11.98 4.43
CA GLU A 41 -6.07 12.09 3.18
C GLU A 41 -6.03 10.79 2.39
N VAL A 42 -4.87 10.17 2.32
CA VAL A 42 -4.70 8.93 1.58
C VAL A 42 -5.40 7.77 2.30
N ALA A 43 -5.52 7.88 3.61
CA ALA A 43 -6.16 6.84 4.41
C ALA A 43 -7.67 6.98 4.39
N ARG A 44 -8.14 8.20 4.15
CA ARG A 44 -9.56 8.48 4.10
C ARG A 44 -10.17 7.95 2.81
N VAL A 45 -9.37 7.96 1.73
CA VAL A 45 -9.84 7.47 0.45
C VAL A 45 -9.59 5.97 0.29
N LEU A 46 -8.59 5.47 1.02
CA LEU A 46 -8.25 4.05 0.96
C LEU A 46 -8.98 3.28 2.07
N ASN A 47 -9.73 4.00 2.89
CA ASN A 47 -10.49 3.39 3.98
C ASN A 47 -9.56 2.67 4.96
N LEU A 48 -8.35 3.21 5.11
CA LEU A 48 -7.37 2.62 6.02
C LEU A 48 -7.01 3.59 7.14
N THR A 49 -6.11 3.16 8.03
CA THR A 49 -5.68 3.99 9.13
C THR A 49 -4.30 4.60 8.85
N GLU A 50 -4.07 5.81 9.35
CA GLU A 50 -2.79 6.48 9.14
C GLU A 50 -1.61 5.58 9.50
N ARG A 51 -1.77 4.84 10.59
CA ARG A 51 -0.73 3.92 11.04
C ARG A 51 -0.51 2.79 10.03
N GLN A 52 -1.60 2.12 9.67
CA GLN A 52 -1.53 1.02 8.74
C GLN A 52 -0.90 1.43 7.42
N VAL A 53 -0.98 2.72 7.09
CA VAL A 53 -0.41 3.24 5.86
C VAL A 53 1.12 3.29 5.92
N LYS A 54 1.64 4.07 6.87
CA LYS A 54 3.08 4.22 7.03
C LYS A 54 3.76 2.88 7.32
N ILE A 55 3.17 2.11 8.22
CA ILE A 55 3.73 0.81 8.59
C ILE A 55 3.80 -0.14 7.40
N TRP A 56 2.83 -0.02 6.48
CA TRP A 56 2.79 -0.87 5.30
C TRP A 56 4.03 -0.68 4.44
N PHE A 57 4.29 0.56 4.04
CA PHE A 57 5.45 0.87 3.21
C PHE A 57 6.76 0.54 3.92
N GLN A 58 6.85 0.90 5.19
CA GLN A 58 8.05 0.64 5.98
C GLN A 58 8.44 -0.83 5.94
N ASN A 59 7.50 -1.70 6.29
CA ASN A 59 7.75 -3.14 6.29
C ASN A 59 8.27 -3.61 4.94
N ARG A 60 7.63 -3.14 3.87
CA ARG A 60 8.02 -3.51 2.52
C ARG A 60 9.46 -3.12 2.23
N ARG A 61 9.97 -2.13 2.97
CA ARG A 61 11.34 -1.66 2.79
C ARG A 61 12.33 -2.54 3.54
N MET A 62 12.00 -2.85 4.80
CA MET A 62 12.86 -3.67 5.64
C MET A 62 13.26 -4.97 4.94
N LYS A 63 12.28 -5.66 4.36
CA LYS A 63 12.54 -6.91 3.67
C LYS A 63 13.57 -6.71 2.55
N MET A 64 13.52 -5.53 1.92
CA MET A 64 14.44 -5.22 0.85
C MET A 64 15.81 -4.83 1.40
N LYS A 65 15.81 -4.36 2.65
CA LYS A 65 17.05 -3.97 3.32
C LYS A 65 17.76 -5.18 3.91
N LYS A 66 17.17 -6.35 3.71
CA LYS A 66 17.75 -7.60 4.22
C LYS A 66 18.80 -8.16 3.26
N MET A 67 18.66 -7.82 1.98
CA MET A 67 19.58 -8.30 0.96
C MET A 67 20.20 -7.13 0.20
N ASN A 68 19.44 -6.05 0.06
CA ASN A 68 19.91 -4.87 -0.65
C ASN A 68 19.88 -3.64 0.27
N ALA A 1 -1.02 -12.19 -10.93
CA ALA A 1 -1.33 -11.95 -12.37
C ALA A 1 -1.66 -13.26 -13.08
N ASN A 2 -0.97 -14.33 -12.69
CA ASN A 2 -1.20 -15.64 -13.28
C ASN A 2 -0.79 -16.75 -12.31
N TRP A 3 0.41 -16.63 -11.75
CA TRP A 3 0.91 -17.61 -10.81
C TRP A 3 0.91 -17.05 -9.38
N ILE A 4 0.92 -15.73 -9.28
CA ILE A 4 0.92 -15.06 -7.98
C ILE A 4 -0.31 -15.45 -7.17
N HIS A 5 -1.47 -15.40 -7.81
CA HIS A 5 -2.73 -15.75 -7.15
C HIS A 5 -3.76 -16.24 -8.16
N ALA A 6 -3.41 -16.15 -9.45
CA ALA A 6 -4.30 -16.58 -10.53
C ALA A 6 -5.57 -15.74 -10.58
N ARG A 7 -6.53 -16.07 -9.72
CA ARG A 7 -7.79 -15.33 -9.68
C ARG A 7 -8.35 -15.30 -8.26
N SER A 8 -8.51 -14.10 -7.72
CA SER A 8 -9.04 -13.93 -6.37
C SER A 8 -10.11 -12.85 -6.34
N THR A 9 -11.16 -13.08 -5.55
CA THR A 9 -12.25 -12.13 -5.43
C THR A 9 -12.12 -11.32 -4.14
N ARG A 10 -11.27 -11.79 -3.25
CA ARG A 10 -11.05 -11.12 -1.97
C ARG A 10 -9.78 -10.27 -2.01
N LYS A 11 -9.73 -9.24 -1.17
CA LYS A 11 -8.58 -8.35 -1.10
C LYS A 11 -7.43 -9.01 -0.34
N LYS A 12 -6.20 -8.61 -0.68
CA LYS A 12 -5.02 -9.17 -0.04
C LYS A 12 -3.79 -8.34 -0.38
N ARG A 13 -4.00 -7.03 -0.56
CA ARG A 13 -2.90 -6.12 -0.89
C ARG A 13 -2.26 -6.50 -2.23
N CYS A 14 -3.02 -7.19 -3.06
CA CYS A 14 -2.53 -7.61 -4.37
C CYS A 14 -3.60 -7.42 -5.45
N PRO A 15 -4.85 -7.89 -5.23
CA PRO A 15 -5.93 -7.74 -6.21
C PRO A 15 -6.67 -6.43 -6.05
N TYR A 16 -5.96 -5.43 -5.57
CA TYR A 16 -6.51 -4.10 -5.35
C TYR A 16 -7.08 -3.53 -6.65
N THR A 17 -7.89 -2.49 -6.51
CA THR A 17 -8.51 -1.84 -7.65
C THR A 17 -7.64 -0.70 -8.17
N LYS A 18 -7.99 -0.17 -9.34
CA LYS A 18 -7.25 0.92 -9.94
C LYS A 18 -7.19 2.12 -9.00
N TYR A 19 -8.22 2.27 -8.18
CA TYR A 19 -8.30 3.36 -7.23
C TYR A 19 -7.25 3.21 -6.13
N GLN A 20 -7.19 2.02 -5.54
CA GLN A 20 -6.25 1.73 -4.48
C GLN A 20 -4.80 1.92 -4.95
N THR A 21 -4.44 1.28 -6.05
CA THR A 21 -3.09 1.38 -6.58
C THR A 21 -2.77 2.81 -7.01
N LEU A 22 -3.81 3.59 -7.30
CA LEU A 22 -3.63 4.97 -7.72
C LEU A 22 -2.96 5.80 -6.62
N GLU A 23 -3.46 5.68 -5.40
CA GLU A 23 -2.90 6.42 -4.27
C GLU A 23 -1.55 5.85 -3.86
N LEU A 24 -1.44 4.53 -3.88
CA LEU A 24 -0.20 3.85 -3.50
C LEU A 24 0.95 4.20 -4.45
N GLU A 25 0.62 4.37 -5.73
CA GLU A 25 1.62 4.70 -6.73
C GLU A 25 2.00 6.17 -6.67
N LYS A 26 1.06 7.00 -6.22
CA LYS A 26 1.29 8.43 -6.11
C LYS A 26 2.45 8.72 -5.16
N GLU A 27 2.49 8.00 -4.05
CA GLU A 27 3.55 8.18 -3.06
C GLU A 27 4.77 7.34 -3.43
N PHE A 28 4.51 6.17 -4.01
CA PHE A 28 5.57 5.26 -4.43
C PHE A 28 6.64 5.98 -5.22
N LEU A 29 6.27 7.11 -5.82
CA LEU A 29 7.20 7.89 -6.62
C LEU A 29 8.37 8.38 -5.79
N PHE A 30 8.06 9.18 -4.79
CA PHE A 30 9.07 9.75 -3.92
C PHE A 30 9.06 9.07 -2.55
N ASN A 31 7.89 9.06 -1.92
CA ASN A 31 7.70 8.46 -0.59
C ASN A 31 8.91 8.64 0.31
N MET A 32 9.65 9.72 0.14
CA MET A 32 10.83 9.98 0.94
C MET A 32 10.43 10.47 2.32
N TYR A 33 9.28 11.13 2.40
CA TYR A 33 8.77 11.67 3.65
C TYR A 33 7.40 12.31 3.46
N LEU A 34 6.55 12.18 4.45
CA LEU A 34 5.21 12.76 4.40
C LEU A 34 4.77 13.27 5.77
N THR A 35 3.57 13.83 5.83
CA THR A 35 3.04 14.36 7.07
C THR A 35 1.73 13.66 7.44
N ARG A 36 1.30 13.85 8.68
CA ARG A 36 0.06 13.24 9.16
C ARG A 36 -1.10 13.66 8.27
N ASP A 37 -1.07 14.91 7.82
CA ASP A 37 -2.12 15.44 6.96
C ASP A 37 -2.28 14.58 5.70
N ARG A 38 -1.16 14.04 5.22
CA ARG A 38 -1.15 13.21 4.02
C ARG A 38 -1.67 11.81 4.33
N ARG A 39 -1.08 11.16 5.33
CA ARG A 39 -1.49 9.82 5.72
C ARG A 39 -2.99 9.76 5.99
N TYR A 40 -3.55 10.88 6.44
CA TYR A 40 -4.97 10.96 6.75
C TYR A 40 -5.82 11.02 5.48
N GLU A 41 -5.56 12.01 4.63
CA GLU A 41 -6.31 12.18 3.40
C GLU A 41 -6.23 10.95 2.52
N VAL A 42 -5.02 10.41 2.35
CA VAL A 42 -4.82 9.23 1.52
C VAL A 42 -5.53 8.02 2.13
N ALA A 43 -5.71 8.05 3.44
CA ALA A 43 -6.38 6.96 4.15
C ALA A 43 -7.89 7.08 4.02
N ARG A 44 -8.36 8.31 3.83
CA ARG A 44 -9.79 8.58 3.69
C ARG A 44 -10.31 8.05 2.37
N VAL A 45 -9.48 8.13 1.34
CA VAL A 45 -9.85 7.67 0.01
C VAL A 45 -9.53 6.20 -0.19
N LEU A 46 -8.55 5.70 0.56
CA LEU A 46 -8.16 4.30 0.47
C LEU A 46 -8.85 3.45 1.53
N ASN A 47 -9.65 4.11 2.38
CA ASN A 47 -10.36 3.42 3.45
C ASN A 47 -9.41 2.67 4.37
N LEU A 48 -8.22 3.24 4.53
CA LEU A 48 -7.19 2.63 5.38
C LEU A 48 -6.95 3.49 6.63
N THR A 49 -6.05 3.04 7.49
CA THR A 49 -5.74 3.77 8.71
C THR A 49 -4.46 4.58 8.53
N GLU A 50 -4.37 5.69 9.27
CA GLU A 50 -3.21 6.56 9.20
C GLU A 50 -1.92 5.79 9.48
N ARG A 51 -2.01 4.81 10.38
CA ARG A 51 -0.86 3.99 10.73
C ARG A 51 -0.70 2.81 9.77
N GLN A 52 -1.82 2.29 9.30
CA GLN A 52 -1.80 1.15 8.37
C GLN A 52 -1.01 1.46 7.11
N VAL A 53 -1.14 2.69 6.62
CA VAL A 53 -0.44 3.11 5.41
C VAL A 53 1.07 3.19 5.61
N LYS A 54 1.47 3.78 6.74
CA LYS A 54 2.89 3.92 7.05
C LYS A 54 3.52 2.55 7.31
N ILE A 55 2.89 1.75 8.14
CA ILE A 55 3.38 0.42 8.46
C ILE A 55 3.54 -0.41 7.17
N TRP A 56 2.74 -0.08 6.17
CA TRP A 56 2.80 -0.78 4.90
C TRP A 56 4.15 -0.56 4.22
N PHE A 57 4.54 0.71 4.08
CA PHE A 57 5.82 1.05 3.46
C PHE A 57 6.98 0.48 4.26
N GLN A 58 6.86 0.54 5.59
CA GLN A 58 7.91 0.03 6.48
C GLN A 58 8.36 -1.38 6.07
N ASN A 59 7.40 -2.31 6.02
CA ASN A 59 7.69 -3.68 5.65
C ASN A 59 8.35 -3.75 4.27
N ARG A 60 7.79 -3.00 3.32
CA ARG A 60 8.31 -2.98 1.96
C ARG A 60 9.79 -2.59 1.94
N ARG A 61 10.23 -1.90 2.99
CA ARG A 61 11.63 -1.48 3.08
C ARG A 61 12.49 -2.60 3.64
N MET A 62 12.03 -3.21 4.73
CA MET A 62 12.76 -4.30 5.36
C MET A 62 13.16 -5.38 4.35
N LYS A 63 12.19 -5.81 3.56
CA LYS A 63 12.44 -6.86 2.56
C LYS A 63 13.55 -6.42 1.60
N MET A 64 13.65 -5.13 1.35
CA MET A 64 14.68 -4.60 0.47
C MET A 64 16.00 -4.46 1.21
N LYS A 65 15.92 -4.33 2.53
CA LYS A 65 17.11 -4.19 3.36
C LYS A 65 17.78 -5.55 3.57
N LYS A 66 17.09 -6.61 3.18
CA LYS A 66 17.61 -7.96 3.30
C LYS A 66 17.79 -8.61 1.94
N MET A 67 17.37 -7.88 0.90
CA MET A 67 17.47 -8.37 -0.48
C MET A 67 16.66 -9.65 -0.67
N ASN A 68 17.25 -10.78 -0.33
CA ASN A 68 16.58 -12.08 -0.45
C ASN A 68 15.79 -12.40 0.81
#